data_1PG8
#
_entry.id   1PG8
#
_cell.length_a   152.830
_cell.length_b   154.640
_cell.length_c   80.790
_cell.angle_alpha   90.00
_cell.angle_beta   90.00
_cell.angle_gamma   90.00
#
_symmetry.space_group_name_H-M   'P 21 21 2'
#
loop_
_entity.id
_entity.type
_entity.pdbx_description
1 polymer 'Methionine gamma-lyase'
2 non-polymer 'SULFATE ION'
3 non-polymer "PYRIDOXAL-5'-PHOSPHATE"
4 non-polymer DI(HYDROXYETHYL)ETHER
5 water water
#
_entity_poly.entity_id   1
_entity_poly.type   'polypeptide(L)'
_entity_poly.pdbx_seq_one_letter_code
;MHGSNKLPGFATRAIHHGYDPQDHGGALVPPVYQTATFTFPTVEYGAACFAGEQAGHFYSRISNPTLNLLEARMASLEGG
EAGLALASGMGAITSTLWTLLRPGDEVLLGNTLYGCTFAFLHHGIGEFGVKLRHVDMADLQALEAAMTPATRVIYFESPA
NPNMHMADIAGVAKIARKHGATVVVDNTYCTPYLQRPLELGADLVVHSATKYLSGHGDITAGIVVGSQALVDRIRLQGLK
DMTGAVLSPHDAALLMRGIKTLNLRMDRHCANAQVLAEFLARQPQVELIHYPGLASFPQYTLARQQMSQPGGMIAFELKG
GIGAGRRFMNALQLFSRAVSLGDAESLAQHPASMTHSSYTPEERAHYGISEGLVRLSVGLEDIDDLLADVQQALKASA
;
_entity_poly.pdbx_strand_id   A,B,C,D
#
loop_
_chem_comp.id
_chem_comp.type
_chem_comp.name
_chem_comp.formula
PEG non-polymer DI(HYDROXYETHYL)ETHER 'C4 H10 O3'
PLP non-polymer PYRIDOXAL-5'-PHOSPHATE 'C8 H10 N O6 P'
SO4 non-polymer 'SULFATE ION' 'O4 S -2'
#
# COMPACT_ATOMS: atom_id res chain seq x y z
N MET A 1 38.09 18.58 -13.94
CA MET A 1 38.69 17.34 -13.34
C MET A 1 37.69 16.18 -13.39
N HIS A 2 37.55 15.68 -14.62
CA HIS A 2 36.72 14.53 -14.98
C HIS A 2 37.08 13.31 -14.07
N GLY A 3 36.68 12.12 -14.46
CA GLY A 3 37.06 10.93 -13.71
C GLY A 3 35.94 10.34 -12.89
N SER A 4 35.95 9.01 -12.81
CA SER A 4 34.92 8.21 -12.14
C SER A 4 35.04 8.16 -10.62
N ASN A 5 36.12 8.71 -10.04
CA ASN A 5 36.28 8.72 -8.58
C ASN A 5 35.56 9.93 -7.91
N LYS A 6 35.01 10.82 -8.74
CA LYS A 6 34.14 11.93 -8.32
C LYS A 6 32.87 11.43 -7.64
N LEU A 7 32.55 11.98 -6.48
CA LEU A 7 31.29 11.67 -5.81
C LEU A 7 30.10 12.26 -6.64
N PRO A 8 29.12 11.45 -7.00
CA PRO A 8 27.89 11.98 -7.57
C PRO A 8 27.19 13.00 -6.65
N GLY A 9 26.49 13.92 -7.28
CA GLY A 9 25.82 14.99 -6.57
C GLY A 9 24.74 14.42 -5.70
N PHE A 10 24.37 15.20 -4.72
CA PHE A 10 23.42 14.83 -3.71
C PHE A 10 22.09 14.37 -4.34
N ALA A 11 21.59 15.09 -5.31
CA ALA A 11 20.31 14.72 -5.95
C ALA A 11 20.42 13.42 -6.74
N THR A 12 21.57 13.20 -7.40
CA THR A 12 21.77 11.93 -8.05
C THR A 12 21.68 10.79 -7.02
N ARG A 13 22.28 10.95 -5.84
CA ARG A 13 22.38 9.84 -4.91
C ARG A 13 21.08 9.59 -4.18
N ALA A 14 20.34 10.66 -3.96
CA ALA A 14 19.02 10.59 -3.33
C ALA A 14 18.08 9.78 -4.21
N ILE A 15 18.28 9.82 -5.51
CA ILE A 15 17.47 9.08 -6.50
C ILE A 15 17.98 7.67 -6.84
N HIS A 16 19.29 7.46 -6.81
CA HIS A 16 19.90 6.25 -7.39
C HIS A 16 20.77 5.39 -6.48
N HIS A 17 21.33 5.96 -5.43
CA HIS A 17 22.37 5.28 -4.66
C HIS A 17 21.95 3.93 -4.14
N GLY A 18 22.77 2.93 -4.48
CA GLY A 18 22.61 1.58 -4.02
C GLY A 18 21.69 0.73 -4.84
N TYR A 19 21.22 1.21 -5.98
CA TYR A 19 20.25 0.45 -6.78
C TYR A 19 20.49 0.50 -8.30
N ASP A 20 20.53 -0.68 -8.91
CA ASP A 20 20.75 -0.84 -10.34
C ASP A 20 19.58 -1.66 -10.81
N PRO A 21 18.66 -1.07 -11.60
CA PRO A 21 17.49 -1.79 -12.11
C PRO A 21 17.79 -3.15 -12.70
N GLN A 22 18.95 -3.30 -13.35
CA GLN A 22 19.40 -4.58 -13.94
C GLN A 22 19.42 -5.76 -12.94
N ASP A 23 19.77 -5.49 -11.69
CA ASP A 23 19.76 -6.53 -10.65
C ASP A 23 18.37 -6.95 -10.17
N HIS A 24 17.30 -6.28 -10.59
CA HIS A 24 15.93 -6.65 -10.20
C HIS A 24 14.93 -6.66 -11.40
N GLY A 25 15.27 -7.41 -12.44
CA GLY A 25 14.40 -7.54 -13.60
C GLY A 25 14.19 -6.28 -14.44
N GLY A 26 15.06 -5.29 -14.30
CA GLY A 26 14.83 -4.00 -14.93
C GLY A 26 13.89 -3.04 -14.21
N ALA A 27 13.31 -3.43 -13.07
CA ALA A 27 12.36 -2.55 -12.39
C ALA A 27 13.04 -1.25 -12.10
N LEU A 28 12.48 -0.18 -12.64
CA LEU A 28 13.07 1.14 -12.48
C LEU A 28 12.98 1.57 -11.00
N VAL A 29 11.88 1.24 -10.36
CA VAL A 29 11.67 1.51 -8.98
C VAL A 29 11.80 0.17 -8.30
N PRO A 30 12.52 0.08 -7.18
CA PRO A 30 12.75 -1.24 -6.58
C PRO A 30 11.47 -1.82 -6.05
N PRO A 31 11.31 -3.12 -6.24
CA PRO A 31 10.14 -3.84 -5.75
C PRO A 31 10.13 -3.83 -4.24
N VAL A 32 8.92 -3.86 -3.65
CA VAL A 32 8.74 -3.79 -2.22
C VAL A 32 8.71 -5.16 -1.63
N TYR A 33 9.64 -5.41 -0.72
CA TYR A 33 9.70 -6.70 -0.03
C TYR A 33 8.78 -6.68 1.19
N GLN A 34 7.49 -6.72 0.92
CA GLN A 34 6.51 -6.77 1.94
C GLN A 34 6.39 -8.22 2.36
N THR A 35 7.46 -8.69 3.01
CA THR A 35 7.51 -10.05 3.51
C THR A 35 8.11 -10.06 4.93
N ALA A 36 7.56 -10.90 5.80
CA ALA A 36 8.01 -11.01 7.18
C ALA A 36 9.28 -11.79 7.23
N THR A 37 9.35 -12.83 6.43
CA THR A 37 10.37 -13.82 6.57
C THR A 37 10.97 -14.22 5.23
N PHE A 38 12.18 -14.75 5.32
CA PHE A 38 12.97 -15.22 4.20
C PHE A 38 13.37 -16.68 4.38
N THR A 39 13.73 -17.29 3.26
CA THR A 39 13.84 -18.72 3.11
C THR A 39 15.28 -19.04 2.84
N PHE A 40 15.67 -20.30 3.04
CA PHE A 40 17.04 -20.76 2.77
C PHE A 40 17.00 -21.95 1.81
N PRO A 41 18.00 -22.06 0.90
CA PRO A 41 18.11 -23.22 -0.03
C PRO A 41 18.62 -24.47 0.68
N THR A 42 19.52 -24.29 1.64
CA THR A 42 19.91 -25.36 2.55
C THR A 42 19.89 -24.85 3.99
N VAL A 43 19.99 -25.79 4.92
CA VAL A 43 20.12 -25.47 6.33
C VAL A 43 21.50 -24.81 6.61
N GLU A 44 22.46 -25.04 5.71
CA GLU A 44 23.85 -24.51 5.83
C GLU A 44 23.92 -23.02 5.45
N TYR A 45 23.28 -22.65 4.34
CA TYR A 45 23.10 -21.26 3.93
C TYR A 45 22.21 -20.51 4.94
N GLY A 46 21.39 -21.27 5.68
CA GLY A 46 20.67 -20.74 6.83
C GLY A 46 21.59 -20.39 7.99
N ALA A 47 22.49 -21.32 8.35
CA ALA A 47 23.44 -21.15 9.48
C ALA A 47 24.38 -19.95 9.29
N ALA A 48 24.65 -19.62 8.03
CA ALA A 48 25.50 -18.49 7.67
C ALA A 48 24.80 -17.12 7.94
N CYS A 49 23.51 -17.00 7.57
CA CYS A 49 22.75 -15.74 7.72
C CYS A 49 22.45 -15.32 9.16
N PHE A 50 22.35 -16.31 10.07
CA PHE A 50 22.18 -16.06 11.51
C PHE A 50 23.50 -15.61 12.16
N ALA A 51 24.63 -16.10 11.64
CA ALA A 51 25.96 -15.72 12.13
C ALA A 51 26.53 -14.40 11.52
N GLY A 52 25.97 -13.95 10.38
CA GLY A 52 26.50 -12.79 9.64
C GLY A 52 27.65 -13.10 8.67
N GLU A 53 27.96 -14.38 8.51
CA GLU A 53 29.02 -14.87 7.61
C GLU A 53 28.64 -14.75 6.11
N GLN A 54 27.34 -14.68 5.81
CA GLN A 54 26.82 -14.58 4.42
C GLN A 54 25.90 -13.35 4.26
N ALA A 55 25.90 -12.77 3.06
CA ALA A 55 24.95 -11.71 2.68
C ALA A 55 23.59 -12.33 2.35
N GLY A 56 22.64 -12.15 3.27
CA GLY A 56 21.32 -12.75 3.13
C GLY A 56 20.44 -12.49 4.35
N HIS A 57 19.15 -12.33 4.09
CA HIS A 57 18.19 -12.00 5.14
C HIS A 57 17.54 -13.25 5.68
N PHE A 58 16.93 -13.09 6.85
CA PHE A 58 16.12 -14.14 7.45
C PHE A 58 14.77 -13.61 8.03
N TYR A 59 14.73 -12.35 8.45
CA TYR A 59 13.60 -11.84 9.20
C TYR A 59 13.64 -10.32 9.23
N SER A 60 12.56 -9.70 8.77
CA SER A 60 12.50 -8.27 8.47
C SER A 60 12.66 -7.35 9.71
N ARG A 61 12.42 -7.89 10.92
CA ARG A 61 12.71 -7.16 12.18
C ARG A 61 14.21 -6.91 12.36
N ILE A 62 15.03 -7.88 11.92
CA ILE A 62 16.49 -7.68 11.91
C ILE A 62 16.96 -6.97 10.64
N SER A 63 16.54 -7.47 9.46
CA SER A 63 16.99 -6.98 8.16
C SER A 63 16.06 -7.39 6.95
N ASN A 64 15.89 -6.45 5.99
CA ASN A 64 14.98 -6.55 4.84
C ASN A 64 15.56 -5.66 3.69
N PRO A 65 15.59 -6.16 2.45
CA PRO A 65 16.19 -5.42 1.31
C PRO A 65 15.62 -4.07 0.98
N THR A 66 14.33 -3.90 1.18
CA THR A 66 13.76 -2.57 0.94
C THR A 66 14.31 -1.61 1.97
N LEU A 67 14.36 -2.05 3.22
CA LEU A 67 14.95 -1.23 4.29
C LEU A 67 16.44 -1.03 4.04
N ASN A 68 17.13 -2.06 3.57
CA ASN A 68 18.57 -1.95 3.41
C ASN A 68 18.94 -0.95 2.35
N LEU A 69 18.19 -0.90 1.27
CA LEU A 69 18.39 0.17 0.31
C LEU A 69 18.16 1.57 0.94
N LEU A 70 17.02 1.75 1.63
CA LEU A 70 16.75 3.01 2.38
C LEU A 70 17.90 3.43 3.32
N GLU A 71 18.46 2.44 4.00
CA GLU A 71 19.54 2.63 4.92
C GLU A 71 20.84 3.07 4.20
N ALA A 72 21.18 2.39 3.10
CA ALA A 72 22.41 2.66 2.38
C ALA A 72 22.40 4.01 1.76
N ARG A 73 21.20 4.38 1.37
CA ARG A 73 20.97 5.65 0.75
C ARG A 73 21.07 6.76 1.74
N MET A 74 20.51 6.59 2.94
CA MET A 74 20.60 7.62 4.00
C MET A 74 22.04 7.76 4.45
N ALA A 75 22.73 6.65 4.61
CA ALA A 75 24.16 6.66 4.94
C ALA A 75 24.97 7.48 3.93
N SER A 76 24.68 7.30 2.66
CA SER A 76 25.39 8.05 1.65
C SER A 76 25.07 9.55 1.82
N LEU A 77 23.80 9.89 1.98
CA LEU A 77 23.45 11.29 2.15
C LEU A 77 24.05 11.97 3.40
N GLU A 78 24.15 11.28 4.55
CA GLU A 78 24.83 11.82 5.76
C GLU A 78 26.38 11.66 5.72
N GLY A 79 26.87 10.80 4.84
CA GLY A 79 28.29 10.53 4.77
C GLY A 79 28.72 9.66 5.93
N GLY A 80 27.90 8.67 6.28
CA GLY A 80 28.31 7.63 7.21
C GLY A 80 28.52 6.26 6.56
N GLU A 81 29.05 5.32 7.32
CA GLU A 81 29.33 3.98 6.81
C GLU A 81 28.07 3.12 6.66
N ALA A 82 27.06 3.35 7.52
CA ALA A 82 25.88 2.49 7.61
C ALA A 82 24.64 3.19 8.20
N GLY A 83 23.48 2.67 7.87
CA GLY A 83 22.21 3.17 8.36
C GLY A 83 21.29 2.06 8.84
N LEU A 84 20.22 2.48 9.50
CA LEU A 84 19.24 1.61 10.12
C LEU A 84 17.92 2.32 10.05
N ALA A 85 16.85 1.64 9.61
CA ALA A 85 15.52 2.24 9.52
C ALA A 85 14.64 1.63 10.59
N LEU A 86 13.79 2.46 11.19
CA LEU A 86 12.96 2.06 12.33
C LEU A 86 11.54 2.65 12.24
N ALA A 87 10.65 2.19 13.11
CA ALA A 87 9.24 2.48 12.96
C ALA A 87 8.90 3.96 13.25
N SER A 88 9.79 4.66 13.99
CA SER A 88 9.63 6.09 14.29
C SER A 88 10.93 6.77 14.71
N GLY A 89 10.88 8.10 14.77
CA GLY A 89 11.97 8.91 15.37
C GLY A 89 12.33 8.43 16.77
N MET A 90 11.32 8.20 17.59
CA MET A 90 11.55 7.74 18.95
C MET A 90 12.08 6.31 18.94
N GLY A 91 11.80 5.56 17.87
CA GLY A 91 12.36 4.26 17.72
C GLY A 91 13.86 4.34 17.46
N ALA A 92 14.29 5.29 16.65
CA ALA A 92 15.71 5.50 16.43
C ALA A 92 16.39 5.98 17.70
N ILE A 93 15.74 6.87 18.44
CA ILE A 93 16.39 7.48 19.60
C ILE A 93 16.54 6.48 20.74
N THR A 94 15.46 5.75 21.04
CA THR A 94 15.48 4.75 22.09
C THR A 94 16.29 3.55 21.72
N SER A 95 16.18 3.07 20.49
CA SER A 95 17.03 1.95 20.08
C SER A 95 18.53 2.31 20.22
N THR A 96 18.89 3.56 20.00
CA THR A 96 20.27 4.02 20.12
C THR A 96 20.77 4.10 21.56
N LEU A 97 20.02 4.80 22.39
CA LEU A 97 20.41 5.01 23.76
C LEU A 97 20.24 3.77 24.63
N TRP A 98 19.23 2.95 24.40
CA TRP A 98 19.16 1.66 25.10
C TRP A 98 20.39 0.81 24.78
N THR A 99 20.97 1.00 23.60
CA THR A 99 22.07 0.17 23.18
C THR A 99 23.37 0.65 23.85
N LEU A 100 23.55 1.97 23.89
CA LEU A 100 24.79 2.57 24.33
C LEU A 100 24.99 2.80 25.84
N LEU A 101 23.90 2.82 26.64
CA LEU A 101 23.99 3.16 28.05
C LEU A 101 23.63 1.97 28.94
N ARG A 102 24.22 1.93 30.13
CA ARG A 102 23.91 0.91 31.15
C ARG A 102 23.93 1.65 32.49
N PRO A 103 23.35 1.11 33.57
CA PRO A 103 23.40 1.79 34.90
C PRO A 103 24.80 2.26 35.30
N GLY A 104 24.94 3.44 35.88
CA GLY A 104 26.24 4.03 36.18
C GLY A 104 26.73 5.00 35.08
N ASP A 105 26.44 4.73 33.80
CA ASP A 105 26.81 5.66 32.75
C ASP A 105 26.04 6.98 32.93
N GLU A 106 26.75 8.05 32.60
CA GLU A 106 26.20 9.38 32.43
C GLU A 106 25.97 9.73 30.94
N VAL A 107 24.84 10.36 30.67
CA VAL A 107 24.62 11.01 29.39
C VAL A 107 24.49 12.50 29.61
N LEU A 108 25.37 13.28 28.98
CA LEU A 108 25.22 14.71 28.87
C LEU A 108 24.24 15.07 27.78
N LEU A 109 23.21 15.84 28.14
CA LEU A 109 22.14 16.25 27.23
C LEU A 109 22.11 17.74 26.91
N GLY A 110 21.61 18.07 25.74
CA GLY A 110 21.39 19.46 25.42
C GLY A 110 20.30 20.03 26.29
N ASN A 111 20.31 21.35 26.51
CA ASN A 111 19.51 22.01 27.51
C ASN A 111 18.01 21.94 27.26
N THR A 112 17.58 22.12 26.02
CA THR A 112 16.20 21.78 25.67
C THR A 112 16.19 20.55 24.76
N LEU A 113 15.04 19.92 24.69
CA LEU A 113 14.90 18.70 23.93
C LEU A 113 13.49 18.53 23.46
N TYR A 114 13.32 17.68 22.47
CA TYR A 114 12.02 17.25 22.01
C TYR A 114 11.30 16.64 23.22
N GLY A 115 10.06 17.07 23.45
CA GLY A 115 9.23 16.59 24.55
C GLY A 115 9.29 15.11 24.83
N CYS A 116 9.16 14.28 23.80
CA CYS A 116 9.16 12.84 24.02
C CYS A 116 10.56 12.29 24.29
N THR A 117 11.61 12.94 23.74
CA THR A 117 12.98 12.54 24.05
C THR A 117 13.25 12.87 25.50
N PHE A 118 12.90 14.09 25.88
CA PHE A 118 12.98 14.52 27.28
C PHE A 118 12.30 13.48 28.18
N ALA A 119 11.06 13.10 27.86
CA ALA A 119 10.27 12.18 28.68
C ALA A 119 10.93 10.82 28.78
N PHE A 120 11.50 10.34 27.67
CA PHE A 120 12.14 9.05 27.65
C PHE A 120 13.29 9.08 28.63
N LEU A 121 14.00 10.19 28.65
CA LEU A 121 15.24 10.26 29.40
C LEU A 121 14.99 10.37 30.92
N HIS A 122 14.15 11.31 31.30
CA HIS A 122 13.85 11.51 32.71
C HIS A 122 12.85 10.50 33.30
N HIS A 123 11.84 10.05 32.56
CA HIS A 123 10.81 9.14 33.11
C HIS A 123 10.98 7.70 32.66
N GLY A 124 11.95 7.46 31.78
CA GLY A 124 12.20 6.15 31.20
C GLY A 124 13.58 5.64 31.58
N ILE A 125 14.52 5.75 30.66
CA ILE A 125 15.87 5.18 30.86
C ILE A 125 16.59 5.76 32.10
N GLY A 126 16.36 7.05 32.37
CA GLY A 126 16.86 7.70 33.57
C GLY A 126 16.42 7.02 34.87
N GLU A 127 15.24 6.40 34.90
CA GLU A 127 14.75 5.69 36.10
C GLU A 127 15.33 4.28 36.21
N PHE A 128 16.21 3.92 35.28
CA PHE A 128 16.81 2.60 35.23
C PHE A 128 18.30 2.64 35.58
N GLY A 129 18.72 3.66 36.34
CA GLY A 129 20.11 3.74 36.73
C GLY A 129 21.09 4.57 35.88
N VAL A 130 20.61 5.19 34.80
CA VAL A 130 21.47 6.04 33.95
C VAL A 130 21.33 7.48 34.40
N LYS A 131 22.45 8.15 34.60
CA LYS A 131 22.43 9.50 35.12
C LYS A 131 22.30 10.51 34.00
N LEU A 132 21.60 11.61 34.26
CA LEU A 132 21.34 12.64 33.26
C LEU A 132 21.92 13.97 33.70
N ARG A 133 22.52 14.71 32.76
CA ARG A 133 22.99 16.04 33.03
C ARG A 133 22.72 16.91 31.85
N HIS A 134 21.94 17.95 32.04
CA HIS A 134 21.78 18.98 31.05
C HIS A 134 22.93 19.99 31.07
N VAL A 135 23.28 20.47 29.87
CA VAL A 135 24.40 21.39 29.67
C VAL A 135 24.18 22.22 28.41
N ASP A 136 24.56 23.49 28.43
CA ASP A 136 24.54 24.31 27.23
C ASP A 136 25.64 23.86 26.28
N MET A 137 25.24 23.30 25.13
CA MET A 137 26.14 22.65 24.21
C MET A 137 26.74 23.66 23.29
N ALA A 138 26.21 24.89 23.35
CA ALA A 138 26.85 25.99 22.63
C ALA A 138 27.93 26.64 23.47
N ASP A 139 28.17 26.12 24.68
CA ASP A 139 29.16 26.70 25.58
C ASP A 139 30.19 25.63 25.84
N LEU A 140 31.27 25.69 25.10
CA LEU A 140 32.19 24.57 25.05
C LEU A 140 32.96 24.46 26.34
N GLN A 141 33.18 25.60 26.99
CA GLN A 141 33.90 25.62 28.27
C GLN A 141 33.07 24.86 29.29
N ALA A 142 31.77 25.12 29.31
CA ALA A 142 30.89 24.46 30.25
C ALA A 142 30.78 22.96 29.94
N LEU A 143 30.81 22.60 28.66
CA LEU A 143 30.66 21.18 28.31
C LEU A 143 31.89 20.42 28.76
N GLU A 144 33.08 20.95 28.48
CA GLU A 144 34.36 20.42 28.97
C GLU A 144 34.35 20.20 30.48
N ALA A 145 33.84 21.19 31.18
CA ALA A 145 33.78 21.17 32.61
C ALA A 145 32.74 20.17 33.11
N ALA A 146 31.81 19.74 32.27
CA ALA A 146 30.84 18.75 32.71
C ALA A 146 31.28 17.30 32.48
N MET A 147 32.25 17.10 31.60
CA MET A 147 32.72 15.75 31.34
C MET A 147 33.18 15.13 32.63
N THR A 148 32.95 13.84 32.80
CA THR A 148 33.41 13.06 33.93
C THR A 148 33.71 11.73 33.35
N PRO A 149 34.50 10.89 34.04
CA PRO A 149 34.83 9.55 33.51
C PRO A 149 33.59 8.61 33.25
N ALA A 150 32.46 8.86 33.91
CA ALA A 150 31.24 8.08 33.68
C ALA A 150 30.47 8.52 32.39
N THR A 151 30.84 9.66 31.81
CA THR A 151 30.15 10.19 30.64
C THR A 151 30.36 9.30 29.40
N ARG A 152 29.29 8.61 28.96
CA ARG A 152 29.33 7.71 27.82
C ARG A 152 28.84 8.36 26.52
N VAL A 153 27.84 9.20 26.64
CA VAL A 153 27.12 9.72 25.49
C VAL A 153 26.87 11.19 25.70
N ILE A 154 27.07 11.99 24.66
CA ILE A 154 26.59 13.34 24.57
C ILE A 154 25.52 13.33 23.50
N TYR A 155 24.34 13.87 23.83
CA TYR A 155 23.15 13.81 22.96
C TYR A 155 22.50 15.17 22.91
N PHE A 156 22.17 15.61 21.70
CA PHE A 156 21.53 16.88 21.49
C PHE A 156 20.98 16.98 20.07
N GLU A 157 20.12 17.97 19.88
CA GLU A 157 19.53 18.37 18.64
C GLU A 157 20.22 19.68 18.21
N SER A 158 20.29 19.96 16.92
CA SER A 158 20.79 21.24 16.47
C SER A 158 20.32 21.50 15.04
N PRO A 159 19.42 22.48 14.85
CA PRO A 159 18.81 23.28 15.93
C PRO A 159 17.89 22.49 16.87
N ALA A 160 17.70 23.02 18.07
CA ALA A 160 17.04 22.28 19.11
C ALA A 160 15.63 22.69 19.17
N ASN A 161 14.79 21.71 19.47
CA ASN A 161 13.35 21.90 19.42
C ASN A 161 12.82 22.40 20.70
N PRO A 162 12.91 23.69 20.97
CA PRO A 162 11.81 24.66 20.90
C PRO A 162 12.25 25.97 20.20
N ASN A 163 13.31 26.61 20.73
CA ASN A 163 13.81 27.95 20.35
C ASN A 163 14.89 28.05 19.27
N MET A 164 15.19 26.96 18.58
CA MET A 164 16.22 26.93 17.53
C MET A 164 17.66 27.08 18.03
N HIS A 165 17.87 26.80 19.31
CA HIS A 165 19.19 26.89 19.89
C HIS A 165 20.14 25.85 19.27
N MET A 166 21.36 26.29 18.99
CA MET A 166 22.32 25.51 18.27
C MET A 166 23.60 25.23 19.04
N ALA A 167 24.23 24.13 18.67
CA ALA A 167 25.46 23.67 19.31
C ALA A 167 26.60 23.52 18.26
N ASP A 168 27.83 23.78 18.66
CA ASP A 168 28.98 23.68 17.76
C ASP A 168 29.37 22.20 17.68
N ILE A 169 28.93 21.53 16.63
CA ILE A 169 29.07 20.08 16.54
C ILE A 169 30.52 19.65 16.50
N ALA A 170 31.33 20.37 15.72
CA ALA A 170 32.77 20.09 15.64
C ALA A 170 33.41 20.36 16.98
N GLY A 171 32.91 21.39 17.68
CA GLY A 171 33.42 21.74 18.99
C GLY A 171 33.14 20.65 20.03
N VAL A 172 31.95 20.06 19.93
CA VAL A 172 31.50 19.03 20.85
C VAL A 172 32.26 17.75 20.56
N ALA A 173 32.37 17.41 19.27
CA ALA A 173 33.05 16.19 18.87
C ALA A 173 34.49 16.22 19.36
N LYS A 174 35.13 17.38 19.30
CA LYS A 174 36.54 17.48 19.71
C LYS A 174 36.72 17.28 21.23
N ILE A 175 35.84 17.83 22.05
CA ILE A 175 35.83 17.54 23.49
C ILE A 175 35.59 16.05 23.73
N ALA A 176 34.77 15.45 22.89
CA ALA A 176 34.45 14.03 23.01
C ALA A 176 35.59 13.08 22.58
N ARG A 177 36.42 13.47 21.61
CA ARG A 177 37.66 12.78 21.28
C ARG A 177 38.54 12.74 22.51
N LYS A 178 38.79 13.93 23.09
CA LYS A 178 39.61 14.08 24.27
C LYS A 178 39.23 13.15 25.41
N HIS A 179 37.95 13.06 25.78
CA HIS A 179 37.53 12.27 26.96
C HIS A 179 37.04 10.88 26.74
N GLY A 180 36.50 10.65 25.54
CA GLY A 180 36.01 9.37 25.12
C GLY A 180 34.51 9.23 25.03
N ALA A 181 33.72 10.28 24.88
CA ALA A 181 32.30 10.03 24.77
C ALA A 181 31.75 9.84 23.33
N THR A 182 30.63 9.16 23.21
CA THR A 182 29.99 8.95 21.93
C THR A 182 28.97 10.07 21.68
N VAL A 183 29.09 10.76 20.56
CA VAL A 183 28.26 11.94 20.25
C VAL A 183 27.09 11.56 19.37
N VAL A 184 25.86 11.79 19.79
CA VAL A 184 24.76 11.52 18.91
C VAL A 184 23.96 12.77 18.67
N VAL A 185 23.76 13.10 17.39
CA VAL A 185 22.99 14.29 17.02
C VAL A 185 21.66 13.94 16.33
N ASP A 186 20.57 14.52 16.85
CA ASP A 186 19.29 14.52 16.19
C ASP A 186 19.26 15.63 15.15
N ASN A 187 19.31 15.20 13.89
CA ASN A 187 19.48 16.05 12.72
C ASN A 187 18.17 16.21 11.96
N THR A 188 17.04 15.93 12.63
CA THR A 188 15.72 15.95 12.02
C THR A 188 15.42 17.26 11.25
N TYR A 189 15.66 18.38 11.91
CA TYR A 189 15.36 19.70 11.40
C TYR A 189 16.09 20.08 10.13
N CYS A 190 17.37 19.73 10.03
CA CYS A 190 18.18 20.10 8.90
C CYS A 190 18.02 19.10 7.74
N THR A 191 17.96 17.80 8.06
CA THR A 191 18.24 16.71 7.10
C THR A 191 19.67 16.74 6.64
N PRO A 192 20.15 15.65 6.10
CA PRO A 192 21.49 15.62 5.52
C PRO A 192 21.68 16.62 4.39
N TYR A 193 20.63 17.12 3.77
CA TYR A 193 20.79 18.08 2.70
C TYR A 193 21.41 19.37 3.22
N LEU A 194 21.03 19.76 4.45
CA LEU A 194 21.48 21.02 5.05
C LEU A 194 22.63 20.93 6.05
N GLN A 195 22.80 19.78 6.70
CA GLN A 195 23.78 19.65 7.77
C GLN A 195 24.16 18.21 7.92
N ARG A 196 25.46 17.93 8.05
CA ARG A 196 25.93 16.56 8.12
C ARG A 196 26.85 16.36 9.33
N PRO A 197 26.25 16.17 10.50
CA PRO A 197 27.02 16.07 11.75
C PRO A 197 28.13 15.03 11.74
N LEU A 198 27.99 13.93 10.99
CA LEU A 198 29.02 12.87 10.96
C LEU A 198 30.28 13.43 10.35
N GLU A 199 30.10 14.31 9.37
CA GLU A 199 31.20 14.97 8.70
C GLU A 199 31.88 16.00 9.56
N LEU A 200 31.22 16.45 10.61
CA LEU A 200 31.79 17.41 11.55
C LEU A 200 32.31 16.72 12.80
N GLY A 201 32.29 15.39 12.81
CA GLY A 201 32.82 14.60 13.92
C GLY A 201 31.87 13.85 14.83
N ALA A 202 30.55 13.99 14.69
CA ALA A 202 29.66 13.13 15.44
C ALA A 202 29.84 11.66 15.07
N ASP A 203 29.45 10.81 16.00
CA ASP A 203 29.51 9.37 15.85
C ASP A 203 28.24 8.78 15.26
N LEU A 204 27.10 9.35 15.66
CA LEU A 204 25.81 8.87 15.24
C LEU A 204 24.83 10.03 15.00
N VAL A 205 23.96 9.82 14.05
CA VAL A 205 22.93 10.77 13.78
C VAL A 205 21.63 9.96 13.81
N VAL A 206 20.60 10.57 14.40
CA VAL A 206 19.23 10.05 14.33
C VAL A 206 18.25 11.06 13.68
N HIS A 207 17.16 10.51 13.13
CA HIS A 207 16.13 11.28 12.46
C HIS A 207 14.71 10.84 12.85
N SER A 208 13.81 11.81 12.92
CA SER A 208 12.41 11.52 12.71
C SER A 208 12.25 11.67 11.23
N ALA A 209 12.27 10.55 10.52
CA ALA A 209 12.01 10.57 9.08
C ALA A 209 10.55 10.95 8.74
N THR A 210 9.74 10.96 9.79
CA THR A 210 8.37 11.38 9.74
C THR A 210 8.25 12.83 9.23
N LYS A 211 9.25 13.64 9.57
CA LYS A 211 9.22 15.04 9.23
C LYS A 211 9.70 15.25 7.78
N TYR A 212 10.77 16.00 7.56
CA TYR A 212 11.17 16.39 6.19
C TYR A 212 11.58 15.22 5.28
N LEU A 213 12.17 14.16 5.82
CA LEU A 213 12.78 13.18 4.93
C LEU A 213 11.64 12.57 4.12
N SER A 214 10.55 12.23 4.81
CA SER A 214 9.35 11.79 4.16
C SER A 214 8.76 12.91 3.34
N GLY A 215 8.63 14.07 4.00
CA GLY A 215 8.17 15.27 3.38
C GLY A 215 6.68 15.45 3.21
N HIS A 216 5.94 14.36 3.34
CA HIS A 216 4.53 14.39 2.93
C HIS A 216 3.59 13.95 4.03
N GLY A 217 4.11 13.72 5.22
CA GLY A 217 3.28 13.54 6.38
C GLY A 217 2.40 12.29 6.35
N ASP A 218 2.80 11.28 5.58
CA ASP A 218 1.96 10.10 5.50
C ASP A 218 2.51 8.91 6.23
N ILE A 219 3.67 9.06 6.85
CA ILE A 219 4.32 7.93 7.48
C ILE A 219 5.01 8.32 8.73
N THR A 220 5.27 7.34 9.56
CA THR A 220 6.01 7.50 10.80
C THR A 220 7.25 6.59 10.63
N ALA A 221 8.45 7.17 10.84
CA ALA A 221 9.70 6.50 10.57
C ALA A 221 10.88 7.15 11.24
N GLY A 222 11.94 6.38 11.42
CA GLY A 222 13.17 6.92 12.00
C GLY A 222 14.37 6.31 11.35
N ILE A 223 15.50 6.98 11.42
CA ILE A 223 16.74 6.54 10.83
C ILE A 223 17.89 6.79 11.81
N VAL A 224 18.83 5.87 11.90
CA VAL A 224 20.14 6.07 12.51
C VAL A 224 21.20 5.88 11.43
N VAL A 225 22.16 6.79 11.41
CA VAL A 225 23.35 6.64 10.55
C VAL A 225 24.58 6.83 11.42
N GLY A 226 25.60 6.00 11.20
CA GLY A 226 26.86 6.08 11.93
C GLY A 226 27.88 5.07 11.44
N SER A 227 28.82 4.71 12.29
CA SER A 227 29.86 3.77 11.95
C SER A 227 29.22 2.40 11.77
N GLN A 228 29.84 1.51 11.00
CA GLN A 228 29.27 0.16 10.86
C GLN A 228 29.09 -0.54 12.21
N ALA A 229 30.00 -0.31 13.16
CA ALA A 229 30.06 -1.12 14.37
C ALA A 229 28.98 -0.68 15.33
N LEU A 230 28.80 0.64 15.44
CA LEU A 230 27.77 1.20 16.28
C LEU A 230 26.38 0.95 15.72
N VAL A 231 26.19 1.10 14.44
CA VAL A 231 24.87 0.86 13.88
C VAL A 231 24.51 -0.63 13.92
N ASP A 232 25.48 -1.50 13.64
CA ASP A 232 25.29 -2.93 13.78
C ASP A 232 24.86 -3.26 15.21
N ARG A 233 25.49 -2.65 16.18
CA ARG A 233 25.16 -2.89 17.58
C ARG A 233 23.76 -2.43 17.83
N ILE A 234 23.41 -1.26 17.33
CA ILE A 234 22.07 -0.73 17.57
C ILE A 234 21.02 -1.62 16.90
N ARG A 235 21.37 -2.20 15.76
CA ARG A 235 20.47 -3.07 15.03
C ARG A 235 20.20 -4.33 15.82
N LEU A 236 21.28 -4.92 16.31
CA LEU A 236 21.23 -6.25 16.88
C LEU A 236 20.92 -6.26 18.39
N GLN A 237 20.80 -5.12 19.04
CA GLN A 237 20.51 -5.10 20.49
C GLN A 237 19.32 -4.22 20.74
N GLY A 238 19.46 -2.93 20.47
CA GLY A 238 18.39 -1.97 20.67
C GLY A 238 17.12 -2.29 19.89
N LEU A 239 17.25 -2.53 18.59
CA LEU A 239 16.10 -2.78 17.74
C LEU A 239 15.59 -4.22 17.91
N LYS A 240 16.48 -5.19 17.82
CA LYS A 240 16.07 -6.57 17.74
C LYS A 240 15.43 -7.00 19.04
N ASP A 241 16.07 -6.67 20.16
CA ASP A 241 15.70 -7.17 21.47
C ASP A 241 15.00 -6.10 22.35
N MET A 242 15.36 -4.82 22.18
CA MET A 242 14.98 -3.82 23.18
C MET A 242 13.82 -2.88 22.82
N THR A 243 13.54 -2.64 21.54
CA THR A 243 12.36 -1.86 21.15
C THR A 243 11.40 -2.57 20.24
N GLY A 244 11.90 -3.40 19.36
CA GLY A 244 11.07 -4.00 18.32
C GLY A 244 10.45 -3.00 17.34
N ALA A 245 11.11 -1.89 17.13
CA ALA A 245 10.55 -0.80 16.37
C ALA A 245 10.81 -0.93 14.86
N VAL A 246 10.17 -1.92 14.26
CA VAL A 246 10.44 -2.35 12.89
C VAL A 246 9.64 -1.53 11.92
N LEU A 247 10.29 -1.09 10.86
CA LEU A 247 9.64 -0.25 9.89
C LEU A 247 8.99 -1.11 8.84
N SER A 248 7.73 -0.82 8.55
CA SER A 248 7.05 -1.46 7.45
C SER A 248 7.75 -1.15 6.13
N PRO A 249 8.01 -2.19 5.33
CA PRO A 249 8.62 -1.99 4.01
C PRO A 249 7.85 -1.04 3.14
N HIS A 250 6.54 -1.15 3.19
CA HIS A 250 5.68 -0.21 2.48
C HIS A 250 6.07 1.22 2.85
N ASP A 251 6.20 1.51 4.14
CA ASP A 251 6.53 2.86 4.59
C ASP A 251 7.96 3.26 4.21
N ALA A 252 8.86 2.30 4.22
CA ALA A 252 10.23 2.54 3.84
C ALA A 252 10.24 2.95 2.38
N ALA A 253 9.36 2.38 1.57
CA ALA A 253 9.29 2.72 0.15
C ALA A 253 8.78 4.13 -0.07
N LEU A 254 7.76 4.50 0.71
CA LEU A 254 7.27 5.88 0.73
C LEU A 254 8.35 6.84 1.18
N LEU A 255 9.14 6.46 2.16
CA LEU A 255 10.22 7.33 2.60
C LEU A 255 11.29 7.49 1.46
N MET A 256 11.63 6.43 0.77
CA MET A 256 12.54 6.57 -0.37
C MET A 256 11.92 7.46 -1.45
N ARG A 257 10.59 7.35 -1.64
CA ARG A 257 9.88 8.24 -2.58
C ARG A 257 10.06 9.70 -2.16
N GLY A 258 9.87 9.98 -0.88
CA GLY A 258 10.01 11.32 -0.40
C GLY A 258 11.41 11.84 -0.51
N ILE A 259 12.40 10.97 -0.32
CA ILE A 259 13.80 11.40 -0.34
C ILE A 259 14.18 11.83 -1.76
N LYS A 260 13.47 11.35 -2.76
CA LYS A 260 13.79 11.70 -4.15
C LYS A 260 13.55 13.18 -4.46
N THR A 261 12.76 13.88 -3.64
CA THR A 261 12.57 15.31 -3.84
C THR A 261 13.09 16.14 -2.72
N LEU A 262 13.91 15.52 -1.88
CA LEU A 262 14.34 16.14 -0.63
C LEU A 262 14.98 17.51 -0.84
N ASN A 263 15.95 17.58 -1.74
CA ASN A 263 16.67 18.82 -2.04
C ASN A 263 15.78 19.88 -2.60
N LEU A 264 14.86 19.48 -3.47
CA LEU A 264 13.86 20.39 -4.05
C LEU A 264 12.91 20.96 -2.96
N ARG A 265 12.39 20.09 -2.08
CA ARG A 265 11.48 20.50 -1.01
C ARG A 265 12.16 21.38 0.00
N MET A 266 13.39 21.00 0.38
CA MET A 266 14.15 21.79 1.34
C MET A 266 14.46 23.18 0.78
N ASP A 267 14.86 23.25 -0.50
CA ASP A 267 15.05 24.57 -1.13
C ASP A 267 13.82 25.45 -1.00
N ARG A 268 12.64 24.89 -1.27
CA ARG A 268 11.41 25.66 -1.18
C ARG A 268 11.01 25.95 0.25
N HIS A 269 11.13 24.97 1.16
CA HIS A 269 10.87 25.26 2.56
C HIS A 269 11.67 26.47 2.96
N CYS A 270 12.96 26.45 2.66
CA CYS A 270 13.87 27.46 3.16
C CYS A 270 13.60 28.81 2.58
N ALA A 271 13.32 28.87 1.27
CA ALA A 271 13.02 30.15 0.63
C ALA A 271 11.73 30.78 1.21
N ASN A 272 10.68 29.97 1.36
CA ASN A 272 9.45 30.41 1.96
C ASN A 272 9.65 30.89 3.39
N ALA A 273 10.45 30.20 4.18
CA ALA A 273 10.73 30.61 5.56
C ALA A 273 11.53 31.90 5.64
N GLN A 274 12.52 32.11 4.76
CA GLN A 274 13.31 33.38 4.74
C GLN A 274 12.35 34.55 4.50
N VAL A 275 11.49 34.42 3.50
CA VAL A 275 10.53 35.47 3.18
C VAL A 275 9.60 35.68 4.36
N LEU A 276 8.99 34.63 4.91
CA LEU A 276 8.07 34.79 6.06
C LEU A 276 8.74 35.40 7.26
N ALA A 277 9.97 35.02 7.51
CA ALA A 277 10.66 35.47 8.72
C ALA A 277 11.01 36.98 8.65
N GLU A 278 11.33 37.46 7.45
CA GLU A 278 11.68 38.87 7.24
C GLU A 278 10.46 39.73 7.46
N PHE A 279 9.35 39.27 6.88
CA PHE A 279 8.04 39.82 7.13
C PHE A 279 7.69 39.86 8.61
N LEU A 280 7.83 38.74 9.31
CA LEU A 280 7.48 38.67 10.74
C LEU A 280 8.29 39.66 11.61
N ALA A 281 9.56 39.89 11.23
CA ALA A 281 10.44 40.80 11.95
C ALA A 281 10.03 42.26 11.80
N ARG A 282 9.41 42.60 10.68
CA ARG A 282 8.97 43.96 10.37
C ARG A 282 7.57 44.32 10.95
N GLN A 283 7.00 43.49 11.82
CA GLN A 283 5.59 43.63 12.18
C GLN A 283 5.35 43.95 13.65
N PRO A 284 4.53 44.98 13.89
CA PRO A 284 4.23 45.51 15.22
C PRO A 284 4.09 44.49 16.35
N GLN A 285 3.30 43.43 16.14
CA GLN A 285 2.91 42.52 17.21
C GLN A 285 4.00 41.54 17.60
N VAL A 286 5.05 41.46 16.78
CA VAL A 286 6.11 40.52 17.04
C VAL A 286 7.13 41.15 17.96
N GLU A 287 7.15 40.66 19.17
CA GLU A 287 8.17 41.00 20.13
C GLU A 287 9.51 40.48 19.63
N LEU A 288 9.62 39.17 19.53
CA LEU A 288 10.92 38.56 19.35
C LEU A 288 10.83 37.42 18.34
N ILE A 289 11.50 37.57 17.19
CA ILE A 289 11.62 36.47 16.23
C ILE A 289 12.94 35.70 16.31
N HIS A 290 12.85 34.39 16.12
CA HIS A 290 13.98 33.51 16.10
C HIS A 290 13.99 32.70 14.78
N TYR A 291 14.79 33.11 13.81
CA TYR A 291 15.04 32.35 12.60
C TYR A 291 16.53 32.39 12.27
N PRO A 292 17.15 31.25 12.02
CA PRO A 292 18.59 31.24 11.74
C PRO A 292 19.01 32.17 10.58
N GLY A 293 18.11 32.44 9.63
CA GLY A 293 18.41 33.27 8.48
C GLY A 293 18.50 34.78 8.70
N LEU A 294 18.01 35.27 9.85
CA LEU A 294 18.07 36.69 10.21
C LEU A 294 19.26 37.00 11.08
N ALA A 295 19.95 38.10 10.81
CA ALA A 295 21.09 38.58 11.63
C ALA A 295 20.77 38.75 13.12
N SER A 296 19.51 38.99 13.47
CA SER A 296 19.11 39.14 14.86
C SER A 296 19.10 37.82 15.58
N PHE A 297 19.28 36.72 14.84
CA PHE A 297 19.35 35.40 15.45
C PHE A 297 20.63 35.34 16.24
N PRO A 298 20.53 35.07 17.55
CA PRO A 298 21.68 35.03 18.47
C PRO A 298 22.88 34.16 18.11
N GLN A 299 22.72 33.13 17.29
CA GLN A 299 23.84 32.30 16.87
C GLN A 299 23.93 32.31 15.34
N TYR A 300 23.64 33.49 14.78
CA TYR A 300 23.68 33.73 13.35
C TYR A 300 24.89 33.14 12.68
N THR A 301 26.11 33.43 13.18
CA THR A 301 27.35 33.03 12.51
C THR A 301 27.60 31.51 12.59
N LEU A 302 27.16 30.92 13.68
CA LEU A 302 27.22 29.47 13.85
C LEU A 302 26.25 28.76 12.86
N ALA A 303 25.04 29.27 12.71
CA ALA A 303 24.08 28.74 11.75
C ALA A 303 24.61 28.80 10.35
N ARG A 304 25.12 29.98 9.98
CA ARG A 304 25.69 30.21 8.67
C ARG A 304 26.83 29.18 8.43
N GLN A 305 27.55 28.83 9.49
CA GLN A 305 28.72 27.96 9.38
C GLN A 305 28.39 26.45 9.35
N GLN A 306 27.34 25.96 10.04
CA GLN A 306 27.08 24.51 9.98
C GLN A 306 25.92 24.06 9.14
N MET A 307 25.11 25.00 8.69
CA MET A 307 23.93 24.70 7.89
C MET A 307 24.04 25.40 6.54
N SER A 308 23.92 24.66 5.43
CA SER A 308 23.97 25.29 4.10
C SER A 308 22.83 26.26 3.87
N GLN A 309 21.69 26.03 4.52
CA GLN A 309 20.58 26.98 4.50
C GLN A 309 19.90 27.03 5.87
N PRO A 310 19.23 28.14 6.14
CA PRO A 310 18.72 28.40 7.49
C PRO A 310 17.54 27.59 7.92
N GLY A 311 16.87 26.89 7.02
CA GLY A 311 15.85 25.95 7.45
C GLY A 311 14.43 26.39 7.17
N GLY A 312 13.49 25.51 7.44
CA GLY A 312 12.08 25.80 7.26
C GLY A 312 11.31 26.15 8.51
N MET A 313 11.96 26.16 9.66
CA MET A 313 11.29 26.43 10.95
C MET A 313 11.52 27.85 11.45
N ILE A 314 10.44 28.48 11.94
CA ILE A 314 10.45 29.78 12.63
C ILE A 314 9.81 29.64 14.03
N ALA A 315 10.40 30.24 15.05
CA ALA A 315 9.66 30.54 16.29
C ALA A 315 9.66 32.04 16.49
N PHE A 316 8.50 32.60 16.79
CA PHE A 316 8.43 33.98 17.15
C PHE A 316 7.67 34.11 18.46
N GLU A 317 7.55 35.35 18.94
CA GLU A 317 6.84 35.65 20.18
C GLU A 317 5.92 36.82 19.89
N LEU A 318 4.63 36.58 20.07
CA LEU A 318 3.64 37.64 20.01
C LEU A 318 3.74 38.51 21.27
N LYS A 319 3.34 39.78 21.15
CA LYS A 319 3.44 40.72 22.27
C LYS A 319 2.27 40.55 23.26
N GLY A 320 1.07 40.27 22.75
CA GLY A 320 -0.11 40.11 23.58
C GLY A 320 -0.13 38.93 24.57
N GLY A 321 0.90 38.08 24.57
CA GLY A 321 1.02 36.96 25.50
C GLY A 321 0.27 35.70 25.07
N ILE A 322 -0.01 34.84 26.05
CA ILE A 322 -0.82 33.62 25.82
C ILE A 322 -2.12 33.88 25.08
N GLY A 323 -2.73 35.03 25.34
CA GLY A 323 -4.05 35.33 24.80
C GLY A 323 -3.97 35.68 23.35
N ALA A 324 -2.94 36.44 22.98
CA ALA A 324 -2.74 36.83 21.58
C ALA A 324 -2.28 35.65 20.72
N GLY A 325 -1.69 34.64 21.37
CA GLY A 325 -1.28 33.42 20.75
C GLY A 325 -2.45 32.54 20.36
N ARG A 326 -3.36 32.29 21.30
CA ARG A 326 -4.62 31.61 21.02
C ARG A 326 -5.37 32.31 19.88
N ARG A 327 -5.28 33.62 19.83
CA ARG A 327 -6.15 34.40 18.95
C ARG A 327 -5.65 34.30 17.52
N PHE A 328 -4.32 34.33 17.39
CA PHE A 328 -3.62 34.23 16.10
C PHE A 328 -3.79 32.83 15.50
N MET A 329 -3.58 31.83 16.34
CA MET A 329 -3.71 30.45 15.94
C MET A 329 -5.11 30.16 15.45
N ASN A 330 -6.13 30.65 16.16
CA ASN A 330 -7.50 30.33 15.81
C ASN A 330 -7.89 31.03 14.54
N ALA A 331 -7.11 32.04 14.13
CA ALA A 331 -7.45 32.83 12.94
C ALA A 331 -6.88 32.25 11.62
N LEU A 332 -6.04 31.24 11.76
CA LEU A 332 -5.35 30.67 10.61
C LEU A 332 -6.33 29.89 9.72
N GLN A 333 -6.39 30.28 8.45
CA GLN A 333 -7.16 29.61 7.41
C GLN A 333 -6.37 28.67 6.45
N LEU A 334 -5.04 28.80 6.39
CA LEU A 334 -4.17 28.01 5.49
C LEU A 334 -3.20 27.19 6.31
N PHE A 335 -2.36 27.83 7.12
CA PHE A 335 -1.63 27.11 8.14
C PHE A 335 -2.65 26.27 8.89
N SER A 336 -2.29 25.06 9.25
CA SER A 336 -3.15 24.17 10.02
C SER A 336 -2.63 24.16 11.43
N ARG A 337 -3.53 24.11 12.42
CA ARG A 337 -3.13 23.91 13.82
C ARG A 337 -2.84 22.43 14.10
N ALA A 338 -1.58 22.10 14.35
CA ALA A 338 -1.19 20.70 14.57
C ALA A 338 0.27 20.59 14.98
N VAL A 339 0.62 19.52 15.69
CA VAL A 339 2.03 19.25 16.03
C VAL A 339 2.63 18.59 14.82
N SER A 340 3.92 18.38 14.85
CA SER A 340 4.66 17.91 13.68
C SER A 340 5.21 19.05 12.85
N LEU A 341 5.98 18.67 11.85
CA LEU A 341 6.65 19.61 10.97
C LEU A 341 7.19 18.89 9.71
N GLY A 342 7.65 19.68 8.74
CA GLY A 342 8.33 19.14 7.58
C GLY A 342 7.42 18.47 6.59
N ASP A 343 6.18 18.90 6.64
CA ASP A 343 5.14 18.54 5.67
C ASP A 343 5.10 19.53 4.52
N ALA A 344 4.33 19.21 3.50
CA ALA A 344 4.12 20.10 2.39
C ALA A 344 3.12 21.14 2.85
N GLU A 345 2.23 20.75 3.75
CA GLU A 345 1.32 21.67 4.34
C GLU A 345 1.96 22.34 5.57
N SER A 346 1.94 23.68 5.56
CA SER A 346 2.47 24.51 6.63
C SER A 346 1.68 24.28 7.90
N LEU A 347 2.39 24.16 9.02
CA LEU A 347 1.78 23.89 10.31
C LEU A 347 2.16 25.00 11.31
N ALA A 348 1.32 25.21 12.31
CA ALA A 348 1.55 26.17 13.38
C ALA A 348 1.14 25.51 14.71
N GLN A 349 1.94 25.73 15.76
CA GLN A 349 1.63 25.24 17.10
C GLN A 349 1.93 26.28 18.17
N HIS A 350 1.15 26.27 19.25
CA HIS A 350 1.27 27.25 20.33
C HIS A 350 1.27 26.55 21.67
N PRO A 351 2.43 26.15 22.15
CA PRO A 351 2.48 25.33 23.37
C PRO A 351 1.60 25.84 24.55
N ALA A 352 1.60 27.15 24.84
CA ALA A 352 0.89 27.68 26.03
C ALA A 352 -0.64 27.38 26.04
N SER A 353 -1.20 27.31 24.84
CA SER A 353 -2.61 27.02 24.65
C SER A 353 -2.92 25.66 24.00
N MET A 354 -1.90 24.81 23.79
CA MET A 354 -2.03 23.50 23.16
C MET A 354 -1.20 22.46 23.92
N THR A 355 -0.01 22.12 23.44
CA THR A 355 0.77 21.02 24.01
C THR A 355 1.11 21.20 25.48
N HIS A 356 1.40 22.44 25.86
CA HIS A 356 1.85 22.75 27.22
C HIS A 356 0.82 23.61 28.02
N SER A 357 -0.48 23.45 27.73
CA SER A 357 -1.55 24.24 28.38
C SER A 357 -2.03 23.60 29.69
N SER A 358 -1.65 22.32 29.87
CA SER A 358 -1.77 21.60 31.15
C SER A 358 -0.90 22.25 32.24
N TYR A 359 0.17 22.91 31.81
CA TYR A 359 1.17 23.46 32.71
C TYR A 359 0.71 24.83 33.26
N THR A 360 1.54 25.37 34.16
CA THR A 360 1.39 26.72 34.75
C THR A 360 2.38 27.67 34.04
N PRO A 361 2.10 28.98 33.98
CA PRO A 361 2.99 29.91 33.26
C PRO A 361 4.49 29.90 33.67
N GLU A 362 4.79 29.49 34.91
CA GLU A 362 6.18 29.45 35.43
C GLU A 362 6.91 28.08 35.24
N GLU A 363 6.15 27.00 35.04
CA GLU A 363 6.70 25.67 34.66
C GLU A 363 7.03 25.62 33.16
N ARG A 364 6.25 26.36 32.36
CA ARG A 364 6.55 26.60 30.94
C ARG A 364 7.90 27.32 30.85
N ALA A 365 8.10 28.29 31.77
CA ALA A 365 9.32 29.10 31.86
C ALA A 365 10.59 28.32 32.22
N HIS A 366 10.45 27.23 32.99
CA HIS A 366 11.58 26.34 33.35
C HIS A 366 12.17 25.65 32.09
N TYR A 367 11.31 25.42 31.10
CA TYR A 367 11.62 24.67 29.87
C TYR A 367 11.92 25.56 28.63
N GLY A 368 11.90 26.88 28.83
CA GLY A 368 12.26 27.84 27.82
C GLY A 368 11.11 28.21 26.91
N ILE A 369 9.89 28.07 27.41
CA ILE A 369 8.69 28.32 26.61
C ILE A 369 8.01 29.62 27.04
N SER A 370 8.20 30.68 26.24
CA SER A 370 7.46 31.92 26.44
C SER A 370 5.96 31.69 26.30
N GLU A 371 5.21 32.66 26.82
CA GLU A 371 3.75 32.60 26.82
C GLU A 371 3.17 32.93 25.43
N GLY A 372 3.84 33.81 24.68
CA GLY A 372 3.46 34.10 23.32
C GLY A 372 4.26 33.33 22.26
N LEU A 373 4.93 32.24 22.63
CA LEU A 373 5.77 31.51 21.69
C LEU A 373 4.93 30.77 20.64
N VAL A 374 4.96 31.24 19.40
CA VAL A 374 4.37 30.51 18.27
C VAL A 374 5.45 29.90 17.40
N ARG A 375 5.29 28.62 17.05
CA ARG A 375 6.21 27.93 16.12
C ARG A 375 5.53 27.62 14.79
N LEU A 376 6.24 27.88 13.70
CA LEU A 376 5.75 27.69 12.35
C LEU A 376 6.60 26.68 11.60
N SER A 377 5.96 25.70 10.98
CA SER A 377 6.66 24.84 10.05
C SER A 377 6.14 25.29 8.70
N VAL A 378 6.96 26.06 8.00
CA VAL A 378 6.57 26.68 6.73
C VAL A 378 6.62 25.60 5.64
N GLY A 379 5.53 25.44 4.91
CA GLY A 379 5.42 24.38 3.90
C GLY A 379 5.79 24.86 2.51
N LEU A 380 5.23 24.18 1.52
CA LEU A 380 5.57 24.42 0.12
C LEU A 380 4.53 25.20 -0.67
N GLU A 381 3.55 25.77 0.03
CA GLU A 381 2.51 26.58 -0.62
C GLU A 381 3.14 27.77 -1.23
N ASP A 382 2.39 28.43 -2.10
CA ASP A 382 2.76 29.76 -2.60
C ASP A 382 2.95 30.78 -1.45
N ILE A 383 4.10 31.43 -1.43
CA ILE A 383 4.43 32.34 -0.35
C ILE A 383 3.42 33.47 -0.15
N ASP A 384 2.84 33.96 -1.26
CA ASP A 384 1.81 35.02 -1.19
C ASP A 384 0.59 34.61 -0.40
N ASP A 385 0.15 33.36 -0.57
CA ASP A 385 -1.00 32.86 0.19
C ASP A 385 -0.66 32.76 1.66
N LEU A 386 0.57 32.38 1.99
CA LEU A 386 0.96 32.19 3.37
C LEU A 386 1.21 33.51 4.07
N LEU A 387 1.72 34.48 3.33
CA LEU A 387 1.85 35.85 3.80
C LEU A 387 0.48 36.38 4.18
N ALA A 388 -0.45 36.26 3.25
CA ALA A 388 -1.81 36.71 3.47
C ALA A 388 -2.43 36.02 4.69
N ASP A 389 -2.14 34.75 4.93
CA ASP A 389 -2.82 34.06 6.00
C ASP A 389 -2.28 34.57 7.33
N VAL A 390 -0.97 34.82 7.35
CA VAL A 390 -0.30 35.27 8.57
C VAL A 390 -0.54 36.79 8.79
N GLN A 391 -0.76 37.54 7.72
CA GLN A 391 -1.05 38.97 7.83
C GLN A 391 -2.43 39.07 8.48
N GLN A 392 -3.44 38.61 7.77
CA GLN A 392 -4.80 38.35 8.27
C GLN A 392 -4.86 37.94 9.76
N ALA A 393 -4.03 36.98 10.17
CA ALA A 393 -4.08 36.42 11.53
C ALA A 393 -3.33 37.25 12.59
N LEU A 394 -2.45 38.13 12.16
CA LEU A 394 -1.78 39.05 13.07
C LEU A 394 -2.73 40.18 13.46
N LYS A 395 -3.53 40.67 12.51
CA LYS A 395 -4.61 41.60 12.82
C LYS A 395 -5.46 41.00 13.95
N ALA A 396 -6.01 39.82 13.72
CA ALA A 396 -6.90 39.17 14.69
C ALA A 396 -6.25 38.95 16.06
N SER A 397 -4.94 39.15 16.14
CA SER A 397 -4.15 39.02 17.36
C SER A 397 -4.30 40.16 18.43
N ALA A 398 -4.83 41.32 18.05
CA ALA A 398 -5.32 42.30 19.03
C ALA A 398 -6.86 42.26 19.10
N MET B 1 -3.55 -44.24 -7.48
CA MET B 1 -2.28 -44.34 -6.71
C MET B 1 -1.17 -43.37 -7.20
N HIS B 2 -1.52 -42.30 -7.93
CA HIS B 2 -0.53 -41.37 -8.55
C HIS B 2 0.22 -40.43 -7.54
N GLY B 3 1.53 -40.66 -7.41
CA GLY B 3 2.43 -39.87 -6.55
C GLY B 3 3.80 -39.63 -7.20
N SER B 4 4.71 -38.99 -6.45
CA SER B 4 5.95 -38.38 -6.99
C SER B 4 5.56 -37.11 -7.77
N ASN B 5 6.08 -35.94 -7.34
CA ASN B 5 5.54 -34.61 -7.71
C ASN B 5 4.35 -34.65 -8.70
N LYS B 6 3.23 -35.23 -8.22
CA LYS B 6 1.95 -35.34 -8.97
C LYS B 6 1.47 -33.90 -9.16
N LEU B 7 0.31 -33.72 -9.78
CA LEU B 7 -0.30 -32.39 -9.77
C LEU B 7 -0.75 -32.08 -8.32
N PRO B 8 -0.16 -31.03 -7.72
CA PRO B 8 -0.50 -30.56 -6.38
C PRO B 8 -1.96 -30.14 -6.29
N GLY B 9 -2.57 -30.28 -5.13
CA GLY B 9 -3.97 -29.96 -4.91
C GLY B 9 -4.28 -28.48 -4.99
N PHE B 10 -5.58 -28.18 -4.99
CA PHE B 10 -6.06 -26.85 -5.29
C PHE B 10 -5.55 -25.81 -4.29
N ALA B 11 -5.58 -26.15 -2.98
CA ALA B 11 -5.09 -25.24 -1.94
C ALA B 11 -3.60 -25.01 -2.10
N THR B 12 -2.85 -26.06 -2.38
CA THR B 12 -1.41 -25.93 -2.51
C THR B 12 -1.06 -24.92 -3.59
N ARG B 13 -1.76 -24.99 -4.73
CA ARG B 13 -1.45 -24.23 -5.93
C ARG B 13 -1.87 -22.79 -5.79
N ALA B 14 -3.00 -22.59 -5.11
CA ALA B 14 -3.53 -21.28 -4.75
C ALA B 14 -2.55 -20.50 -3.86
N ILE B 15 -1.68 -21.22 -3.13
CA ILE B 15 -0.70 -20.61 -2.26
C ILE B 15 0.69 -20.50 -2.94
N HIS B 16 1.06 -21.52 -3.70
CA HIS B 16 2.41 -21.66 -4.20
C HIS B 16 2.58 -21.55 -5.73
N HIS B 17 1.55 -21.75 -6.54
CA HIS B 17 1.82 -21.95 -7.97
C HIS B 17 2.57 -20.75 -8.58
N GLY B 18 3.65 -21.06 -9.27
CA GLY B 18 4.37 -20.09 -10.08
C GLY B 18 5.45 -19.31 -9.35
N TYR B 19 5.78 -19.70 -8.13
CA TYR B 19 6.70 -18.95 -7.26
C TYR B 19 7.55 -19.85 -6.39
N ASP B 20 8.87 -19.76 -6.58
CA ASP B 20 9.87 -20.35 -5.68
C ASP B 20 10.66 -19.19 -5.04
N PRO B 21 10.55 -19.02 -3.72
CA PRO B 21 11.28 -17.98 -2.98
C PRO B 21 12.80 -17.85 -3.26
N GLN B 22 13.47 -18.96 -3.55
CA GLN B 22 14.92 -18.97 -3.87
C GLN B 22 15.34 -18.10 -5.09
N ASP B 23 14.37 -17.63 -5.88
CA ASP B 23 14.67 -16.80 -7.03
C ASP B 23 14.46 -15.33 -6.75
N HIS B 24 14.14 -14.98 -5.52
CA HIS B 24 13.97 -13.59 -5.10
C HIS B 24 14.52 -13.43 -3.70
N GLY B 25 15.74 -13.88 -3.51
CA GLY B 25 16.45 -13.60 -2.27
C GLY B 25 15.87 -14.31 -1.08
N GLY B 26 15.14 -15.40 -1.31
CA GLY B 26 14.48 -16.11 -0.24
C GLY B 26 13.17 -15.50 0.22
N ALA B 27 12.70 -14.42 -0.39
CA ALA B 27 11.46 -13.79 0.06
C ALA B 27 10.29 -14.75 -0.03
N LEU B 28 9.65 -14.99 1.10
CA LEU B 28 8.55 -15.96 1.14
C LEU B 28 7.33 -15.39 0.41
N VAL B 29 6.98 -14.15 0.71
CA VAL B 29 5.94 -13.47 -0.03
C VAL B 29 6.65 -12.72 -1.13
N PRO B 30 6.21 -12.90 -2.38
CA PRO B 30 6.90 -12.24 -3.50
C PRO B 30 6.85 -10.73 -3.33
N PRO B 31 7.90 -10.05 -3.71
CA PRO B 31 7.89 -8.60 -3.65
C PRO B 31 6.99 -8.06 -4.70
N VAL B 32 6.49 -6.87 -4.41
CA VAL B 32 5.50 -6.24 -5.20
C VAL B 32 6.23 -5.31 -6.15
N TYR B 33 5.89 -5.41 -7.42
CA TYR B 33 6.67 -4.78 -8.46
C TYR B 33 5.92 -3.56 -8.86
N GLN B 34 5.92 -2.57 -7.98
CA GLN B 34 5.12 -1.34 -8.11
C GLN B 34 6.00 -0.35 -8.87
N THR B 35 6.16 -0.62 -10.15
CA THR B 35 6.97 0.17 -11.04
C THR B 35 6.22 0.25 -12.34
N ALA B 36 6.22 1.41 -12.97
CA ALA B 36 5.60 1.62 -14.27
C ALA B 36 6.42 1.05 -15.39
N THR B 37 7.71 1.32 -15.37
CA THR B 37 8.59 0.94 -16.46
C THR B 37 9.74 0.06 -15.99
N PHE B 38 10.31 -0.56 -17.01
CA PHE B 38 11.40 -1.47 -16.87
C PHE B 38 12.46 -1.05 -17.82
N THR B 39 13.66 -1.54 -17.52
CA THR B 39 14.89 -1.07 -18.10
C THR B 39 15.47 -2.22 -18.89
N PHE B 40 16.29 -1.88 -19.86
CA PHE B 40 16.98 -2.86 -20.69
C PHE B 40 18.49 -2.76 -20.45
N PRO B 41 19.20 -3.88 -20.50
CA PRO B 41 20.68 -3.87 -20.50
C PRO B 41 21.30 -3.32 -21.80
N THR B 42 20.70 -3.66 -22.94
CA THR B 42 21.07 -3.08 -24.24
C THR B 42 19.79 -2.65 -24.97
N VAL B 43 19.93 -1.91 -26.06
CA VAL B 43 18.81 -1.64 -26.93
C VAL B 43 18.37 -2.91 -27.67
N GLU B 44 19.31 -3.81 -27.99
CA GLU B 44 19.01 -5.06 -28.71
C GLU B 44 18.15 -6.01 -27.88
N TYR B 45 18.47 -6.11 -26.59
CA TYR B 45 17.61 -6.79 -25.61
C TYR B 45 16.19 -6.21 -25.67
N GLY B 46 16.11 -4.89 -25.73
CA GLY B 46 14.84 -4.19 -25.85
C GLY B 46 14.11 -4.33 -27.18
N ALA B 47 14.84 -4.53 -28.28
CA ALA B 47 14.22 -4.86 -29.55
C ALA B 47 13.46 -6.20 -29.37
N ALA B 48 14.13 -7.17 -28.77
CA ALA B 48 13.55 -8.48 -28.51
C ALA B 48 12.30 -8.43 -27.60
N CYS B 49 12.24 -7.51 -26.62
CA CYS B 49 11.10 -7.45 -25.66
C CYS B 49 9.75 -7.02 -26.26
N PHE B 50 9.79 -6.07 -27.21
CA PHE B 50 8.61 -5.69 -27.99
C PHE B 50 8.29 -6.72 -29.08
N ALA B 51 9.31 -7.42 -29.60
CA ALA B 51 9.11 -8.39 -30.70
C ALA B 51 8.56 -9.78 -30.25
N GLY B 52 8.61 -10.09 -28.94
CA GLY B 52 8.07 -11.32 -28.38
C GLY B 52 9.09 -12.35 -27.90
N GLU B 53 10.32 -12.21 -28.37
CA GLU B 53 11.47 -13.05 -27.96
C GLU B 53 12.04 -12.62 -26.58
N GLN B 54 12.97 -13.40 -26.02
CA GLN B 54 13.61 -13.07 -24.72
C GLN B 54 12.69 -12.27 -23.74
N ALA B 55 11.39 -12.63 -23.70
CA ALA B 55 10.36 -11.82 -23.02
C ALA B 55 10.66 -11.61 -21.52
N GLY B 56 10.57 -10.35 -21.11
CA GLY B 56 10.79 -9.96 -19.74
C GLY B 56 10.59 -8.47 -19.51
N HIS B 57 9.45 -7.96 -19.96
CA HIS B 57 8.93 -6.68 -19.45
C HIS B 57 9.54 -5.36 -19.94
N PHE B 58 8.65 -4.46 -20.39
CA PHE B 58 9.00 -3.09 -20.80
C PHE B 58 8.17 -2.02 -20.04
N TYR B 59 6.91 -2.35 -19.77
CA TYR B 59 5.91 -1.40 -19.34
C TYR B 59 4.74 -2.17 -18.71
N SER B 60 4.37 -1.80 -17.48
CA SER B 60 3.37 -2.55 -16.71
C SER B 60 1.94 -2.61 -17.33
N ARG B 61 1.62 -1.70 -18.25
CA ARG B 61 0.32 -1.76 -18.98
C ARG B 61 0.18 -3.07 -19.80
N ILE B 62 1.24 -3.41 -20.53
CA ILE B 62 1.31 -4.68 -21.25
C ILE B 62 1.47 -5.85 -20.27
N SER B 63 2.44 -5.74 -19.35
CA SER B 63 2.86 -6.84 -18.47
C SER B 63 3.78 -6.41 -17.30
N ASN B 64 3.82 -7.22 -16.22
CA ASN B 64 4.47 -6.88 -14.92
C ASN B 64 4.58 -8.18 -14.08
N PRO B 65 5.72 -8.46 -13.42
CA PRO B 65 5.93 -9.78 -12.78
C PRO B 65 4.95 -10.09 -11.67
N THR B 66 4.51 -9.06 -10.93
CA THR B 66 3.46 -9.29 -9.92
C THR B 66 2.17 -9.76 -10.55
N LEU B 67 1.79 -9.11 -11.64
CA LEU B 67 0.60 -9.51 -12.41
C LEU B 67 0.83 -10.86 -13.06
N ASN B 68 2.06 -11.12 -13.53
CA ASN B 68 2.31 -12.36 -14.20
C ASN B 68 2.10 -13.53 -13.20
N LEU B 69 2.53 -13.37 -11.98
CA LEU B 69 2.33 -14.41 -10.98
C LEU B 69 0.86 -14.68 -10.75
N LEU B 70 0.07 -13.64 -10.50
CA LEU B 70 -1.38 -13.76 -10.36
C LEU B 70 -2.03 -14.48 -11.55
N GLU B 71 -1.60 -14.10 -12.73
CA GLU B 71 -2.17 -14.58 -13.97
C GLU B 71 -1.91 -16.07 -14.08
N ALA B 72 -0.65 -16.47 -13.91
CA ALA B 72 -0.25 -17.87 -13.94
C ALA B 72 -1.02 -18.72 -12.95
N ARG B 73 -1.17 -18.21 -11.74
CA ARG B 73 -1.86 -18.89 -10.66
C ARG B 73 -3.35 -19.09 -10.96
N MET B 74 -4.02 -18.04 -11.40
CA MET B 74 -5.42 -18.15 -11.79
C MET B 74 -5.52 -19.12 -12.99
N ALA B 75 -4.56 -19.11 -13.91
CA ALA B 75 -4.54 -20.07 -15.02
C ALA B 75 -4.47 -21.49 -14.48
N SER B 76 -3.60 -21.73 -13.51
CA SER B 76 -3.53 -23.04 -12.88
C SER B 76 -4.82 -23.45 -12.22
N LEU B 77 -5.49 -22.52 -11.54
CA LEU B 77 -6.70 -22.83 -10.80
C LEU B 77 -7.85 -23.19 -11.73
N GLU B 78 -8.00 -22.42 -12.82
CA GLU B 78 -9.04 -22.68 -13.83
C GLU B 78 -8.67 -23.80 -14.80
N GLY B 79 -7.42 -24.26 -14.75
CA GLY B 79 -6.91 -25.21 -15.73
C GLY B 79 -6.72 -24.69 -17.15
N GLY B 80 -6.53 -23.39 -17.34
CA GLY B 80 -6.23 -22.86 -18.65
C GLY B 80 -4.74 -22.69 -18.88
N GLU B 81 -4.39 -22.33 -20.11
CA GLU B 81 -2.99 -22.12 -20.48
C GLU B 81 -2.40 -20.77 -20.03
N ALA B 82 -3.23 -19.74 -20.00
CA ALA B 82 -2.76 -18.37 -19.80
C ALA B 82 -3.79 -17.53 -19.09
N GLY B 83 -3.28 -16.52 -18.36
CA GLY B 83 -4.09 -15.56 -17.67
C GLY B 83 -3.74 -14.13 -18.02
N LEU B 84 -4.67 -13.24 -17.70
CA LEU B 84 -4.53 -11.82 -17.85
C LEU B 84 -5.23 -11.17 -16.67
N ALA B 85 -4.63 -10.10 -16.16
CA ALA B 85 -5.18 -9.41 -15.00
C ALA B 85 -5.48 -8.00 -15.39
N LEU B 86 -6.64 -7.52 -14.98
CA LEU B 86 -7.10 -6.18 -15.33
C LEU B 86 -7.71 -5.40 -14.17
N ALA B 87 -8.03 -4.15 -14.45
CA ALA B 87 -8.44 -3.21 -13.41
C ALA B 87 -9.84 -3.45 -12.85
N SER B 88 -10.65 -4.22 -13.55
CA SER B 88 -11.99 -4.53 -13.09
C SER B 88 -12.57 -5.69 -13.84
N GLY B 89 -13.66 -6.22 -13.28
CA GLY B 89 -14.44 -7.18 -14.02
C GLY B 89 -14.80 -6.63 -15.41
N MET B 90 -15.37 -5.43 -15.44
CA MET B 90 -15.74 -4.87 -16.72
C MET B 90 -14.52 -4.76 -17.63
N GLY B 91 -13.34 -4.64 -17.03
CA GLY B 91 -12.11 -4.49 -17.79
C GLY B 91 -11.81 -5.74 -18.58
N ALA B 92 -11.99 -6.88 -17.91
CA ALA B 92 -11.83 -8.22 -18.47
C ALA B 92 -12.76 -8.52 -19.66
N ILE B 93 -14.03 -8.09 -19.53
CA ILE B 93 -15.08 -8.43 -20.47
C ILE B 93 -15.02 -7.54 -21.67
N THR B 94 -14.83 -6.24 -21.43
CA THR B 94 -14.69 -5.29 -22.51
C THR B 94 -13.40 -5.63 -23.28
N SER B 95 -12.28 -5.85 -22.60
CA SER B 95 -11.03 -6.13 -23.31
C SER B 95 -11.18 -7.39 -24.17
N THR B 96 -11.95 -8.35 -23.65
CA THR B 96 -12.17 -9.62 -24.35
C THR B 96 -13.02 -9.46 -25.62
N LEU B 97 -14.18 -8.84 -25.46
CA LEU B 97 -15.11 -8.68 -26.55
C LEU B 97 -14.64 -7.67 -27.57
N TRP B 98 -14.09 -6.53 -27.12
CA TRP B 98 -13.52 -5.58 -28.06
C TRP B 98 -12.54 -6.28 -28.99
N THR B 99 -11.83 -7.29 -28.47
CA THR B 99 -10.80 -7.98 -29.24
C THR B 99 -11.38 -8.95 -30.24
N LEU B 100 -12.41 -9.68 -29.83
CA LEU B 100 -12.93 -10.82 -30.57
C LEU B 100 -13.93 -10.46 -31.64
N LEU B 101 -14.53 -9.28 -31.54
CA LEU B 101 -15.64 -8.87 -32.39
C LEU B 101 -15.31 -7.67 -33.28
N ARG B 102 -15.96 -7.64 -34.43
CA ARG B 102 -15.83 -6.54 -35.40
C ARG B 102 -17.19 -6.27 -36.05
N PRO B 103 -17.40 -5.13 -36.68
CA PRO B 103 -18.72 -4.88 -37.29
C PRO B 103 -19.09 -5.99 -38.31
N GLY B 104 -20.25 -6.61 -38.11
CA GLY B 104 -20.68 -7.66 -39.02
C GLY B 104 -20.72 -9.01 -38.35
N ASP B 105 -19.85 -9.21 -37.35
CA ASP B 105 -19.91 -10.34 -36.45
C ASP B 105 -21.13 -10.25 -35.57
N GLU B 106 -21.60 -11.40 -35.10
CA GLU B 106 -22.73 -11.47 -34.17
C GLU B 106 -22.23 -12.11 -32.89
N VAL B 107 -22.86 -11.78 -31.78
CA VAL B 107 -22.60 -12.47 -30.52
C VAL B 107 -23.93 -12.92 -29.88
N LEU B 108 -23.98 -14.15 -29.39
CA LEU B 108 -25.14 -14.64 -28.64
C LEU B 108 -24.91 -14.57 -27.13
N LEU B 109 -25.94 -14.22 -26.39
CA LEU B 109 -25.87 -13.91 -24.97
C LEU B 109 -26.90 -14.68 -24.12
N GLY B 110 -26.59 -15.02 -22.89
CA GLY B 110 -27.61 -15.56 -21.99
C GLY B 110 -28.77 -14.58 -21.89
N ASN B 111 -29.94 -15.06 -21.48
CA ASN B 111 -31.14 -14.21 -21.42
C ASN B 111 -30.96 -12.94 -20.56
N THR B 112 -30.22 -13.10 -19.46
CA THR B 112 -29.98 -12.03 -18.50
C THR B 112 -28.48 -11.91 -18.25
N LEU B 113 -27.99 -10.68 -18.16
CA LEU B 113 -26.59 -10.42 -17.87
C LEU B 113 -26.43 -9.53 -16.64
N TYR B 114 -25.18 -9.36 -16.17
CA TYR B 114 -24.85 -8.34 -15.18
C TYR B 114 -25.17 -7.01 -15.86
N GLY B 115 -25.75 -6.08 -15.09
CA GLY B 115 -26.21 -4.78 -15.57
C GLY B 115 -25.30 -4.07 -16.56
N CYS B 116 -24.00 -4.00 -16.26
CA CYS B 116 -23.02 -3.27 -17.08
C CYS B 116 -22.47 -4.06 -18.27
N THR B 117 -22.46 -5.39 -18.13
CA THR B 117 -22.24 -6.24 -19.28
C THR B 117 -23.35 -5.96 -20.28
N PHE B 118 -24.57 -5.85 -19.75
CA PHE B 118 -25.75 -5.64 -20.57
C PHE B 118 -25.64 -4.28 -21.22
N ALA B 119 -25.12 -3.29 -20.49
CA ALA B 119 -25.07 -1.91 -20.98
C ALA B 119 -23.91 -1.76 -21.97
N PHE B 120 -22.81 -2.44 -21.71
CA PHE B 120 -21.70 -2.44 -22.66
C PHE B 120 -22.19 -3.00 -23.98
N LEU B 121 -22.86 -4.13 -23.88
CA LEU B 121 -23.32 -4.80 -25.08
C LEU B 121 -24.33 -3.95 -25.84
N HIS B 122 -25.41 -3.51 -25.21
CA HIS B 122 -26.48 -2.86 -25.98
C HIS B 122 -26.17 -1.39 -26.30
N HIS B 123 -25.51 -0.68 -25.40
CA HIS B 123 -25.25 0.76 -25.56
C HIS B 123 -23.81 1.09 -25.89
N GLY B 124 -22.94 0.07 -25.94
CA GLY B 124 -21.54 0.27 -26.27
C GLY B 124 -21.14 -0.43 -27.54
N ILE B 125 -20.54 -1.62 -27.43
CA ILE B 125 -20.10 -2.37 -28.60
C ILE B 125 -21.24 -2.63 -29.63
N GLY B 126 -22.47 -2.75 -29.16
CA GLY B 126 -23.61 -2.99 -30.05
C GLY B 126 -23.81 -1.84 -31.03
N GLU B 127 -23.64 -0.62 -30.53
CA GLU B 127 -23.73 0.58 -31.35
C GLU B 127 -22.53 0.80 -32.26
N PHE B 128 -21.64 -0.18 -32.34
CA PHE B 128 -20.51 -0.10 -33.26
C PHE B 128 -20.61 -1.14 -34.37
N GLY B 129 -21.83 -1.50 -34.74
CA GLY B 129 -22.06 -2.41 -35.84
C GLY B 129 -21.92 -3.90 -35.56
N VAL B 130 -22.04 -4.27 -34.28
CA VAL B 130 -21.96 -5.66 -33.87
C VAL B 130 -23.37 -6.11 -33.48
N LYS B 131 -23.77 -7.26 -34.02
CA LYS B 131 -25.11 -7.77 -33.79
C LYS B 131 -25.19 -8.58 -32.49
N LEU B 132 -26.26 -8.32 -31.72
CA LEU B 132 -26.50 -8.96 -30.44
C LEU B 132 -27.76 -9.83 -30.45
N ARG B 133 -27.74 -10.98 -29.79
CA ARG B 133 -28.92 -11.81 -29.69
C ARG B 133 -28.94 -12.68 -28.43
N HIS B 134 -30.04 -12.60 -27.67
CA HIS B 134 -30.23 -13.32 -26.40
C HIS B 134 -30.92 -14.68 -26.56
N VAL B 135 -30.23 -15.79 -26.25
CA VAL B 135 -30.86 -17.12 -26.14
C VAL B 135 -30.76 -17.69 -24.73
N ASP B 136 -31.57 -18.70 -24.46
CA ASP B 136 -31.56 -19.43 -23.20
C ASP B 136 -30.49 -20.50 -23.34
N MET B 137 -29.46 -20.48 -22.51
CA MET B 137 -28.26 -21.27 -22.81
C MET B 137 -28.32 -22.63 -22.12
N ALA B 138 -29.49 -22.93 -21.56
CA ALA B 138 -29.87 -24.27 -21.16
C ALA B 138 -30.62 -25.00 -22.29
N ASP B 139 -31.23 -24.25 -23.21
CA ASP B 139 -31.95 -24.77 -24.37
C ASP B 139 -31.04 -24.95 -25.63
N LEU B 140 -30.44 -26.14 -25.73
CA LEU B 140 -29.48 -26.43 -26.78
C LEU B 140 -30.05 -26.36 -28.21
N GLN B 141 -31.35 -26.64 -28.36
CA GLN B 141 -32.03 -26.62 -29.67
C GLN B 141 -32.23 -25.19 -30.14
N ALA B 142 -32.85 -24.39 -29.26
CA ALA B 142 -32.97 -22.94 -29.47
C ALA B 142 -31.64 -22.23 -29.78
N LEU B 143 -30.53 -22.70 -29.20
CA LEU B 143 -29.22 -22.13 -29.46
C LEU B 143 -28.76 -22.46 -30.86
N GLU B 144 -28.73 -23.73 -31.19
CA GLU B 144 -28.54 -24.23 -32.55
C GLU B 144 -29.38 -23.43 -33.58
N ALA B 145 -30.61 -23.08 -33.20
CA ALA B 145 -31.56 -22.45 -34.13
C ALA B 145 -31.29 -20.95 -34.31
N ALA B 146 -30.32 -20.44 -33.57
CA ALA B 146 -29.93 -19.03 -33.61
C ALA B 146 -28.57 -18.85 -34.23
N MET B 147 -27.80 -19.92 -34.27
CA MET B 147 -26.51 -19.85 -34.91
C MET B 147 -26.65 -19.34 -36.37
N THR B 148 -25.72 -18.48 -36.75
CA THR B 148 -25.52 -18.08 -38.15
C THR B 148 -24.02 -18.22 -38.48
N PRO B 149 -23.67 -18.19 -39.75
CA PRO B 149 -22.24 -18.18 -40.10
C PRO B 149 -21.47 -16.88 -39.62
N ALA B 150 -22.17 -15.79 -39.34
CA ALA B 150 -21.56 -14.61 -38.71
C ALA B 150 -21.39 -14.69 -37.15
N THR B 151 -21.81 -15.80 -36.52
CA THR B 151 -21.71 -15.94 -35.06
C THR B 151 -20.29 -16.27 -34.68
N ARG B 152 -19.66 -15.29 -34.02
CA ARG B 152 -18.25 -15.37 -33.66
C ARG B 152 -18.10 -15.72 -32.16
N VAL B 153 -19.02 -15.23 -31.31
CA VAL B 153 -18.84 -15.38 -29.88
C VAL B 153 -20.14 -15.72 -29.14
N ILE B 154 -20.04 -16.68 -28.23
CA ILE B 154 -21.11 -16.99 -27.30
C ILE B 154 -20.67 -16.61 -25.88
N TYR B 155 -21.35 -15.65 -25.28
CA TYR B 155 -21.00 -15.15 -23.97
C TYR B 155 -22.18 -15.33 -23.01
N PHE B 156 -21.93 -15.89 -21.83
CA PHE B 156 -22.94 -15.96 -20.79
C PHE B 156 -22.32 -16.18 -19.41
N GLU B 157 -23.15 -15.96 -18.38
CA GLU B 157 -22.85 -16.28 -16.97
C GLU B 157 -23.59 -17.55 -16.55
N SER B 158 -23.04 -18.25 -15.56
CA SER B 158 -23.67 -19.45 -15.04
C SER B 158 -23.08 -19.78 -13.66
N PRO B 159 -23.87 -19.65 -12.61
CA PRO B 159 -25.24 -19.14 -12.63
C PRO B 159 -25.33 -17.70 -13.11
N ALA B 160 -26.48 -17.28 -13.64
CA ALA B 160 -26.68 -15.90 -14.10
C ALA B 160 -27.51 -15.02 -13.13
N ASN B 161 -27.16 -13.72 -13.09
CA ASN B 161 -27.50 -12.72 -12.03
C ASN B 161 -28.86 -12.81 -11.29
N PRO B 162 -29.99 -12.80 -11.99
CA PRO B 162 -31.29 -12.67 -11.31
C PRO B 162 -31.73 -13.94 -10.59
N ASN B 163 -31.80 -15.06 -11.32
CA ASN B 163 -32.50 -16.26 -10.87
C ASN B 163 -31.64 -17.50 -10.74
N MET B 164 -30.34 -17.35 -10.97
CA MET B 164 -29.37 -18.42 -10.79
C MET B 164 -29.44 -19.48 -11.90
N HIS B 165 -29.77 -19.00 -13.10
CA HIS B 165 -30.07 -19.86 -14.24
C HIS B 165 -28.78 -20.45 -14.87
N MET B 166 -28.74 -21.79 -14.92
CA MET B 166 -27.56 -22.52 -15.39
C MET B 166 -27.54 -22.66 -16.91
N ALA B 167 -26.36 -22.82 -17.47
CA ALA B 167 -26.20 -23.15 -18.88
C ALA B 167 -25.49 -24.49 -18.99
N ASP B 168 -25.86 -25.28 -19.97
CA ASP B 168 -25.19 -26.58 -20.17
C ASP B 168 -23.94 -26.20 -20.93
N ILE B 169 -22.85 -26.01 -20.20
CA ILE B 169 -21.65 -25.42 -20.78
C ILE B 169 -21.08 -26.41 -21.75
N ALA B 170 -21.08 -27.67 -21.35
CA ALA B 170 -20.61 -28.73 -22.21
C ALA B 170 -21.45 -28.74 -23.53
N GLY B 171 -22.77 -28.60 -23.39
CA GLY B 171 -23.65 -28.52 -24.55
C GLY B 171 -23.40 -27.35 -25.48
N VAL B 172 -23.28 -26.15 -24.92
CA VAL B 172 -22.99 -24.95 -25.71
C VAL B 172 -21.65 -25.11 -26.44
N ALA B 173 -20.68 -25.72 -25.77
CA ALA B 173 -19.33 -25.80 -26.34
C ALA B 173 -19.31 -26.63 -27.60
N LYS B 174 -20.02 -27.77 -27.57
CA LYS B 174 -20.12 -28.70 -28.70
C LYS B 174 -20.65 -27.97 -29.92
N ILE B 175 -21.76 -27.26 -29.75
CA ILE B 175 -22.31 -26.47 -30.84
C ILE B 175 -21.28 -25.45 -31.33
N ALA B 176 -20.61 -24.79 -30.40
CA ALA B 176 -19.69 -23.73 -30.76
C ALA B 176 -18.51 -24.29 -31.53
N ARG B 177 -18.04 -25.47 -31.16
CA ARG B 177 -16.95 -26.13 -31.89
C ARG B 177 -17.29 -26.46 -33.35
N LYS B 178 -18.49 -26.97 -33.61
CA LYS B 178 -18.99 -27.16 -34.95
C LYS B 178 -18.98 -25.88 -35.76
N HIS B 179 -19.48 -24.80 -35.16
CA HIS B 179 -19.64 -23.52 -35.86
C HIS B 179 -18.41 -22.58 -35.87
N GLY B 180 -17.29 -22.97 -35.25
CA GLY B 180 -16.16 -22.07 -35.14
C GLY B 180 -16.34 -20.83 -34.25
N ALA B 181 -17.28 -20.89 -33.31
CA ALA B 181 -17.49 -19.82 -32.35
C ALA B 181 -16.65 -20.00 -31.06
N THR B 182 -16.31 -18.87 -30.46
CA THR B 182 -15.58 -18.79 -29.19
C THR B 182 -16.57 -18.64 -28.05
N VAL B 183 -16.41 -19.47 -27.03
CA VAL B 183 -17.28 -19.46 -25.84
C VAL B 183 -16.55 -18.77 -24.68
N VAL B 184 -17.19 -17.74 -24.12
CA VAL B 184 -16.64 -17.00 -23.02
C VAL B 184 -17.65 -17.11 -21.90
N VAL B 185 -17.18 -17.61 -20.76
CA VAL B 185 -18.01 -17.79 -19.60
C VAL B 185 -17.54 -16.89 -18.47
N ASP B 186 -18.46 -16.10 -17.95
CA ASP B 186 -18.27 -15.30 -16.75
C ASP B 186 -18.46 -16.21 -15.57
N ASN B 187 -17.35 -16.58 -14.93
CA ASN B 187 -17.35 -17.55 -13.83
C ASN B 187 -17.24 -16.91 -12.44
N THR B 188 -17.63 -15.65 -12.33
CA THR B 188 -17.46 -14.92 -11.07
C THR B 188 -18.08 -15.56 -9.84
N TYR B 189 -19.31 -16.08 -9.97
CA TYR B 189 -20.10 -16.54 -8.82
C TYR B 189 -19.59 -17.80 -8.19
N CYS B 190 -18.98 -18.64 -9.00
CA CYS B 190 -18.47 -19.95 -8.57
C CYS B 190 -16.99 -19.92 -8.21
N THR B 191 -16.20 -19.20 -9.03
CA THR B 191 -14.75 -19.17 -8.96
C THR B 191 -14.27 -20.54 -9.39
N PRO B 192 -12.99 -20.71 -9.72
CA PRO B 192 -12.50 -22.02 -10.15
C PRO B 192 -12.51 -23.03 -9.05
N TYR B 193 -12.79 -22.63 -7.82
CA TYR B 193 -12.85 -23.61 -6.76
C TYR B 193 -14.12 -24.49 -6.90
N LEU B 194 -15.20 -23.87 -7.36
CA LEU B 194 -16.46 -24.57 -7.58
C LEU B 194 -16.83 -24.91 -9.03
N GLN B 195 -16.19 -24.33 -10.04
CA GLN B 195 -16.62 -24.55 -11.42
C GLN B 195 -15.55 -24.09 -12.37
N ARG B 196 -15.24 -24.94 -13.33
CA ARG B 196 -14.17 -24.67 -14.27
C ARG B 196 -14.66 -24.87 -15.73
N PRO B 197 -15.32 -23.86 -16.26
CA PRO B 197 -15.85 -23.92 -17.62
C PRO B 197 -14.84 -24.36 -18.72
N LEU B 198 -13.54 -24.16 -18.55
CA LEU B 198 -12.59 -24.53 -19.61
C LEU B 198 -12.50 -26.07 -19.78
N GLU B 199 -12.69 -26.79 -18.67
CA GLU B 199 -12.62 -28.24 -18.62
C GLU B 199 -13.92 -28.82 -19.18
N LEU B 200 -14.94 -27.97 -19.26
CA LEU B 200 -16.20 -28.34 -19.86
C LEU B 200 -16.31 -27.85 -21.28
N GLY B 201 -15.21 -27.35 -21.86
CA GLY B 201 -15.17 -26.94 -23.26
C GLY B 201 -15.18 -25.44 -23.59
N ALA B 202 -15.42 -24.56 -22.62
CA ALA B 202 -15.24 -23.14 -22.89
C ALA B 202 -13.81 -22.79 -23.31
N ASP B 203 -13.69 -21.66 -24.00
CA ASP B 203 -12.43 -21.17 -24.60
C ASP B 203 -11.78 -20.13 -23.69
N LEU B 204 -12.61 -19.23 -23.16
CA LEU B 204 -12.22 -18.14 -22.26
C LEU B 204 -13.16 -18.10 -21.06
N VAL B 205 -12.60 -17.77 -19.90
CA VAL B 205 -13.35 -17.51 -18.71
C VAL B 205 -13.00 -16.09 -18.28
N VAL B 206 -13.97 -15.34 -17.73
CA VAL B 206 -13.74 -13.98 -17.19
C VAL B 206 -14.27 -13.85 -15.76
N HIS B 207 -13.68 -12.97 -14.96
CA HIS B 207 -14.10 -12.77 -13.58
C HIS B 207 -14.07 -11.31 -13.18
N SER B 208 -15.05 -10.91 -12.37
CA SER B 208 -14.83 -9.85 -11.39
C SER B 208 -14.11 -10.47 -10.19
N ALA B 209 -12.80 -10.26 -10.17
CA ALA B 209 -12.00 -10.58 -9.00
C ALA B 209 -12.34 -9.68 -7.84
N THR B 210 -13.11 -8.60 -8.08
CA THR B 210 -13.60 -7.73 -7.02
C THR B 210 -14.38 -8.51 -5.94
N LYS B 211 -15.04 -9.58 -6.38
CA LYS B 211 -15.96 -10.36 -5.55
C LYS B 211 -15.20 -11.45 -4.79
N TYR B 212 -15.46 -12.73 -5.09
CA TYR B 212 -15.00 -13.80 -4.21
C TYR B 212 -13.48 -13.99 -4.20
N LEU B 213 -12.81 -13.76 -5.32
CA LEU B 213 -11.40 -14.10 -5.44
C LEU B 213 -10.60 -13.17 -4.52
N SER B 214 -10.93 -11.89 -4.50
CA SER B 214 -10.36 -10.97 -3.52
C SER B 214 -10.89 -11.36 -2.15
N GLY B 215 -12.20 -11.55 -2.12
CA GLY B 215 -12.91 -11.93 -0.89
C GLY B 215 -13.09 -10.91 0.24
N HIS B 216 -12.43 -9.75 0.14
CA HIS B 216 -12.36 -8.84 1.30
C HIS B 216 -12.84 -7.43 1.01
N GLY B 217 -13.34 -7.18 -0.20
CA GLY B 217 -14.02 -5.95 -0.59
C GLY B 217 -13.15 -4.71 -0.63
N ASP B 218 -11.85 -4.87 -0.85
CA ASP B 218 -10.92 -3.75 -0.88
C ASP B 218 -10.21 -3.50 -2.20
N ILE B 219 -10.51 -4.31 -3.19
CA ILE B 219 -10.03 -4.03 -4.53
C ILE B 219 -11.13 -4.23 -5.56
N THR B 220 -11.00 -3.44 -6.61
CA THR B 220 -11.59 -3.71 -7.90
C THR B 220 -10.55 -4.37 -8.86
N ALA B 221 -10.90 -5.54 -9.42
CA ALA B 221 -10.05 -6.24 -10.38
C ALA B 221 -10.84 -7.25 -11.26
N GLY B 222 -10.24 -7.60 -12.40
CA GLY B 222 -10.70 -8.67 -13.27
C GLY B 222 -9.61 -9.65 -13.75
N ILE B 223 -10.04 -10.84 -14.16
CA ILE B 223 -9.16 -11.83 -14.73
C ILE B 223 -9.76 -12.39 -16.00
N VAL B 224 -8.88 -12.78 -16.90
CA VAL B 224 -9.22 -13.57 -18.07
C VAL B 224 -8.29 -14.78 -18.09
N VAL B 225 -8.84 -15.97 -18.36
CA VAL B 225 -8.04 -17.16 -18.50
C VAL B 225 -8.54 -17.91 -19.73
N GLY B 226 -7.62 -18.53 -20.44
CA GLY B 226 -7.96 -19.33 -21.60
C GLY B 226 -6.68 -19.71 -22.32
N SER B 227 -6.78 -19.84 -23.64
CA SER B 227 -5.65 -20.32 -24.41
C SER B 227 -4.59 -19.20 -24.59
N GLN B 228 -3.31 -19.57 -24.69
CA GLN B 228 -2.29 -18.60 -25.09
C GLN B 228 -2.71 -17.76 -26.30
N ALA B 229 -3.27 -18.42 -27.31
CA ALA B 229 -3.61 -17.74 -28.55
C ALA B 229 -4.57 -16.59 -28.25
N LEU B 230 -5.68 -16.92 -27.58
CA LEU B 230 -6.72 -15.95 -27.25
C LEU B 230 -6.31 -14.86 -26.25
N VAL B 231 -5.53 -15.23 -25.24
CA VAL B 231 -5.14 -14.30 -24.21
C VAL B 231 -4.07 -13.35 -24.72
N ASP B 232 -3.13 -13.84 -25.53
CA ASP B 232 -2.12 -12.97 -26.14
C ASP B 232 -2.85 -11.88 -26.93
N ARG B 233 -3.94 -12.22 -27.62
CA ARG B 233 -4.69 -11.23 -28.39
C ARG B 233 -5.39 -10.24 -27.47
N ILE B 234 -6.00 -10.74 -26.41
CA ILE B 234 -6.72 -9.86 -25.51
C ILE B 234 -5.76 -8.88 -24.81
N ARG B 235 -4.58 -9.38 -24.46
CA ARG B 235 -3.55 -8.57 -23.81
C ARG B 235 -3.08 -7.50 -24.76
N LEU B 236 -2.74 -7.91 -25.98
CA LEU B 236 -1.96 -7.06 -26.88
C LEU B 236 -2.86 -6.13 -27.69
N GLN B 237 -4.18 -6.38 -27.68
CA GLN B 237 -5.12 -5.56 -28.46
C GLN B 237 -6.17 -4.95 -27.52
N GLY B 238 -6.97 -5.80 -26.90
CA GLY B 238 -8.08 -5.35 -26.07
C GLY B 238 -7.63 -4.49 -24.91
N LEU B 239 -6.57 -4.92 -24.24
CA LEU B 239 -6.05 -4.24 -23.06
C LEU B 239 -5.05 -3.14 -23.43
N LYS B 240 -4.03 -3.47 -24.20
CA LYS B 240 -2.97 -2.53 -24.51
C LYS B 240 -3.54 -1.25 -25.12
N ASP B 241 -4.41 -1.45 -26.13
CA ASP B 241 -4.98 -0.41 -27.02
C ASP B 241 -6.44 0.04 -26.77
N MET B 242 -7.34 -0.86 -26.37
CA MET B 242 -8.78 -0.53 -26.39
C MET B 242 -9.43 -0.21 -25.04
N THR B 243 -8.86 -0.70 -23.95
CA THR B 243 -9.41 -0.37 -22.64
C THR B 243 -8.44 0.38 -21.76
N GLY B 244 -7.15 0.05 -21.82
CA GLY B 244 -6.16 0.55 -20.88
C GLY B 244 -6.49 0.26 -19.40
N ALA B 245 -7.23 -0.83 -19.16
CA ALA B 245 -7.65 -1.23 -17.81
C ALA B 245 -6.53 -2.02 -17.10
N VAL B 246 -5.50 -1.27 -16.71
CA VAL B 246 -4.29 -1.81 -16.11
C VAL B 246 -4.50 -1.97 -14.62
N LEU B 247 -4.31 -3.18 -14.10
CA LEU B 247 -4.36 -3.45 -12.68
C LEU B 247 -3.11 -2.98 -11.96
N SER B 248 -3.32 -2.29 -10.84
CA SER B 248 -2.26 -1.87 -9.91
C SER B 248 -1.55 -3.08 -9.31
N PRO B 249 -0.23 -3.14 -9.39
CA PRO B 249 0.53 -4.21 -8.71
C PRO B 249 0.22 -4.39 -7.20
N HIS B 250 -0.05 -3.28 -6.54
CA HIS B 250 -0.55 -3.29 -5.17
C HIS B 250 -1.80 -4.17 -4.98
N ASP B 251 -2.81 -3.92 -5.81
CA ASP B 251 -4.10 -4.64 -5.75
C ASP B 251 -3.93 -6.07 -6.28
N ALA B 252 -3.05 -6.27 -7.25
CA ALA B 252 -2.82 -7.60 -7.74
C ALA B 252 -2.29 -8.41 -6.58
N ALA B 253 -1.43 -7.79 -5.75
CA ALA B 253 -0.87 -8.48 -4.55
C ALA B 253 -1.89 -8.74 -3.47
N LEU B 254 -2.85 -7.83 -3.27
CA LEU B 254 -3.95 -8.12 -2.37
C LEU B 254 -4.82 -9.27 -2.94
N LEU B 255 -4.99 -9.30 -4.25
CA LEU B 255 -5.76 -10.36 -4.86
C LEU B 255 -5.11 -11.72 -4.64
N MET B 256 -3.80 -11.82 -4.88
CA MET B 256 -3.07 -13.06 -4.59
C MET B 256 -3.21 -13.45 -3.13
N ARG B 257 -3.29 -12.45 -2.25
CA ARG B 257 -3.46 -12.69 -0.83
C ARG B 257 -4.84 -13.30 -0.53
N GLY B 258 -5.87 -12.74 -1.15
CA GLY B 258 -7.21 -13.27 -1.04
C GLY B 258 -7.32 -14.69 -1.57
N ILE B 259 -6.66 -14.98 -2.68
CA ILE B 259 -6.79 -16.29 -3.31
C ILE B 259 -6.28 -17.38 -2.38
N LYS B 260 -5.35 -17.00 -1.51
CA LYS B 260 -4.72 -17.97 -0.60
C LYS B 260 -5.71 -18.61 0.39
N THR B 261 -6.83 -17.94 0.69
CA THR B 261 -7.88 -18.54 1.50
C THR B 261 -9.13 -18.93 0.75
N LEU B 262 -9.07 -19.03 -0.57
CA LEU B 262 -10.28 -19.14 -1.39
C LEU B 262 -11.15 -20.38 -1.10
N ASN B 263 -10.52 -21.55 -1.05
CA ASN B 263 -11.22 -22.78 -0.67
C ASN B 263 -11.93 -22.65 0.68
N LEU B 264 -11.21 -22.06 1.63
CA LEU B 264 -11.68 -22.02 3.00
C LEU B 264 -12.92 -21.12 3.08
N ARG B 265 -12.85 -19.96 2.41
CA ARG B 265 -13.93 -18.98 2.42
C ARG B 265 -15.13 -19.48 1.62
N MET B 266 -14.88 -20.13 0.49
CA MET B 266 -15.95 -20.66 -0.36
C MET B 266 -16.65 -21.80 0.37
N ASP B 267 -15.92 -22.66 1.07
CA ASP B 267 -16.56 -23.67 1.93
C ASP B 267 -17.50 -22.99 2.90
N ARG B 268 -17.05 -21.95 3.58
CA ARG B 268 -17.90 -21.30 4.54
C ARG B 268 -19.05 -20.55 3.89
N HIS B 269 -18.79 -19.81 2.85
CA HIS B 269 -19.86 -19.11 2.16
C HIS B 269 -21.00 -20.14 1.87
N CYS B 270 -20.59 -21.30 1.36
CA CYS B 270 -21.52 -22.34 0.88
C CYS B 270 -22.24 -23.01 2.02
N ALA B 271 -21.59 -23.15 3.16
CA ALA B 271 -22.23 -23.75 4.32
C ALA B 271 -23.24 -22.79 4.93
N ASN B 272 -22.86 -21.51 5.05
CA ASN B 272 -23.79 -20.48 5.54
C ASN B 272 -24.99 -20.30 4.62
N ALA B 273 -24.74 -20.18 3.33
CA ALA B 273 -25.75 -20.02 2.32
C ALA B 273 -26.76 -21.22 2.31
N GLN B 274 -26.28 -22.44 2.53
CA GLN B 274 -27.16 -23.62 2.59
C GLN B 274 -28.15 -23.49 3.73
N VAL B 275 -27.63 -23.27 4.96
CA VAL B 275 -28.48 -23.15 6.13
C VAL B 275 -29.53 -22.08 5.87
N LEU B 276 -29.12 -20.90 5.41
CA LEU B 276 -30.06 -19.79 5.23
C LEU B 276 -31.13 -20.04 4.18
N ALA B 277 -30.81 -20.82 3.17
CA ALA B 277 -31.76 -21.05 2.09
C ALA B 277 -32.77 -22.11 2.54
N GLU B 278 -32.35 -23.06 3.37
CA GLU B 278 -33.26 -24.05 3.93
C GLU B 278 -34.23 -23.32 4.86
N PHE B 279 -33.69 -22.44 5.71
CA PHE B 279 -34.49 -21.61 6.58
C PHE B 279 -35.51 -20.85 5.76
N LEU B 280 -35.04 -20.06 4.80
CA LEU B 280 -35.91 -19.16 4.03
C LEU B 280 -37.05 -19.92 3.31
N ALA B 281 -36.76 -21.16 2.93
CA ALA B 281 -37.68 -22.01 2.20
C ALA B 281 -38.91 -22.37 3.04
N ARG B 282 -38.73 -22.49 4.36
CA ARG B 282 -39.81 -22.79 5.33
C ARG B 282 -40.52 -21.54 5.86
N GLN B 283 -40.53 -20.45 5.11
CA GLN B 283 -40.98 -19.18 5.66
C GLN B 283 -42.19 -18.62 4.91
N PRO B 284 -43.28 -18.33 5.67
CA PRO B 284 -44.57 -17.90 5.08
C PRO B 284 -44.47 -16.64 4.22
N GLN B 285 -43.58 -15.73 4.63
CA GLN B 285 -43.33 -14.46 3.93
C GLN B 285 -42.66 -14.67 2.56
N VAL B 286 -41.90 -15.75 2.42
CA VAL B 286 -41.12 -16.04 1.21
C VAL B 286 -41.89 -16.87 0.20
N GLU B 287 -42.20 -16.27 -0.93
CA GLU B 287 -42.83 -16.96 -2.05
C GLU B 287 -41.88 -18.01 -2.64
N LEU B 288 -41.12 -17.63 -3.65
CA LEU B 288 -40.26 -18.57 -4.37
C LEU B 288 -38.83 -18.43 -3.81
N ILE B 289 -37.94 -19.35 -4.17
CA ILE B 289 -36.57 -19.25 -3.74
C ILE B 289 -35.60 -19.99 -4.66
N HIS B 290 -34.55 -19.25 -5.07
CA HIS B 290 -33.56 -19.67 -6.06
C HIS B 290 -32.16 -19.98 -5.48
N TYR B 291 -31.98 -21.14 -4.89
CA TYR B 291 -30.66 -21.59 -4.44
C TYR B 291 -30.39 -22.97 -5.04
N PRO B 292 -29.30 -23.14 -5.82
CA PRO B 292 -28.94 -24.45 -6.42
C PRO B 292 -28.82 -25.67 -5.53
N GLY B 293 -28.71 -25.52 -4.21
CA GLY B 293 -28.50 -26.66 -3.32
C GLY B 293 -29.76 -27.20 -2.65
N LEU B 294 -30.90 -26.53 -2.88
CA LEU B 294 -32.22 -27.06 -2.59
C LEU B 294 -32.62 -28.15 -3.61
N ALA B 295 -33.19 -29.24 -3.13
CA ALA B 295 -33.66 -30.28 -4.04
C ALA B 295 -34.74 -29.75 -5.03
N SER B 296 -35.51 -28.76 -4.59
CA SER B 296 -36.53 -28.14 -5.42
C SER B 296 -36.02 -27.32 -6.61
N PHE B 297 -34.76 -26.88 -6.57
CA PHE B 297 -34.20 -26.01 -7.61
C PHE B 297 -34.38 -26.64 -9.00
N PRO B 298 -34.99 -25.93 -9.95
CA PRO B 298 -35.32 -26.50 -11.28
C PRO B 298 -34.18 -27.29 -11.94
N GLN B 299 -33.00 -26.66 -12.05
CA GLN B 299 -31.84 -27.29 -12.68
C GLN B 299 -30.90 -27.98 -11.69
N TYR B 300 -31.44 -28.60 -10.64
CA TYR B 300 -30.61 -29.21 -9.59
C TYR B 300 -29.56 -30.20 -10.16
N THR B 301 -29.90 -30.86 -11.27
CA THR B 301 -29.07 -31.93 -11.80
C THR B 301 -27.93 -31.36 -12.61
N LEU B 302 -28.22 -30.32 -13.36
CA LEU B 302 -27.20 -29.63 -14.14
C LEU B 302 -26.15 -28.93 -13.23
N ALA B 303 -26.61 -28.36 -12.13
CA ALA B 303 -25.79 -27.55 -11.25
C ALA B 303 -24.82 -28.42 -10.48
N ARG B 304 -25.26 -29.59 -10.07
CA ARG B 304 -24.39 -30.55 -9.40
C ARG B 304 -23.41 -31.19 -10.39
N GLN B 305 -23.70 -31.14 -11.67
CA GLN B 305 -22.76 -31.63 -12.68
C GLN B 305 -21.61 -30.62 -12.84
N GLN B 306 -21.94 -29.33 -12.92
CA GLN B 306 -20.96 -28.28 -13.19
C GLN B 306 -20.29 -27.67 -11.93
N MET B 307 -21.01 -27.65 -10.82
CA MET B 307 -20.59 -26.99 -9.56
C MET B 307 -20.34 -28.00 -8.44
N SER B 308 -19.18 -27.92 -7.77
CA SER B 308 -18.81 -28.91 -6.73
C SER B 308 -19.56 -28.59 -5.45
N GLN B 309 -19.94 -27.34 -5.32
CA GLN B 309 -20.80 -26.84 -4.25
C GLN B 309 -21.76 -25.80 -4.83
N PRO B 310 -22.92 -25.62 -4.17
CA PRO B 310 -24.01 -24.74 -4.64
C PRO B 310 -23.90 -23.20 -4.55
N GLY B 311 -22.73 -22.68 -4.20
CA GLY B 311 -22.54 -21.25 -4.09
C GLY B 311 -22.92 -20.55 -2.78
N GLY B 312 -22.70 -19.23 -2.78
CA GLY B 312 -22.87 -18.36 -1.62
C GLY B 312 -24.01 -17.36 -1.79
N MET B 313 -24.58 -17.27 -2.99
CA MET B 313 -25.68 -16.34 -3.30
C MET B 313 -27.08 -16.98 -3.18
N ILE B 314 -28.01 -16.26 -2.54
CA ILE B 314 -29.42 -16.65 -2.51
C ILE B 314 -30.25 -15.57 -3.16
N ALA B 315 -31.22 -15.98 -3.96
CA ALA B 315 -32.30 -15.09 -4.41
C ALA B 315 -33.64 -15.61 -3.88
N PHE B 316 -34.47 -14.72 -3.35
CA PHE B 316 -35.80 -15.09 -2.95
C PHE B 316 -36.74 -13.95 -3.31
N GLU B 317 -37.99 -14.29 -3.60
CA GLU B 317 -39.03 -13.33 -3.89
C GLU B 317 -39.99 -13.37 -2.69
N LEU B 318 -40.46 -12.19 -2.31
CA LEU B 318 -41.23 -11.95 -1.07
C LEU B 318 -42.70 -11.70 -1.40
N LYS B 319 -43.61 -12.14 -0.54
CA LYS B 319 -45.04 -12.11 -0.90
C LYS B 319 -45.61 -10.68 -0.94
N GLY B 320 -45.22 -9.81 0.00
CA GLY B 320 -45.67 -8.43 -0.02
C GLY B 320 -45.18 -7.55 -1.18
N GLY B 321 -44.50 -8.13 -2.18
CA GLY B 321 -44.05 -7.35 -3.34
C GLY B 321 -42.93 -6.36 -3.02
N ILE B 322 -42.99 -5.15 -3.61
CA ILE B 322 -41.99 -4.09 -3.33
C ILE B 322 -42.03 -3.55 -1.89
N GLY B 323 -43.21 -3.43 -1.32
CA GLY B 323 -43.37 -2.83 0.00
C GLY B 323 -42.65 -3.69 1.02
N ALA B 324 -42.81 -5.01 0.88
CA ALA B 324 -42.14 -5.97 1.75
C ALA B 324 -40.61 -6.05 1.50
N GLY B 325 -40.18 -5.70 0.29
CA GLY B 325 -38.77 -5.53 0.00
C GLY B 325 -38.18 -4.40 0.83
N ARG B 326 -38.74 -3.21 0.67
CA ARG B 326 -38.28 -2.03 1.42
C ARG B 326 -38.25 -2.21 2.93
N ARG B 327 -39.20 -2.94 3.50
CA ARG B 327 -39.25 -3.11 4.95
C ARG B 327 -38.18 -4.08 5.39
N PHE B 328 -38.03 -5.17 4.64
CA PHE B 328 -37.02 -6.20 4.90
C PHE B 328 -35.61 -5.62 4.85
N MET B 329 -35.31 -4.92 3.77
CA MET B 329 -33.99 -4.31 3.57
C MET B 329 -33.67 -3.32 4.68
N ASN B 330 -34.59 -2.42 4.99
CA ASN B 330 -34.34 -1.39 5.97
C ASN B 330 -34.28 -1.95 7.39
N ALA B 331 -34.74 -3.19 7.57
CA ALA B 331 -34.72 -3.86 8.87
C ALA B 331 -33.44 -4.62 9.22
N LEU B 332 -32.59 -4.85 8.22
CA LEU B 332 -31.33 -5.59 8.42
C LEU B 332 -30.36 -4.80 9.28
N GLN B 333 -29.76 -5.44 10.27
CA GLN B 333 -28.80 -4.80 11.16
C GLN B 333 -27.40 -5.38 10.96
N LEU B 334 -27.31 -6.63 10.50
CA LEU B 334 -26.04 -7.31 10.23
C LEU B 334 -25.73 -7.35 8.74
N PHE B 335 -26.57 -7.94 7.91
CA PHE B 335 -26.43 -7.80 6.46
C PHE B 335 -26.34 -6.29 6.13
N SER B 336 -25.54 -5.91 5.13
CA SER B 336 -25.38 -4.50 4.74
C SER B 336 -26.18 -4.28 3.48
N ARG B 337 -26.70 -3.07 3.30
CA ARG B 337 -27.43 -2.74 2.07
C ARG B 337 -26.44 -2.15 1.09
N ALA B 338 -26.03 -2.97 0.15
CA ALA B 338 -25.09 -2.53 -0.84
C ALA B 338 -25.16 -3.47 -2.03
N VAL B 339 -24.71 -2.98 -3.19
CA VAL B 339 -24.54 -3.80 -4.37
C VAL B 339 -23.24 -4.54 -4.11
N SER B 340 -22.91 -5.51 -4.95
CA SER B 340 -21.67 -6.27 -4.83
C SER B 340 -21.93 -7.52 -4.04
N LEU B 341 -20.94 -8.42 -4.08
CA LEU B 341 -21.04 -9.74 -3.49
C LEU B 341 -19.65 -10.36 -3.25
N GLY B 342 -19.64 -11.51 -2.56
CA GLY B 342 -18.44 -12.30 -2.34
C GLY B 342 -17.44 -11.65 -1.39
N ASP B 343 -17.98 -10.95 -0.40
CA ASP B 343 -17.25 -10.23 0.63
C ASP B 343 -17.38 -11.01 1.93
N ALA B 344 -16.46 -10.76 2.86
CA ALA B 344 -16.54 -11.42 4.16
C ALA B 344 -17.82 -10.99 4.84
N GLU B 345 -18.23 -9.75 4.64
CA GLU B 345 -19.44 -9.29 5.26
C GLU B 345 -20.63 -9.54 4.33
N SER B 346 -21.76 -9.95 4.92
CA SER B 346 -22.95 -10.33 4.18
C SER B 346 -23.63 -9.12 3.58
N LEU B 347 -24.00 -9.22 2.30
CA LEU B 347 -24.64 -8.13 1.57
C LEU B 347 -26.04 -8.52 1.11
N ALA B 348 -26.86 -7.51 0.92
CA ALA B 348 -28.24 -7.71 0.56
C ALA B 348 -28.60 -6.60 -0.37
N GLN B 349 -29.22 -6.97 -1.49
CA GLN B 349 -29.87 -5.99 -2.33
C GLN B 349 -31.22 -6.51 -2.84
N HIS B 350 -31.95 -5.59 -3.46
CA HIS B 350 -33.39 -5.69 -3.73
C HIS B 350 -33.59 -4.66 -4.83
N PRO B 351 -33.31 -5.05 -6.07
CA PRO B 351 -33.33 -4.13 -7.23
C PRO B 351 -34.57 -3.25 -7.39
N ALA B 352 -35.73 -3.72 -6.93
CA ALA B 352 -36.95 -2.92 -6.96
C ALA B 352 -36.87 -1.54 -6.25
N SER B 353 -36.24 -1.45 -5.08
CA SER B 353 -36.08 -0.16 -4.38
C SER B 353 -34.66 0.41 -4.35
N MET B 354 -33.77 -0.10 -5.21
CA MET B 354 -32.37 0.30 -5.17
C MET B 354 -31.78 0.46 -6.58
N THR B 355 -31.29 -0.64 -7.14
CA THR B 355 -30.46 -0.56 -8.34
C THR B 355 -31.30 -0.17 -9.53
N HIS B 356 -32.47 -0.81 -9.63
CA HIS B 356 -33.48 -0.53 -10.64
C HIS B 356 -34.71 0.04 -9.94
N SER B 357 -34.52 1.10 -9.16
CA SER B 357 -35.60 1.69 -8.35
C SER B 357 -36.57 2.55 -9.17
N SER B 358 -36.04 3.32 -10.13
CA SER B 358 -36.86 4.07 -11.04
C SER B 358 -36.80 3.42 -12.43
N TYR B 359 -37.39 2.23 -12.52
CA TYR B 359 -37.62 1.53 -13.79
C TYR B 359 -39.12 1.20 -14.04
N THR B 360 -39.96 1.42 -12.99
CA THR B 360 -41.37 0.97 -12.90
C THR B 360 -41.60 -0.51 -13.27
N PRO B 361 -42.56 -1.14 -12.61
CA PRO B 361 -42.73 -2.60 -12.67
C PRO B 361 -42.61 -3.29 -14.05
N GLU B 362 -42.90 -2.60 -15.16
CA GLU B 362 -42.95 -3.26 -16.47
C GLU B 362 -41.57 -3.52 -17.12
N GLU B 363 -40.76 -2.47 -17.33
CA GLU B 363 -39.37 -2.66 -17.82
C GLU B 363 -38.57 -3.66 -16.95
N ARG B 364 -38.93 -3.75 -15.66
CA ARG B 364 -38.39 -4.76 -14.72
C ARG B 364 -38.82 -6.18 -15.05
N ALA B 365 -40.10 -6.34 -15.41
CA ALA B 365 -40.60 -7.61 -15.90
C ALA B 365 -39.78 -8.13 -17.09
N HIS B 366 -39.43 -7.25 -18.04
CA HIS B 366 -38.67 -7.62 -19.27
C HIS B 366 -37.15 -7.88 -19.01
N TYR B 367 -36.73 -7.99 -17.74
CA TYR B 367 -35.34 -8.36 -17.37
C TYR B 367 -35.19 -9.54 -16.36
N GLY B 368 -36.32 -10.14 -15.93
CA GLY B 368 -36.29 -11.25 -14.98
C GLY B 368 -36.59 -10.78 -13.57
N ILE B 369 -36.55 -9.46 -13.34
CA ILE B 369 -36.64 -8.84 -12.01
C ILE B 369 -38.06 -8.75 -11.48
N SER B 370 -38.40 -9.68 -10.60
CA SER B 370 -39.62 -9.63 -9.81
C SER B 370 -39.67 -8.39 -8.91
N GLU B 371 -40.89 -7.94 -8.62
CA GLU B 371 -41.11 -6.74 -7.80
C GLU B 371 -40.69 -6.99 -6.35
N GLY B 372 -40.71 -8.25 -5.92
CA GLY B 372 -40.28 -8.61 -4.57
C GLY B 372 -38.93 -9.33 -4.46
N LEU B 373 -38.11 -9.29 -5.51
CA LEU B 373 -36.86 -10.07 -5.52
C LEU B 373 -35.78 -9.48 -4.60
N VAL B 374 -35.22 -10.32 -3.74
CA VAL B 374 -34.16 -9.92 -2.82
C VAL B 374 -32.96 -10.84 -3.01
N ARG B 375 -31.80 -10.29 -3.34
CA ARG B 375 -30.58 -11.07 -3.49
C ARG B 375 -29.67 -10.97 -2.26
N LEU B 376 -29.18 -12.10 -1.79
CA LEU B 376 -28.28 -12.18 -0.67
C LEU B 376 -26.90 -12.69 -1.12
N SER B 377 -25.85 -11.97 -0.77
CA SER B 377 -24.51 -12.52 -0.75
C SER B 377 -24.22 -12.94 0.67
N VAL B 378 -24.26 -14.25 0.93
CA VAL B 378 -24.07 -14.74 2.28
C VAL B 378 -22.57 -14.75 2.59
N GLY B 379 -22.24 -14.18 3.75
CA GLY B 379 -20.86 -13.94 4.15
C GLY B 379 -20.39 -14.95 5.17
N LEU B 380 -19.36 -14.56 5.92
CA LEU B 380 -18.55 -15.49 6.71
C LEU B 380 -18.83 -15.39 8.17
N GLU B 381 -19.75 -14.50 8.53
CA GLU B 381 -20.19 -14.31 9.91
C GLU B 381 -20.74 -15.59 10.54
N ASP B 382 -20.87 -15.62 11.84
CA ASP B 382 -21.52 -16.75 12.50
C ASP B 382 -22.98 -16.96 11.98
N ILE B 383 -23.26 -18.21 11.60
CA ILE B 383 -24.55 -18.52 10.98
C ILE B 383 -25.76 -18.15 11.87
N ASP B 384 -25.63 -18.29 13.18
CA ASP B 384 -26.70 -17.89 14.10
C ASP B 384 -27.06 -16.41 14.12
N ASP B 385 -26.06 -15.54 14.03
CA ASP B 385 -26.29 -14.09 13.95
C ASP B 385 -26.98 -13.73 12.66
N LEU B 386 -26.60 -14.41 11.59
CA LEU B 386 -27.17 -14.16 10.28
C LEU B 386 -28.59 -14.67 10.20
N LEU B 387 -28.85 -15.82 10.84
CA LEU B 387 -30.20 -16.36 10.93
C LEU B 387 -31.06 -15.33 11.67
N ALA B 388 -30.66 -15.00 12.89
CA ALA B 388 -31.36 -14.01 13.73
C ALA B 388 -31.73 -12.73 12.97
N ASP B 389 -30.83 -12.24 12.13
CA ASP B 389 -31.04 -10.98 11.42
C ASP B 389 -32.05 -11.11 10.29
N VAL B 390 -32.01 -12.23 9.59
CA VAL B 390 -33.01 -12.55 8.58
C VAL B 390 -34.36 -12.83 9.29
N GLN B 391 -34.35 -13.66 10.33
CA GLN B 391 -35.53 -13.91 11.18
C GLN B 391 -36.25 -12.59 11.45
N GLN B 392 -35.60 -11.73 12.23
CA GLN B 392 -36.09 -10.41 12.59
C GLN B 392 -36.60 -9.51 11.44
N ALA B 393 -36.01 -9.65 10.26
CA ALA B 393 -36.36 -8.80 9.12
C ALA B 393 -37.52 -9.34 8.28
N LEU B 394 -37.79 -10.63 8.36
CA LEU B 394 -39.02 -11.17 7.79
C LEU B 394 -40.21 -10.67 8.64
N LYS B 395 -40.08 -10.72 9.97
CA LYS B 395 -41.12 -10.24 10.88
C LYS B 395 -41.54 -8.83 10.53
N ALA B 396 -40.55 -7.95 10.34
CA ALA B 396 -40.82 -6.55 10.09
C ALA B 396 -41.28 -6.26 8.68
N SER B 397 -41.11 -7.20 7.74
CA SER B 397 -41.57 -7.01 6.35
C SER B 397 -43.12 -7.03 6.15
N ALA B 398 -43.86 -7.57 7.12
CA ALA B 398 -45.32 -7.57 7.09
C ALA B 398 -45.92 -6.16 7.09
N MET C 1 -29.17 -17.19 25.50
CA MET C 1 -30.19 -17.59 24.48
C MET C 1 -30.51 -16.40 23.53
N HIS C 2 -31.37 -15.46 23.96
CA HIS C 2 -31.80 -14.32 23.10
C HIS C 2 -31.64 -12.89 23.73
N GLY C 3 -31.37 -12.79 25.05
CA GLY C 3 -31.41 -11.54 25.82
C GLY C 3 -30.82 -10.29 25.15
N SER C 4 -31.48 -9.13 25.33
CA SER C 4 -31.12 -7.86 24.64
C SER C 4 -29.61 -7.45 24.68
N ASN C 5 -28.92 -7.77 25.80
CA ASN C 5 -27.44 -7.75 25.88
C ASN C 5 -26.86 -9.08 25.27
N LYS C 6 -27.04 -9.31 23.96
CA LYS C 6 -26.60 -10.55 23.25
C LYS C 6 -25.17 -10.36 22.68
N LEU C 7 -24.34 -11.41 22.77
CA LEU C 7 -22.98 -11.32 22.20
C LEU C 7 -22.86 -12.05 20.84
N PRO C 8 -22.54 -11.31 19.76
CA PRO C 8 -22.25 -11.93 18.46
C PRO C 8 -21.07 -12.89 18.56
N GLY C 9 -21.06 -13.94 17.75
CA GLY C 9 -20.02 -14.96 17.81
C GLY C 9 -18.67 -14.48 17.28
N PHE C 10 -17.65 -15.30 17.48
CA PHE C 10 -16.28 -14.93 17.20
C PHE C 10 -16.12 -14.42 15.78
N ALA C 11 -16.58 -15.19 14.80
CA ALA C 11 -16.40 -14.84 13.39
C ALA C 11 -17.05 -13.54 13.00
N THR C 12 -18.26 -13.29 13.52
CA THR C 12 -18.96 -12.02 13.28
C THR C 12 -18.18 -10.79 13.77
N ARG C 13 -17.76 -10.80 15.03
CA ARG C 13 -16.95 -9.74 15.64
C ARG C 13 -15.57 -9.50 14.94
N ALA C 14 -14.91 -10.60 14.56
CA ALA C 14 -13.63 -10.56 13.84
C ALA C 14 -13.78 -9.77 12.54
N ILE C 15 -15.00 -9.72 12.02
CA ILE C 15 -15.27 -9.11 10.75
C ILE C 15 -15.84 -7.70 10.89
N HIS C 16 -16.60 -7.48 11.97
CA HIS C 16 -17.44 -6.30 12.14
C HIS C 16 -17.17 -5.47 13.37
N HIS C 17 -16.62 -6.03 14.43
CA HIS C 17 -16.64 -5.32 15.68
C HIS C 17 -16.07 -3.87 15.64
N GLY C 18 -16.85 -2.90 16.11
CA GLY C 18 -16.33 -1.55 16.31
C GLY C 18 -16.38 -0.68 15.09
N TYR C 19 -16.95 -1.18 13.99
CA TYR C 19 -17.06 -0.37 12.79
C TYR C 19 -18.49 -0.35 12.21
N ASP C 20 -19.10 0.81 12.11
CA ASP C 20 -20.34 0.97 11.31
C ASP C 20 -19.98 1.68 9.99
N PRO C 21 -20.21 1.07 8.85
CA PRO C 21 -19.93 1.77 7.59
C PRO C 21 -20.58 3.15 7.48
N GLN C 22 -21.76 3.32 8.06
CA GLN C 22 -22.46 4.61 8.08
C GLN C 22 -21.71 5.79 8.69
N ASP C 23 -20.68 5.52 9.48
CA ASP C 23 -19.89 6.61 10.05
C ASP C 23 -18.75 7.06 9.13
N HIS C 24 -18.65 6.49 7.93
CA HIS C 24 -17.59 6.86 6.98
C HIS C 24 -18.10 6.72 5.56
N GLY C 25 -19.16 7.48 5.25
CA GLY C 25 -19.69 7.58 3.90
C GLY C 25 -20.23 6.30 3.33
N GLY C 26 -20.48 5.31 4.19
CA GLY C 26 -20.86 3.98 3.77
C GLY C 26 -19.75 2.97 3.46
N ALA C 27 -18.48 3.34 3.61
CA ALA C 27 -17.37 2.47 3.18
C ALA C 27 -17.45 1.14 3.88
N LEU C 28 -17.74 0.09 3.12
CA LEU C 28 -17.75 -1.26 3.66
C LEU C 28 -16.46 -1.56 4.43
N VAL C 29 -15.35 -1.33 3.74
CA VAL C 29 -14.03 -1.49 4.36
C VAL C 29 -13.63 -0.16 4.92
N PRO C 30 -13.12 -0.15 6.14
CA PRO C 30 -12.68 1.11 6.74
C PRO C 30 -11.54 1.76 5.97
N PRO C 31 -11.63 3.07 5.78
CA PRO C 31 -10.53 3.86 5.21
C PRO C 31 -9.26 3.78 6.03
N VAL C 32 -8.12 3.84 5.35
CA VAL C 32 -6.84 3.75 6.01
C VAL C 32 -6.30 5.16 6.28
N TYR C 33 -6.19 5.49 7.56
CA TYR C 33 -5.70 6.78 8.00
C TYR C 33 -4.20 6.74 7.99
N GLN C 34 -3.66 6.81 6.77
CA GLN C 34 -2.23 6.82 6.54
C GLN C 34 -1.74 8.27 6.67
N THR C 35 -1.77 8.77 7.91
CA THR C 35 -1.43 10.16 8.24
C THR C 35 -0.64 10.18 9.55
N ALA C 36 0.39 11.01 9.59
CA ALA C 36 1.26 11.13 10.76
C ALA C 36 0.62 12.03 11.78
N THR C 37 0.04 13.13 11.33
CA THR C 37 -0.55 14.09 12.24
C THR C 37 -1.99 14.46 11.93
N PHE C 38 -2.59 15.07 12.95
CA PHE C 38 -3.99 15.43 12.94
C PHE C 38 -4.18 16.84 13.36
N THR C 39 -5.28 17.42 12.89
CA THR C 39 -5.52 18.87 12.86
C THR C 39 -6.59 19.22 13.89
N PHE C 40 -6.61 20.47 14.37
CA PHE C 40 -7.62 20.95 15.35
C PHE C 40 -8.41 22.15 14.79
N PRO C 41 -9.72 22.22 15.05
CA PRO C 41 -10.56 23.33 14.58
C PRO C 41 -10.31 24.59 15.40
N THR C 42 -9.92 24.41 16.66
CA THR C 42 -9.33 25.46 17.48
C THR C 42 -8.22 24.93 18.37
N VAL C 43 -7.33 25.83 18.72
CA VAL C 43 -6.31 25.64 19.75
C VAL C 43 -6.80 24.96 21.05
N GLU C 44 -8.02 25.29 21.45
CA GLU C 44 -8.63 24.77 22.69
C GLU C 44 -9.03 23.30 22.54
N TYR C 45 -9.60 22.97 21.39
CA TYR C 45 -9.94 21.57 21.06
C TYR C 45 -8.71 20.68 21.14
N GLY C 46 -7.56 21.16 20.67
CA GLY C 46 -6.33 20.41 20.75
C GLY C 46 -5.76 20.34 22.16
N ALA C 47 -5.94 21.41 22.93
CA ALA C 47 -5.53 21.44 24.32
C ALA C 47 -6.25 20.36 25.12
N ALA C 48 -7.56 20.32 24.94
CA ALA C 48 -8.40 19.29 25.56
C ALA C 48 -8.41 18.08 24.64
N CYS C 49 -7.33 17.30 24.66
CA CYS C 49 -7.02 16.30 23.61
C CYS C 49 -5.68 15.68 23.96
N PHE C 50 -4.69 16.55 24.17
CA PHE C 50 -3.44 16.20 24.84
C PHE C 50 -3.78 15.86 26.28
N ALA C 51 -4.66 16.67 26.89
CA ALA C 51 -5.15 16.42 28.26
C ALA C 51 -5.95 15.12 28.44
N GLY C 52 -6.63 14.65 27.39
CA GLY C 52 -7.39 13.40 27.48
C GLY C 52 -8.90 13.59 27.53
N GLU C 53 -9.36 14.82 27.75
CA GLU C 53 -10.78 15.19 27.54
C GLU C 53 -11.01 15.25 26.04
N GLN C 54 -12.23 14.98 25.57
CA GLN C 54 -12.52 14.91 24.12
C GLN C 54 -11.72 13.78 23.37
N ALA C 55 -12.45 12.96 22.60
CA ALA C 55 -11.92 11.70 22.06
C ALA C 55 -11.14 11.81 20.73
N GLY C 56 -10.72 13.02 20.36
CA GLY C 56 -9.99 13.26 19.11
C GLY C 56 -8.55 12.75 19.07
N HIS C 57 -7.90 12.96 17.92
CA HIS C 57 -6.56 12.44 17.66
C HIS C 57 -5.56 13.57 17.40
N PHE C 58 -4.29 13.33 17.71
CA PHE C 58 -3.24 14.35 17.47
C PHE C 58 -1.98 13.86 16.73
N TYR C 59 -1.51 12.65 17.01
CA TYR C 59 -0.29 12.14 16.39
C TYR C 59 -0.30 10.62 16.40
N SER C 60 0.03 9.98 15.27
CA SER C 60 -0.25 8.55 15.08
C SER C 60 0.67 7.61 15.88
N ARG C 61 1.84 8.09 16.32
CA ARG C 61 2.64 7.32 17.27
C ARG C 61 1.86 7.10 18.59
N ILE C 62 1.22 8.15 19.10
CA ILE C 62 0.38 8.00 20.30
C ILE C 62 -0.84 7.12 20.00
N SER C 63 -1.67 7.51 19.01
CA SER C 63 -2.95 6.86 18.69
C SER C 63 -3.50 7.20 17.26
N ASN C 64 -4.09 6.24 16.57
CA ASN C 64 -4.56 6.47 15.18
C ASN C 64 -5.87 5.69 14.91
N PRO C 65 -6.88 6.28 14.25
CA PRO C 65 -8.19 5.63 14.11
C PRO C 65 -8.21 4.22 13.50
N THR C 66 -7.40 3.97 12.47
CA THR C 66 -7.24 2.64 11.93
C THR C 66 -6.68 1.70 12.99
N LEU C 67 -5.57 2.08 13.62
CA LEU C 67 -5.02 1.30 14.74
C LEU C 67 -6.05 1.08 15.86
N ASN C 68 -6.83 2.09 16.20
CA ASN C 68 -7.79 1.91 17.29
C ASN C 68 -8.88 0.93 16.94
N LEU C 69 -9.26 0.84 15.65
CA LEU C 69 -10.18 -0.18 15.23
C LEU C 69 -9.56 -1.54 15.45
N LEU C 70 -8.36 -1.76 14.95
CA LEU C 70 -7.68 -3.04 15.18
C LEU C 70 -7.61 -3.38 16.68
N GLU C 71 -7.33 -2.38 17.49
CA GLU C 71 -7.18 -2.53 18.93
C GLU C 71 -8.52 -2.90 19.63
N ALA C 72 -9.61 -2.27 19.23
CA ALA C 72 -10.93 -2.62 19.77
C ALA C 72 -11.37 -4.01 19.33
N ARG C 73 -11.03 -4.38 18.11
CA ARG C 73 -11.40 -5.71 17.59
C ARG C 73 -10.63 -6.78 18.31
N MET C 74 -9.33 -6.60 18.48
CA MET C 74 -8.53 -7.56 19.22
C MET C 74 -8.94 -7.63 20.69
N ALA C 75 -9.35 -6.49 21.28
CA ALA C 75 -9.82 -6.48 22.68
C ALA C 75 -11.03 -7.38 22.80
N SER C 76 -12.00 -7.16 21.94
CA SER C 76 -13.18 -8.00 21.85
C SER C 76 -12.86 -9.46 21.70
N LEU C 77 -12.05 -9.79 20.71
CA LEU C 77 -11.67 -11.18 20.48
C LEU C 77 -11.06 -11.84 21.69
N GLU C 78 -10.20 -11.16 22.44
CA GLU C 78 -9.58 -11.74 23.66
C GLU C 78 -10.41 -11.56 24.94
N GLY C 79 -11.47 -10.76 24.88
CA GLY C 79 -12.32 -10.51 26.02
C GLY C 79 -11.69 -9.63 27.07
N GLY C 80 -11.08 -8.53 26.61
CA GLY C 80 -10.34 -7.62 27.44
C GLY C 80 -10.90 -6.24 27.21
N GLU C 81 -10.52 -5.31 28.08
CA GLU C 81 -11.09 -3.96 28.08
C GLU C 81 -10.55 -3.10 26.96
N ALA C 82 -9.26 -3.24 26.66
CA ALA C 82 -8.59 -2.32 25.72
C ALA C 82 -7.38 -2.93 24.98
N GLY C 83 -7.12 -2.41 23.78
CA GLY C 83 -6.06 -2.95 22.93
C GLY C 83 -5.01 -1.94 22.52
N LEU C 84 -3.84 -2.46 22.15
CA LEU C 84 -2.75 -1.64 21.61
C LEU C 84 -2.02 -2.33 20.45
N ALA C 85 -1.83 -1.59 19.35
CA ALA C 85 -1.13 -2.11 18.16
C ALA C 85 0.28 -1.53 18.06
N LEU C 86 1.24 -2.39 17.79
CA LEU C 86 2.67 -2.01 17.76
C LEU C 86 3.37 -2.60 16.54
N ALA C 87 4.64 -2.23 16.34
CA ALA C 87 5.34 -2.53 15.07
C ALA C 87 5.76 -3.97 14.93
N SER C 88 5.80 -4.69 16.05
CA SER C 88 6.18 -6.08 16.08
C SER C 88 5.78 -6.69 17.41
N GLY C 89 5.72 -8.02 17.46
CA GLY C 89 5.64 -8.75 18.72
C GLY C 89 6.64 -8.30 19.78
N MET C 90 7.88 -8.04 19.37
CA MET C 90 8.90 -7.60 20.30
C MET C 90 8.56 -6.21 20.76
N GLY C 91 7.97 -5.44 19.86
CA GLY C 91 7.48 -4.13 20.22
C GLY C 91 6.50 -4.20 21.37
N ALA C 92 5.61 -5.18 21.33
CA ALA C 92 4.56 -5.33 22.32
C ALA C 92 5.16 -5.82 23.67
N ILE C 93 6.07 -6.77 23.59
CA ILE C 93 6.68 -7.37 24.76
C ILE C 93 7.49 -6.32 25.51
N THR C 94 8.42 -5.68 24.81
CA THR C 94 9.26 -4.69 25.42
C THR C 94 8.42 -3.48 25.91
N SER C 95 7.43 -3.03 25.14
CA SER C 95 6.69 -1.84 25.57
C SER C 95 5.93 -2.15 26.87
N THR C 96 5.46 -3.40 26.96
CA THR C 96 4.79 -3.90 28.14
C THR C 96 5.75 -3.93 29.33
N LEU C 97 6.88 -4.63 29.20
CA LEU C 97 7.79 -4.85 30.33
C LEU C 97 8.53 -3.62 30.82
N TRP C 98 8.83 -2.71 29.91
CA TRP C 98 9.49 -1.44 30.26
C TRP C 98 8.54 -0.55 31.04
N THR C 99 7.24 -0.71 30.83
CA THR C 99 6.25 0.01 31.61
C THR C 99 6.11 -0.52 33.07
N LEU C 100 6.06 -1.83 33.23
CA LEU C 100 5.79 -2.46 34.49
C LEU C 100 7.01 -2.80 35.35
N LEU C 101 8.22 -2.65 34.84
CA LEU C 101 9.38 -3.06 35.63
C LEU C 101 10.31 -1.89 35.89
N ARG C 102 10.98 -1.91 37.05
CA ARG C 102 11.97 -0.92 37.41
C ARG C 102 13.09 -1.65 38.18
N PRO C 103 14.26 -1.03 38.35
CA PRO C 103 15.37 -1.69 39.05
C PRO C 103 14.93 -2.25 40.37
N GLY C 104 15.31 -3.50 40.65
CA GLY C 104 14.99 -4.17 41.89
C GLY C 104 13.74 -5.04 41.85
N ASP C 105 12.75 -4.68 41.04
CA ASP C 105 11.63 -5.59 40.72
C ASP C 105 12.13 -6.92 40.13
N GLU C 106 11.36 -7.98 40.38
CA GLU C 106 11.62 -9.31 39.85
C GLU C 106 10.53 -9.69 38.85
N VAL C 107 10.95 -10.32 37.74
CA VAL C 107 10.02 -10.94 36.83
C VAL C 107 10.33 -12.42 36.85
N LEU C 108 9.27 -13.20 37.06
CA LEU C 108 9.32 -14.64 36.97
C LEU C 108 8.89 -15.08 35.58
N LEU C 109 9.65 -16.00 35.03
CA LEU C 109 9.62 -16.36 33.63
C LEU C 109 9.37 -17.86 33.40
N GLY C 110 8.53 -18.23 32.45
CA GLY C 110 8.50 -19.61 32.02
C GLY C 110 9.89 -20.12 31.64
N ASN C 111 10.10 -21.44 31.75
CA ASN C 111 11.44 -22.03 31.69
C ASN C 111 12.10 -21.76 30.38
N THR C 112 11.30 -21.79 29.32
CA THR C 112 11.79 -21.51 27.99
C THR C 112 11.01 -20.34 27.43
N LEU C 113 11.70 -19.57 26.59
CA LEU C 113 11.12 -18.43 25.91
C LEU C 113 11.63 -18.37 24.50
N TYR C 114 10.83 -17.76 23.64
CA TYR C 114 11.26 -17.32 22.30
C TYR C 114 12.60 -16.57 22.45
N GLY C 115 13.60 -16.99 21.68
CA GLY C 115 14.95 -16.46 21.78
C GLY C 115 15.12 -14.97 21.94
N CYS C 116 14.31 -14.21 21.22
CA CYS C 116 14.39 -12.77 21.26
C CYS C 116 13.82 -12.22 22.56
N THR C 117 12.81 -12.89 23.11
CA THR C 117 12.25 -12.48 24.38
C THR C 117 13.28 -12.73 25.50
N PHE C 118 13.89 -13.91 25.48
CA PHE C 118 14.96 -14.29 26.38
C PHE C 118 16.15 -13.33 26.29
N ALA C 119 16.43 -12.84 25.07
CA ALA C 119 17.54 -11.93 24.84
C ALA C 119 17.22 -10.55 25.48
N PHE C 120 16.03 -10.04 25.18
CA PHE C 120 15.53 -8.84 25.86
C PHE C 120 15.68 -8.95 27.36
N LEU C 121 15.24 -10.08 27.93
CA LEU C 121 15.21 -10.21 29.38
C LEU C 121 16.62 -10.31 29.91
N HIS C 122 17.46 -11.14 29.32
CA HIS C 122 18.76 -11.35 29.90
C HIS C 122 19.81 -10.31 29.53
N HIS C 123 19.83 -9.86 28.26
CA HIS C 123 20.88 -8.99 27.75
C HIS C 123 20.37 -7.57 27.53
N GLY C 124 19.11 -7.31 27.89
CA GLY C 124 18.51 -5.98 27.81
C GLY C 124 17.99 -5.46 29.16
N ILE C 125 16.69 -5.56 29.38
CA ILE C 125 16.08 -5.04 30.63
C ILE C 125 16.71 -5.63 31.91
N GLY C 126 17.13 -6.89 31.86
CA GLY C 126 17.88 -7.51 32.95
C GLY C 126 19.24 -6.89 33.28
N GLU C 127 19.92 -6.30 32.29
CA GLU C 127 21.16 -5.54 32.52
C GLU C 127 20.88 -4.10 33.06
N PHE C 128 19.62 -3.73 33.24
CA PHE C 128 19.28 -2.46 33.92
C PHE C 128 18.74 -2.69 35.34
N GLY C 129 19.29 -3.62 36.10
CA GLY C 129 18.84 -3.90 37.47
C GLY C 129 17.55 -4.71 37.76
N VAL C 130 16.87 -5.21 36.74
CA VAL C 130 15.63 -5.98 36.93
C VAL C 130 16.06 -7.43 37.12
N LYS C 131 15.62 -8.07 38.19
CA LYS C 131 16.03 -9.43 38.51
C LYS C 131 15.20 -10.42 37.71
N LEU C 132 15.81 -11.53 37.31
CA LEU C 132 15.11 -12.55 36.54
C LEU C 132 15.23 -13.90 37.20
N ARG C 133 14.09 -14.61 37.31
CA ARG C 133 14.12 -16.04 37.62
C ARG C 133 13.20 -16.84 36.71
N HIS C 134 13.74 -17.92 36.19
CA HIS C 134 12.96 -18.84 35.41
C HIS C 134 12.32 -19.86 36.32
N VAL C 135 11.06 -20.18 36.08
CA VAL C 135 10.35 -21.24 36.81
C VAL C 135 9.34 -21.95 35.92
N ASP C 136 9.10 -23.22 36.22
CA ASP C 136 8.10 -24.04 35.53
C ASP C 136 6.68 -23.63 35.92
N MET C 137 5.93 -23.07 34.98
CA MET C 137 4.61 -22.48 35.28
C MET C 137 3.46 -23.46 35.30
N ALA C 138 3.76 -24.76 35.20
CA ALA C 138 2.79 -25.84 35.40
C ALA C 138 2.87 -26.42 36.84
N ASP C 139 4.03 -26.25 37.45
CA ASP C 139 4.33 -26.66 38.82
C ASP C 139 3.97 -25.52 39.75
N LEU C 140 2.79 -25.56 40.34
CA LEU C 140 2.29 -24.46 41.16
C LEU C 140 2.98 -24.33 42.53
N GLN C 141 3.36 -25.43 43.16
CA GLN C 141 4.19 -25.36 44.38
C GLN C 141 5.47 -24.56 44.16
N ALA C 142 6.21 -24.93 43.12
CA ALA C 142 7.48 -24.26 42.77
C ALA C 142 7.31 -22.75 42.52
N LEU C 143 6.17 -22.37 41.95
CA LEU C 143 5.90 -20.98 41.64
C LEU C 143 5.60 -20.22 42.90
N GLU C 144 4.82 -20.82 43.81
CA GLU C 144 4.51 -20.14 45.06
C GLU C 144 5.81 -19.95 45.86
N ALA C 145 6.68 -20.94 45.84
CA ALA C 145 7.94 -20.86 46.57
C ALA C 145 8.89 -19.84 45.94
N ALA C 146 8.73 -19.62 44.64
CA ALA C 146 9.59 -18.71 43.89
C ALA C 146 9.21 -17.24 44.12
N MET C 147 7.97 -17.00 44.52
CA MET C 147 7.48 -15.64 44.68
C MET C 147 8.25 -14.95 45.79
N THR C 148 8.38 -13.63 45.65
CA THR C 148 9.01 -12.75 46.62
C THR C 148 8.28 -11.41 46.55
N PRO C 149 8.48 -10.52 47.52
CA PRO C 149 7.96 -9.16 47.43
C PRO C 149 8.46 -8.37 46.22
N ALA C 150 9.62 -8.69 45.70
CA ALA C 150 10.07 -8.00 44.50
C ALA C 150 9.25 -8.44 43.27
N THR C 151 8.58 -9.58 43.34
CA THR C 151 8.00 -10.20 42.16
C THR C 151 6.84 -9.37 41.68
N ARG C 152 7.02 -8.70 40.55
CA ARG C 152 5.98 -7.80 40.04
C ARG C 152 5.31 -8.30 38.79
N VAL C 153 5.96 -9.22 38.11
CA VAL C 153 5.46 -9.69 36.83
C VAL C 153 5.74 -11.16 36.68
N ILE C 154 4.76 -11.86 36.14
CA ILE C 154 4.96 -13.25 35.79
C ILE C 154 4.70 -13.39 34.28
N TYR C 155 5.73 -13.70 33.52
CA TYR C 155 5.61 -13.70 32.04
C TYR C 155 5.94 -15.08 31.50
N PHE C 156 5.07 -15.58 30.62
CA PHE C 156 5.29 -16.87 29.97
C PHE C 156 4.48 -17.01 28.70
N GLU C 157 4.84 -18.02 27.92
CA GLU C 157 4.11 -18.40 26.71
C GLU C 157 3.38 -19.68 27.04
N SER C 158 2.28 -19.95 26.37
CA SER C 158 1.64 -21.25 26.56
C SER C 158 0.72 -21.51 25.40
N PRO C 159 1.00 -22.53 24.60
CA PRO C 159 2.11 -23.46 24.76
C PRO C 159 3.47 -22.80 24.53
N ALA C 160 4.54 -23.30 25.18
CA ALA C 160 5.82 -22.63 25.09
C ALA C 160 6.79 -23.14 24.02
N ASN C 161 7.34 -22.18 23.28
CA ASN C 161 8.27 -22.34 22.12
C ASN C 161 9.45 -23.34 22.20
N PRO C 162 9.20 -24.48 22.92
CA PRO C 162 10.24 -25.57 22.98
C PRO C 162 9.76 -26.76 22.28
N ASN C 163 9.16 -27.37 23.29
CA ASN C 163 8.47 -28.62 23.34
C ASN C 163 6.97 -28.54 23.68
N MET C 164 6.35 -27.38 23.45
CA MET C 164 4.92 -27.17 23.65
C MET C 164 4.45 -27.39 25.11
N HIS C 165 5.41 -27.31 26.03
CA HIS C 165 5.11 -27.24 27.45
C HIS C 165 4.03 -26.19 27.75
N MET C 166 2.99 -26.61 28.46
CA MET C 166 1.87 -25.74 28.85
C MET C 166 2.05 -25.20 30.25
N ALA C 167 1.42 -24.07 30.53
CA ALA C 167 1.34 -23.52 31.87
C ALA C 167 -0.10 -23.60 32.37
N ASP C 168 -0.27 -23.73 33.69
CA ASP C 168 -1.58 -23.68 34.35
C ASP C 168 -1.92 -22.23 34.58
N ILE C 169 -2.55 -21.62 33.57
CA ILE C 169 -2.80 -20.19 33.59
C ILE C 169 -3.69 -19.74 34.74
N ALA C 170 -4.73 -20.51 35.04
CA ALA C 170 -5.64 -20.14 36.12
C ALA C 170 -4.96 -20.35 37.48
N GLY C 171 -4.18 -21.41 37.58
CA GLY C 171 -3.38 -21.64 38.76
C GLY C 171 -2.46 -20.48 39.08
N VAL C 172 -1.69 -20.04 38.07
CA VAL C 172 -0.77 -18.92 38.16
C VAL C 172 -1.48 -17.64 38.61
N ALA C 173 -2.62 -17.33 38.01
CA ALA C 173 -3.37 -16.09 38.36
C ALA C 173 -3.79 -16.06 39.83
N LYS C 174 -4.10 -17.23 40.40
CA LYS C 174 -4.55 -17.34 41.79
C LYS C 174 -3.39 -17.00 42.73
N ILE C 175 -2.21 -17.55 42.44
CA ILE C 175 -0.99 -17.17 43.14
C ILE C 175 -0.61 -15.68 42.96
N ALA C 176 -0.61 -15.16 41.73
CA ALA C 176 -0.33 -13.72 41.49
C ALA C 176 -1.30 -12.78 42.23
N ARG C 177 -2.54 -13.20 42.36
CA ARG C 177 -3.53 -12.41 43.04
C ARG C 177 -3.18 -12.30 44.54
N LYS C 178 -2.54 -13.33 45.06
CA LYS C 178 -2.13 -13.33 46.45
C LYS C 178 -1.03 -12.31 46.71
N HIS C 179 -0.28 -11.91 45.70
CA HIS C 179 0.86 -11.03 45.89
C HIS C 179 0.77 -9.78 45.06
N GLY C 180 -0.41 -9.44 44.54
CA GLY C 180 -0.54 -8.24 43.69
C GLY C 180 0.17 -8.23 42.32
N ALA C 181 0.84 -9.32 41.95
CA ALA C 181 1.63 -9.36 40.71
C ALA C 181 0.77 -9.42 39.43
N THR C 182 1.35 -8.89 38.36
CA THR C 182 0.73 -8.77 37.06
C THR C 182 1.18 -9.93 36.15
N VAL C 183 0.22 -10.68 35.65
CA VAL C 183 0.49 -11.86 34.83
C VAL C 183 0.32 -11.52 33.37
N VAL C 184 1.39 -11.68 32.59
CA VAL C 184 1.28 -11.42 31.16
C VAL C 184 1.58 -12.68 30.39
N VAL C 185 0.68 -12.98 29.45
CA VAL C 185 0.75 -14.21 28.71
C VAL C 185 0.94 -13.91 27.22
N ASP C 186 1.94 -14.53 26.64
CA ASP C 186 2.17 -14.53 25.19
C ASP C 186 1.29 -15.62 24.52
N ASN C 187 0.27 -15.20 23.78
CA ASN C 187 -0.77 -16.07 23.28
C ASN C 187 -0.65 -16.12 21.77
N THR C 188 0.56 -15.99 21.29
CA THR C 188 0.80 -15.97 19.84
C THR C 188 0.31 -17.25 19.18
N TYR C 189 0.76 -18.37 19.69
CA TYR C 189 0.50 -19.69 19.10
C TYR C 189 -0.95 -20.05 18.95
N CYS C 190 -1.77 -19.67 19.94
CA CYS C 190 -3.16 -20.06 19.98
C CYS C 190 -4.05 -19.07 19.27
N THR C 191 -3.73 -17.79 19.40
CA THR C 191 -4.63 -16.70 19.00
C THR C 191 -5.83 -16.73 19.91
N PRO C 192 -6.58 -15.64 20.01
CA PRO C 192 -7.80 -15.66 20.79
C PRO C 192 -8.78 -16.70 20.31
N TYR C 193 -8.79 -17.02 19.04
CA TYR C 193 -9.72 -18.03 18.57
C TYR C 193 -9.62 -19.34 19.35
N LEU C 194 -8.41 -19.72 19.78
CA LEU C 194 -8.17 -20.98 20.47
C LEU C 194 -7.94 -20.91 21.99
N GLN C 195 -7.56 -19.77 22.53
CA GLN C 195 -7.24 -19.62 23.95
C GLN C 195 -7.41 -18.17 24.29
N ARG C 196 -7.92 -17.90 25.48
CA ARG C 196 -8.29 -16.53 25.88
C ARG C 196 -7.80 -16.39 27.31
N PRO C 197 -6.50 -16.15 27.46
CA PRO C 197 -5.85 -16.16 28.77
C PRO C 197 -6.44 -15.19 29.78
N LEU C 198 -7.05 -14.12 29.31
CA LEU C 198 -7.73 -13.16 30.17
C LEU C 198 -8.98 -13.73 30.86
N GLU C 199 -9.68 -14.61 30.15
CA GLU C 199 -10.80 -15.30 30.72
C GLU C 199 -10.40 -16.28 31.80
N LEU C 200 -9.14 -16.72 31.80
CA LEU C 200 -8.60 -17.57 32.86
C LEU C 200 -7.87 -16.83 33.97
N GLY C 201 -7.90 -15.50 33.95
CA GLY C 201 -7.35 -14.72 35.05
C GLY C 201 -6.11 -13.89 34.80
N ALA C 202 -5.51 -14.04 33.62
CA ALA C 202 -4.37 -13.21 33.21
C ALA C 202 -4.78 -11.74 33.12
N ASP C 203 -3.84 -10.85 33.42
CA ASP C 203 -4.08 -9.41 33.33
C ASP C 203 -3.87 -8.85 31.92
N LEU C 204 -2.82 -9.33 31.26
CA LEU C 204 -2.44 -8.87 29.94
C LEU C 204 -2.02 -10.00 29.04
N VAL C 205 -2.27 -9.81 27.75
CA VAL C 205 -1.96 -10.77 26.71
C VAL C 205 -1.11 -10.04 25.66
N VAL C 206 0.00 -10.65 25.25
CA VAL C 206 0.77 -10.16 24.10
C VAL C 206 0.77 -11.11 22.89
N HIS C 207 0.90 -10.53 21.67
CA HIS C 207 0.86 -11.28 20.40
C HIS C 207 1.90 -10.77 19.41
N SER C 208 2.67 -11.69 18.83
CA SER C 208 3.29 -11.40 17.55
C SER C 208 2.23 -11.61 16.50
N ALA C 209 1.64 -10.50 16.05
CA ALA C 209 0.57 -10.58 15.06
C ALA C 209 1.14 -10.91 13.67
N THR C 210 2.45 -10.79 13.56
CA THR C 210 3.26 -11.27 12.45
C THR C 210 2.98 -12.73 12.00
N LYS C 211 2.59 -13.54 12.97
CA LYS C 211 2.28 -14.95 12.76
C LYS C 211 0.80 -15.12 12.37
N TYR C 212 0.02 -15.89 13.15
CA TYR C 212 -1.31 -16.36 12.72
C TYR C 212 -2.34 -15.25 12.49
N LEU C 213 -2.31 -14.24 13.34
CA LEU C 213 -3.23 -13.13 13.21
C LEU C 213 -3.18 -12.55 11.79
N SER C 214 -1.99 -12.18 11.34
CA SER C 214 -1.78 -11.77 9.96
C SER C 214 -2.06 -12.96 9.05
N GLY C 215 -1.53 -14.13 9.36
CA GLY C 215 -1.81 -15.32 8.54
C GLY C 215 -1.12 -15.44 7.17
N HIS C 216 -0.56 -14.35 6.67
CA HIS C 216 -0.12 -14.38 5.26
C HIS C 216 1.34 -13.92 5.06
N GLY C 217 2.12 -13.91 6.12
CA GLY C 217 3.53 -13.59 6.06
C GLY C 217 3.98 -12.27 5.47
N ASP C 218 3.10 -11.28 5.43
CA ASP C 218 3.44 -10.02 4.81
C ASP C 218 3.55 -8.82 5.74
N ILE C 219 3.37 -8.96 7.05
CA ILE C 219 3.60 -7.81 7.93
C ILE C 219 4.30 -8.20 9.20
N THR C 220 4.94 -7.24 9.84
CA THR C 220 5.36 -7.40 11.19
C THR C 220 4.43 -6.52 12.08
N ALA C 221 3.79 -7.11 13.08
CA ALA C 221 2.92 -6.39 13.98
C ALA C 221 2.86 -7.05 15.37
N GLY C 222 2.54 -6.23 16.37
CA GLY C 222 2.33 -6.65 17.75
C GLY C 222 0.97 -6.19 18.27
N ILE C 223 0.41 -6.99 19.17
CA ILE C 223 -0.80 -6.61 19.86
C ILE C 223 -0.59 -6.84 21.35
N VAL C 224 -1.11 -5.89 22.16
CA VAL C 224 -1.31 -6.07 23.61
C VAL C 224 -2.79 -5.91 23.89
N VAL C 225 -3.36 -6.82 24.68
CA VAL C 225 -4.73 -6.66 25.22
C VAL C 225 -4.73 -6.84 26.73
N GLY C 226 -5.53 -6.03 27.43
CA GLY C 226 -5.65 -6.05 28.88
C GLY C 226 -6.56 -4.97 29.44
N SER C 227 -6.40 -4.63 30.71
CA SER C 227 -7.27 -3.66 31.36
C SER C 227 -6.97 -2.26 30.87
N GLN C 228 -7.99 -1.41 30.78
CA GLN C 228 -7.81 -0.01 30.34
C GLN C 228 -6.63 0.72 31.01
N ALA C 229 -6.43 0.48 32.29
CA ALA C 229 -5.46 1.26 33.02
C ALA C 229 -4.04 0.80 32.69
N LEU C 230 -3.81 -0.50 32.55
CA LEU C 230 -2.50 -1.01 32.09
C LEU C 230 -2.20 -0.60 30.65
N VAL C 231 -3.18 -0.74 29.77
CA VAL C 231 -2.94 -0.53 28.36
C VAL C 231 -2.57 0.91 28.12
N ASP C 232 -3.36 1.82 28.73
CA ASP C 232 -3.09 3.27 28.73
C ASP C 232 -1.68 3.56 29.12
N ARG C 233 -1.20 2.94 30.19
CA ARG C 233 0.19 3.20 30.61
C ARG C 233 1.20 2.66 29.62
N ILE C 234 0.87 1.54 28.97
CA ILE C 234 1.80 0.94 28.02
C ILE C 234 1.89 1.77 26.74
N ARG C 235 0.73 2.22 26.26
CA ARG C 235 0.63 3.22 25.21
C ARG C 235 1.45 4.49 25.50
N LEU C 236 1.19 5.12 26.66
CA LEU C 236 1.65 6.47 26.98
C LEU C 236 3.06 6.47 27.58
N GLN C 237 3.64 5.31 27.87
CA GLN C 237 5.02 5.19 28.35
C GLN C 237 5.86 4.28 27.48
N GLY C 238 5.49 3.00 27.43
CA GLY C 238 6.20 2.01 26.63
C GLY C 238 6.31 2.40 25.15
N LEU C 239 5.14 2.57 24.54
CA LEU C 239 5.05 2.93 23.13
C LEU C 239 5.61 4.33 22.90
N LYS C 240 4.90 5.33 23.42
CA LYS C 240 5.22 6.74 23.18
C LYS C 240 6.67 7.07 23.41
N ASP C 241 7.22 6.64 24.55
CA ASP C 241 8.53 7.12 25.03
C ASP C 241 9.67 6.10 25.01
N MET C 242 9.36 4.83 25.15
CA MET C 242 10.45 3.90 25.44
C MET C 242 10.83 2.96 24.30
N THR C 243 9.97 2.79 23.31
CA THR C 243 10.27 1.97 22.13
C THR C 243 10.01 2.66 20.80
N GLY C 244 8.95 3.47 20.75
CA GLY C 244 8.55 4.13 19.51
C GLY C 244 8.20 3.12 18.43
N ALA C 245 7.71 1.96 18.86
CA ALA C 245 7.34 0.86 17.99
C ALA C 245 5.94 1.06 17.39
N VAL C 246 5.86 2.02 16.48
CA VAL C 246 4.64 2.48 15.86
C VAL C 246 4.24 1.58 14.67
N LEU C 247 3.03 1.00 14.71
CA LEU C 247 2.45 0.24 13.57
C LEU C 247 1.99 1.17 12.44
N SER C 248 2.42 0.87 11.24
CA SER C 248 1.89 1.54 10.06
C SER C 248 0.40 1.28 9.94
N PRO C 249 -0.40 2.31 9.71
CA PRO C 249 -1.80 2.12 9.40
C PRO C 249 -2.07 1.15 8.25
N HIS C 250 -1.18 1.12 7.26
CA HIS C 250 -1.27 0.17 6.15
C HIS C 250 -1.15 -1.25 6.64
N ASP C 251 -0.13 -1.54 7.46
CA ASP C 251 0.04 -2.91 8.00
C ASP C 251 -1.09 -3.26 8.95
N ALA C 252 -1.63 -2.26 9.66
CA ALA C 252 -2.78 -2.46 10.57
C ALA C 252 -3.99 -2.87 9.77
N ALA C 253 -4.22 -2.23 8.62
CA ALA C 253 -5.33 -2.62 7.75
C ALA C 253 -5.15 -4.02 7.15
N LEU C 254 -3.92 -4.41 6.79
CA LEU C 254 -3.67 -5.78 6.32
C LEU C 254 -3.92 -6.82 7.42
N LEU C 255 -3.64 -6.45 8.65
CA LEU C 255 -3.82 -7.34 9.81
C LEU C 255 -5.31 -7.53 10.11
N MET C 256 -6.10 -6.46 9.94
CA MET C 256 -7.54 -6.56 10.07
C MET C 256 -8.03 -7.45 8.95
N ARG C 257 -7.48 -7.29 7.75
CA ARG C 257 -7.86 -8.15 6.61
C ARG C 257 -7.61 -9.62 6.96
N GLY C 258 -6.45 -9.92 7.48
CA GLY C 258 -6.14 -11.24 7.96
C GLY C 258 -7.07 -11.74 9.05
N ILE C 259 -7.44 -10.89 9.98
CA ILE C 259 -8.19 -11.39 11.14
C ILE C 259 -9.59 -11.87 10.65
N LYS C 260 -10.06 -11.28 9.56
CA LYS C 260 -11.32 -11.66 8.94
C LYS C 260 -11.42 -13.12 8.52
N THR C 261 -10.31 -13.81 8.38
CA THR C 261 -10.35 -15.23 8.14
C THR C 261 -9.68 -16.07 9.22
N LEU C 262 -9.54 -15.53 10.44
CA LEU C 262 -8.79 -16.18 11.52
C LEU C 262 -9.35 -17.53 11.95
N ASN C 263 -10.67 -17.57 12.19
CA ASN C 263 -11.31 -18.85 12.57
C ASN C 263 -11.06 -19.91 11.52
N LEU C 264 -11.26 -19.50 10.28
CA LEU C 264 -11.27 -20.39 9.14
C LEU C 264 -9.89 -21.00 8.88
N ARG C 265 -8.84 -20.18 8.98
CA ARG C 265 -7.45 -20.63 8.80
C ARG C 265 -6.99 -21.46 9.98
N MET C 266 -7.32 -21.04 11.19
CA MET C 266 -6.94 -21.80 12.37
C MET C 266 -7.59 -23.20 12.32
N ASP C 267 -8.84 -23.31 11.88
CA ASP C 267 -9.48 -24.62 11.74
C ASP C 267 -8.66 -25.55 10.81
N ARG C 268 -8.21 -25.01 9.67
CA ARG C 268 -7.41 -25.80 8.73
C ARG C 268 -6.01 -26.05 9.21
N HIS C 269 -5.42 -25.07 9.90
CA HIS C 269 -4.05 -25.25 10.39
C HIS C 269 -4.09 -26.44 11.35
N CYS C 270 -5.11 -26.49 12.19
CA CYS C 270 -5.19 -27.54 13.22
C CYS C 270 -5.52 -28.89 12.61
N ALA C 271 -6.46 -28.94 11.67
CA ALA C 271 -6.77 -30.19 10.97
C ALA C 271 -5.53 -30.76 10.19
N ASN C 272 -4.79 -29.91 9.49
CA ASN C 272 -3.56 -30.41 8.85
C ASN C 272 -2.56 -30.93 9.87
N ALA C 273 -2.47 -30.19 10.97
CA ALA C 273 -1.53 -30.45 12.04
C ALA C 273 -1.83 -31.81 12.72
N GLN C 274 -3.08 -32.02 13.12
CA GLN C 274 -3.54 -33.30 13.70
C GLN C 274 -3.12 -34.47 12.78
N VAL C 275 -3.35 -34.36 11.47
CA VAL C 275 -2.92 -35.38 10.48
C VAL C 275 -1.42 -35.67 10.42
N LEU C 276 -0.59 -34.62 10.30
CA LEU C 276 0.86 -34.83 10.25
C LEU C 276 1.39 -35.38 11.56
N ALA C 277 0.79 -34.96 12.67
CA ALA C 277 1.18 -35.45 13.97
C ALA C 277 0.88 -36.96 14.08
N GLU C 278 -0.30 -37.41 13.66
CA GLU C 278 -0.64 -38.82 13.80
C GLU C 278 0.26 -39.67 12.88
N PHE C 279 0.57 -39.14 11.71
CA PHE C 279 1.55 -39.76 10.81
C PHE C 279 2.96 -39.81 11.39
N LEU C 280 3.45 -38.67 11.81
CA LEU C 280 4.81 -38.54 12.32
C LEU C 280 5.00 -39.44 13.53
N ALA C 281 3.96 -39.56 14.35
CA ALA C 281 4.02 -40.29 15.61
C ALA C 281 4.17 -41.79 15.44
N ARG C 282 4.12 -42.27 14.21
CA ARG C 282 4.21 -43.70 13.91
C ARG C 282 5.41 -44.00 13.08
N GLN C 283 6.28 -43.02 12.85
CA GLN C 283 7.41 -43.25 11.96
C GLN C 283 8.62 -43.67 12.77
N PRO C 284 9.44 -44.57 12.21
CA PRO C 284 10.53 -45.20 12.96
C PRO C 284 11.71 -44.27 13.10
N GLN C 285 11.80 -43.29 12.19
CA GLN C 285 12.84 -42.26 12.24
C GLN C 285 12.64 -41.21 13.35
N VAL C 286 11.51 -41.28 14.08
CA VAL C 286 11.02 -40.21 14.95
C VAL C 286 11.02 -40.74 16.38
N GLU C 287 11.82 -40.14 17.24
CA GLU C 287 11.93 -40.57 18.64
C GLU C 287 10.75 -40.15 19.46
N LEU C 288 10.55 -38.84 19.57
CA LEU C 288 9.52 -38.24 20.44
C LEU C 288 8.70 -37.31 19.60
N ILE C 289 7.47 -37.06 20.02
CA ILE C 289 6.68 -36.01 19.41
C ILE C 289 5.86 -35.24 20.40
N HIS C 290 5.95 -33.91 20.26
CA HIS C 290 5.22 -32.97 21.07
C HIS C 290 4.16 -32.31 20.20
N TYR C 291 2.93 -32.81 20.34
CA TYR C 291 1.74 -32.19 19.78
C TYR C 291 0.59 -32.31 20.77
N PRO C 292 0.03 -31.18 21.23
CA PRO C 292 -1.08 -31.19 22.19
C PRO C 292 -2.23 -32.13 21.89
N GLY C 293 -2.46 -32.42 20.62
CA GLY C 293 -3.64 -33.19 20.24
C GLY C 293 -3.44 -34.69 20.23
N LEU C 294 -2.19 -35.16 20.38
CA LEU C 294 -1.94 -36.58 20.67
C LEU C 294 -2.21 -36.92 22.14
N ALA C 295 -2.80 -38.10 22.34
CA ALA C 295 -3.15 -38.64 23.67
C ALA C 295 -1.96 -38.86 24.56
N SER C 296 -0.83 -39.25 23.97
CA SER C 296 0.44 -39.38 24.67
C SER C 296 1.06 -38.02 25.13
N PHE C 297 0.43 -36.89 24.81
CA PHE C 297 1.02 -35.60 25.13
C PHE C 297 0.92 -35.40 26.65
N PRO C 298 2.07 -35.24 27.31
CA PRO C 298 2.10 -35.21 28.79
C PRO C 298 1.01 -34.34 29.37
N GLN C 299 0.79 -33.15 28.82
CA GLN C 299 -0.17 -32.23 29.39
C GLN C 299 -1.45 -32.16 28.58
N TYR C 300 -1.88 -33.31 28.05
CA TYR C 300 -3.12 -33.47 27.28
C TYR C 300 -4.31 -32.81 27.93
N THR C 301 -4.47 -33.02 29.23
CA THR C 301 -5.69 -32.63 29.92
C THR C 301 -5.75 -31.14 30.07
N LEU C 302 -4.63 -30.55 30.51
CA LEU C 302 -4.49 -29.09 30.69
C LEU C 302 -4.64 -28.40 29.35
N ALA C 303 -3.97 -28.96 28.34
CA ALA C 303 -4.07 -28.49 26.97
C ALA C 303 -5.51 -28.33 26.55
N ARG C 304 -6.30 -29.40 26.74
CA ARG C 304 -7.68 -29.38 26.29
C ARG C 304 -8.54 -28.46 27.16
N GLN C 305 -8.07 -28.14 28.37
CA GLN C 305 -8.80 -27.25 29.27
C GLN C 305 -8.66 -25.78 28.88
N GLN C 306 -7.49 -25.39 28.36
CA GLN C 306 -7.21 -23.99 28.04
C GLN C 306 -7.45 -23.67 26.57
N MET C 307 -7.31 -24.69 25.72
CA MET C 307 -7.26 -24.55 24.25
C MET C 307 -8.42 -25.31 23.59
N SER C 308 -9.27 -24.65 22.82
CA SER C 308 -10.36 -25.33 22.09
C SER C 308 -9.88 -26.26 20.94
N GLN C 309 -8.67 -26.03 20.45
CA GLN C 309 -8.07 -26.94 19.47
C GLN C 309 -6.57 -26.99 19.71
N PRO C 310 -5.93 -28.10 19.34
CA PRO C 310 -4.52 -28.33 19.67
C PRO C 310 -3.46 -27.55 18.89
N GLY C 311 -3.87 -26.68 17.96
CA GLY C 311 -2.94 -25.76 17.31
C GLY C 311 -2.28 -26.31 16.05
N GLY C 312 -1.65 -25.39 15.31
CA GLY C 312 -1.01 -25.72 14.04
C GLY C 312 0.47 -26.00 14.12
N MET C 313 1.02 -26.01 15.33
CA MET C 313 2.44 -26.24 15.58
C MET C 313 2.74 -27.66 16.08
N ILE C 314 3.80 -28.27 15.54
CA ILE C 314 4.31 -29.58 15.97
C ILE C 314 5.81 -29.50 16.21
N ALA C 315 6.32 -30.18 17.24
CA ALA C 315 7.77 -30.37 17.39
C ALA C 315 8.01 -31.85 17.49
N PHE C 316 9.03 -32.35 16.82
CA PHE C 316 9.47 -33.74 17.01
C PHE C 316 10.99 -33.86 16.98
N GLU C 317 11.46 -35.01 17.41
CA GLU C 317 12.86 -35.29 17.51
C GLU C 317 13.19 -36.50 16.66
N LEU C 318 14.15 -36.35 15.76
CA LEU C 318 14.64 -37.45 14.96
C LEU C 318 15.74 -38.21 15.70
N LYS C 319 15.65 -39.53 15.68
CA LYS C 319 16.66 -40.42 16.29
C LYS C 319 18.14 -40.20 15.92
N GLY C 320 18.43 -39.85 14.66
CA GLY C 320 19.82 -39.69 14.19
C GLY C 320 20.54 -38.38 14.52
N GLY C 321 19.98 -37.54 15.38
CA GLY C 321 20.67 -36.32 15.82
C GLY C 321 20.85 -35.24 14.75
N ILE C 322 21.93 -34.47 14.85
CA ILE C 322 22.15 -33.30 14.00
C ILE C 322 22.14 -33.55 12.49
N GLY C 323 22.62 -34.73 12.09
CA GLY C 323 22.79 -35.05 10.69
C GLY C 323 21.47 -35.42 10.04
N ALA C 324 20.70 -36.27 10.73
CA ALA C 324 19.32 -36.59 10.37
C ALA C 324 18.47 -35.31 10.11
N GLY C 325 18.37 -34.45 11.11
CA GLY C 325 17.70 -33.17 10.98
C GLY C 325 18.19 -32.34 9.82
N ARG C 326 19.49 -32.35 9.54
CA ARG C 326 20.03 -31.63 8.38
C ARG C 326 19.55 -32.18 7.04
N ARG C 327 19.49 -33.51 6.96
CA ARG C 327 19.20 -34.18 5.72
C ARG C 327 17.71 -34.08 5.41
N PHE C 328 16.90 -34.15 6.47
CA PHE C 328 15.46 -33.90 6.42
C PHE C 328 15.13 -32.49 5.90
N MET C 329 15.73 -31.47 6.51
CA MET C 329 15.41 -30.11 6.14
C MET C 329 15.74 -29.88 4.68
N ASN C 330 16.95 -30.29 4.30
CA ASN C 330 17.42 -30.18 2.92
C ASN C 330 16.58 -30.94 1.90
N ALA C 331 15.94 -32.02 2.30
CA ALA C 331 15.14 -32.77 1.35
C ALA C 331 13.76 -32.15 1.13
N LEU C 332 13.31 -31.27 2.03
CA LEU C 332 11.99 -30.71 1.93
C LEU C 332 11.83 -29.88 0.67
N GLN C 333 10.69 -30.08 -0.03
CA GLN C 333 10.38 -29.38 -1.28
C GLN C 333 9.11 -28.49 -1.25
N LEU C 334 8.21 -28.76 -0.33
CA LEU C 334 6.98 -27.98 -0.17
C LEU C 334 7.12 -27.05 1.03
N PHE C 335 7.29 -27.65 2.21
CA PHE C 335 7.75 -26.92 3.39
C PHE C 335 8.92 -26.06 3.03
N SER C 336 8.89 -24.81 3.46
CA SER C 336 10.03 -23.93 3.31
C SER C 336 10.97 -23.96 4.50
N ARG C 337 12.26 -23.81 4.25
CA ARG C 337 13.24 -23.71 5.33
C ARG C 337 13.24 -22.28 5.82
N ALA C 338 12.59 -22.01 6.94
CA ALA C 338 12.52 -20.63 7.42
C ALA C 338 12.15 -20.60 8.86
N VAL C 339 12.50 -19.53 9.55
CA VAL C 339 12.01 -19.28 10.89
C VAL C 339 10.65 -18.60 10.67
N SER C 340 9.90 -18.43 11.74
CA SER C 340 8.56 -17.90 11.68
C SER C 340 7.51 -19.02 11.67
N LEU C 341 6.26 -18.61 11.65
CA LEU C 341 5.15 -19.53 11.78
C LEU C 341 3.86 -18.77 11.57
N GLY C 342 2.77 -19.52 11.43
CA GLY C 342 1.47 -18.92 11.20
C GLY C 342 1.30 -18.42 9.79
N ASP C 343 2.19 -18.77 8.85
CA ASP C 343 1.91 -18.45 7.45
C ASP C 343 1.05 -19.50 6.82
N ALA C 344 0.35 -19.10 5.77
CA ALA C 344 -0.38 -20.02 4.91
C ALA C 344 0.58 -21.06 4.29
N GLU C 345 1.77 -20.64 3.95
CA GLU C 345 2.77 -21.60 3.52
C GLU C 345 3.43 -22.26 4.76
N SER C 346 3.57 -23.57 4.66
CA SER C 346 4.12 -24.42 5.72
C SER C 346 5.59 -24.15 5.89
N LEU C 347 6.04 -24.01 7.14
CA LEU C 347 7.45 -23.74 7.43
C LEU C 347 8.02 -24.78 8.36
N ALA C 348 9.34 -24.94 8.34
CA ALA C 348 10.01 -25.91 9.16
C ALA C 348 11.36 -25.37 9.58
N GLN C 349 11.74 -25.69 10.81
CA GLN C 349 13.06 -25.33 11.27
C GLN C 349 13.68 -26.38 12.20
N HIS C 350 15.01 -26.39 12.17
CA HIS C 350 15.85 -27.33 12.90
C HIS C 350 16.87 -26.51 13.67
N PRO C 351 16.54 -26.09 14.88
CA PRO C 351 17.41 -25.18 15.63
C PRO C 351 18.88 -25.61 15.71
N ALA C 352 19.16 -26.89 15.89
CA ALA C 352 20.56 -27.32 16.00
C ALA C 352 21.42 -26.92 14.81
N SER C 353 20.85 -26.91 13.60
CA SER C 353 21.58 -26.56 12.37
C SER C 353 21.26 -25.18 11.79
N MET C 354 20.41 -24.42 12.46
CA MET C 354 19.96 -23.12 12.00
C MET C 354 20.11 -22.09 13.15
N THR C 355 19.01 -21.56 13.69
CA THR C 355 19.10 -20.55 14.74
C THR C 355 20.23 -20.76 15.74
N HIS C 356 20.31 -21.98 16.30
CA HIS C 356 21.30 -22.31 17.36
C HIS C 356 22.48 -23.17 16.84
N SER C 357 22.89 -22.90 15.60
CA SER C 357 23.93 -23.70 14.90
C SER C 357 25.30 -23.41 15.44
N SER C 358 25.58 -22.13 15.68
CA SER C 358 26.85 -21.68 16.25
C SER C 358 27.15 -22.27 17.65
N TYR C 359 26.11 -22.62 18.40
CA TYR C 359 26.20 -23.16 19.77
C TYR C 359 26.88 -24.54 19.83
N THR C 360 27.07 -25.07 21.03
CA THR C 360 27.55 -26.45 21.21
C THR C 360 26.36 -27.35 21.53
N PRO C 361 26.52 -28.66 21.31
CA PRO C 361 25.55 -29.67 21.78
C PRO C 361 25.16 -29.62 23.28
N GLU C 362 26.08 -29.25 24.17
CA GLU C 362 25.80 -29.18 25.62
C GLU C 362 24.98 -27.91 25.95
N GLU C 363 25.28 -26.82 25.24
CA GLU C 363 24.56 -25.55 25.41
C GLU C 363 23.11 -25.61 24.86
N ARG C 364 22.91 -26.40 23.79
CA ARG C 364 21.59 -26.65 23.23
C ARG C 364 20.73 -27.48 24.18
N ALA C 365 21.29 -28.54 24.75
CA ALA C 365 20.57 -29.37 25.73
C ALA C 365 20.22 -28.58 27.00
N HIS C 366 20.99 -27.52 27.28
CA HIS C 366 20.77 -26.61 28.42
C HIS C 366 19.45 -25.80 28.27
N TYR C 367 19.13 -25.35 27.04
CA TYR C 367 17.86 -24.66 26.73
C TYR C 367 16.70 -25.59 26.30
N GLY C 368 16.92 -26.90 26.39
CA GLY C 368 15.90 -27.90 26.08
C GLY C 368 15.83 -28.30 24.62
N ILE C 369 16.87 -27.96 23.87
CA ILE C 369 16.92 -28.19 22.43
C ILE C 369 17.73 -29.44 22.11
N SER C 370 17.02 -30.49 21.73
CA SER C 370 17.60 -31.71 21.23
C SER C 370 18.35 -31.46 19.91
N GLU C 371 19.32 -32.32 19.68
CA GLU C 371 20.12 -32.25 18.49
C GLU C 371 19.29 -32.60 17.26
N GLY C 372 18.15 -33.26 17.48
CA GLY C 372 17.33 -33.78 16.41
C GLY C 372 15.95 -33.15 16.37
N LEU C 373 15.74 -32.11 17.16
CA LEU C 373 14.45 -31.42 17.23
C LEU C 373 14.12 -30.61 15.96
N VAL C 374 13.02 -30.98 15.31
CA VAL C 374 12.47 -30.24 14.17
C VAL C 374 11.12 -29.63 14.56
N ARG C 375 10.90 -28.37 14.20
CA ARG C 375 9.64 -27.69 14.45
C ARG C 375 8.96 -27.35 13.14
N LEU C 376 7.66 -27.70 13.05
CA LEU C 376 6.85 -27.48 11.87
C LEU C 376 5.75 -26.48 12.16
N SER C 377 5.66 -25.43 11.33
CA SER C 377 4.47 -24.62 11.25
C SER C 377 3.66 -25.16 10.10
N VAL C 378 2.60 -25.88 10.45
CA VAL C 378 1.73 -26.49 9.50
C VAL C 378 0.82 -25.45 8.85
N GLY C 379 0.89 -25.44 7.53
CA GLY C 379 0.23 -24.45 6.70
C GLY C 379 -1.15 -24.91 6.19
N LEU C 380 -1.69 -24.13 5.28
CA LEU C 380 -3.01 -24.33 4.75
C LEU C 380 -3.04 -25.11 3.44
N GLU C 381 -1.94 -25.78 3.05
CA GLU C 381 -1.89 -26.56 1.82
C GLU C 381 -2.61 -27.87 2.00
N ASP C 382 -2.93 -28.53 0.87
CA ASP C 382 -3.50 -29.90 0.82
C ASP C 382 -2.64 -30.84 1.62
N ILE C 383 -3.28 -31.46 2.59
CA ILE C 383 -2.61 -32.37 3.52
C ILE C 383 -1.92 -33.50 2.83
N ASP C 384 -2.44 -33.95 1.69
CA ASP C 384 -1.73 -34.99 0.90
C ASP C 384 -0.41 -34.58 0.31
N ASP C 385 -0.30 -33.36 -0.18
CA ASP C 385 0.98 -32.83 -0.68
C ASP C 385 2.02 -32.68 0.44
N LEU C 386 1.60 -32.11 1.56
CA LEU C 386 2.36 -32.04 2.83
C LEU C 386 2.80 -33.40 3.34
N LEU C 387 1.90 -34.39 3.31
CA LEU C 387 2.31 -35.73 3.73
C LEU C 387 3.43 -36.27 2.84
N ALA C 388 3.26 -36.13 1.53
CA ALA C 388 4.21 -36.71 0.59
C ALA C 388 5.59 -36.11 0.81
N ASP C 389 5.65 -34.80 1.01
CA ASP C 389 6.90 -34.07 1.26
C ASP C 389 7.55 -34.46 2.61
N VAL C 390 6.78 -34.55 3.70
CA VAL C 390 7.35 -34.98 5.00
C VAL C 390 7.90 -36.41 4.86
N GLN C 391 7.06 -37.29 4.33
CA GLN C 391 7.42 -38.68 3.95
C GLN C 391 8.78 -38.83 3.28
N GLN C 392 9.02 -38.05 2.25
CA GLN C 392 10.17 -38.23 1.38
C GLN C 392 11.39 -37.75 2.12
N ALA C 393 11.23 -36.68 2.88
CA ALA C 393 12.31 -36.10 3.67
C ALA C 393 12.66 -37.00 4.86
N LEU C 394 11.70 -37.77 5.34
CA LEU C 394 11.98 -38.77 6.36
C LEU C 394 12.88 -39.88 5.81
N LYS C 395 12.62 -40.36 4.59
CA LYS C 395 13.47 -41.38 3.95
C LYS C 395 14.90 -40.89 3.68
N ALA C 396 15.05 -39.63 3.26
CA ALA C 396 16.37 -39.07 3.07
C ALA C 396 17.08 -38.79 4.41
N SER C 397 16.34 -38.64 5.51
CA SER C 397 16.97 -38.41 6.81
C SER C 397 17.91 -39.56 7.28
N ALA C 398 17.96 -40.69 6.56
CA ALA C 398 18.97 -41.75 6.80
C ALA C 398 20.29 -41.47 6.05
N MET D 1 -3.68 43.21 -6.07
CA MET D 1 -4.90 43.32 -5.21
C MET D 1 -5.16 41.98 -4.48
N HIS D 2 -5.23 42.03 -3.14
CA HIS D 2 -5.32 40.81 -2.28
C HIS D 2 -6.63 39.99 -2.48
N GLY D 3 -7.75 40.70 -2.67
CA GLY D 3 -9.01 40.10 -3.08
C GLY D 3 -9.62 39.12 -2.10
N SER D 4 -10.95 39.01 -2.16
CA SER D 4 -11.69 37.97 -1.42
C SER D 4 -11.94 36.70 -2.26
N ASN D 5 -12.15 36.85 -3.59
CA ASN D 5 -12.35 35.70 -4.51
C ASN D 5 -11.14 35.35 -5.46
N LYS D 6 -9.93 35.84 -5.12
CA LYS D 6 -8.66 35.47 -5.81
C LYS D 6 -8.21 34.01 -5.51
N LEU D 7 -8.07 33.20 -6.57
CA LEU D 7 -7.53 31.85 -6.45
C LEU D 7 -6.24 31.85 -5.67
N PRO D 8 -6.10 30.91 -4.74
CA PRO D 8 -4.76 30.55 -4.25
C PRO D 8 -3.91 30.12 -5.46
N GLY D 9 -2.60 30.27 -5.33
CA GLY D 9 -1.67 29.89 -6.37
C GLY D 9 -1.59 28.39 -6.62
N PHE D 10 -0.97 28.04 -7.75
CA PHE D 10 -0.87 26.65 -8.19
C PHE D 10 -0.35 25.70 -7.04
N ALA D 11 0.81 25.99 -6.49
CA ALA D 11 1.40 25.18 -5.44
C ALA D 11 0.42 24.91 -4.28
N THR D 12 -0.32 25.95 -3.91
CA THR D 12 -1.22 25.87 -2.75
C THR D 12 -2.32 24.87 -3.06
N ARG D 13 -2.86 24.98 -4.27
CA ARG D 13 -3.98 24.19 -4.68
C ARG D 13 -3.58 22.73 -4.95
N ALA D 14 -2.39 22.53 -5.53
CA ALA D 14 -1.84 21.21 -5.72
C ALA D 14 -1.69 20.48 -4.40
N ILE D 15 -1.48 21.25 -3.33
CA ILE D 15 -1.34 20.67 -2.01
C ILE D 15 -2.65 20.50 -1.23
N HIS D 16 -3.57 21.47 -1.41
CA HIS D 16 -4.74 21.65 -0.53
C HIS D 16 -6.12 21.51 -1.18
N HIS D 17 -6.27 21.83 -2.46
CA HIS D 17 -7.59 21.96 -3.03
C HIS D 17 -8.54 20.77 -2.80
N GLY D 18 -9.77 21.09 -2.35
CA GLY D 18 -10.84 20.13 -2.24
C GLY D 18 -10.81 19.35 -0.96
N TYR D 19 -9.88 19.67 -0.05
CA TYR D 19 -9.79 18.91 1.18
C TYR D 19 -9.68 19.82 2.42
N ASP D 20 -10.62 19.65 3.34
CA ASP D 20 -10.51 20.22 4.69
C ASP D 20 -10.31 19.04 5.67
N PRO D 21 -9.20 18.98 6.39
CA PRO D 21 -8.99 17.94 7.41
C PRO D 21 -10.08 17.85 8.49
N GLN D 22 -10.75 18.98 8.80
CA GLN D 22 -11.86 19.04 9.74
C GLN D 22 -13.01 18.12 9.40
N ASP D 23 -13.17 17.80 8.12
CA ASP D 23 -14.23 16.91 7.68
C ASP D 23 -13.87 15.44 7.84
N HIS D 24 -12.73 15.13 8.47
CA HIS D 24 -12.22 13.77 8.44
C HIS D 24 -11.40 13.45 9.67
N GLY D 25 -11.96 13.81 10.82
CA GLY D 25 -11.33 13.55 12.11
C GLY D 25 -10.07 14.34 12.32
N GLY D 26 -9.87 15.39 11.52
CA GLY D 26 -8.62 16.14 11.51
C GLY D 26 -7.42 15.55 10.78
N ALA D 27 -7.56 14.40 10.13
CA ALA D 27 -6.46 13.82 9.34
C ALA D 27 -5.86 14.79 8.30
N LEU D 28 -4.58 15.12 8.46
CA LEU D 28 -3.86 16.03 7.53
C LEU D 28 -3.74 15.44 6.12
N VAL D 29 -3.41 14.14 6.06
CA VAL D 29 -3.46 13.43 4.79
C VAL D 29 -4.85 12.80 4.71
N PRO D 30 -5.57 12.91 3.59
CA PRO D 30 -6.87 12.23 3.45
C PRO D 30 -6.72 10.73 3.66
N PRO D 31 -7.63 10.09 4.39
CA PRO D 31 -7.61 8.62 4.42
C PRO D 31 -7.98 8.04 3.08
N VAL D 32 -7.39 6.87 2.82
CA VAL D 32 -7.52 6.18 1.56
C VAL D 32 -8.71 5.22 1.60
N TYR D 33 -9.66 5.43 0.67
CA TYR D 33 -10.90 4.65 0.60
C TYR D 33 -10.70 3.41 -0.28
N GLN D 34 -9.81 2.53 0.18
CA GLN D 34 -9.53 1.23 -0.43
C GLN D 34 -10.70 0.27 -0.09
N THR D 35 -11.76 0.42 -0.88
CA THR D 35 -13.03 -0.25 -0.63
C THR D 35 -13.75 -0.28 -1.96
N ALA D 36 -14.40 -1.40 -2.26
CA ALA D 36 -15.09 -1.54 -3.53
C ALA D 36 -16.53 -1.06 -3.43
N THR D 37 -17.21 -1.40 -2.34
CA THR D 37 -18.59 -0.97 -2.16
C THR D 37 -18.77 -0.03 -1.02
N PHE D 38 -19.90 0.67 -1.09
CA PHE D 38 -20.43 1.44 0.00
C PHE D 38 -21.84 0.98 0.31
N THR D 39 -22.29 1.40 1.46
CA THR D 39 -23.43 0.85 2.14
C THR D 39 -24.47 1.96 2.24
N PHE D 40 -25.73 1.59 2.44
CA PHE D 40 -26.82 2.56 2.53
C PHE D 40 -27.56 2.42 3.87
N PRO D 41 -27.98 3.55 4.46
CA PRO D 41 -28.74 3.53 5.73
C PRO D 41 -30.14 2.95 5.55
N THR D 42 -30.71 3.26 4.39
CA THR D 42 -31.97 2.69 3.94
C THR D 42 -31.87 2.46 2.43
N VAL D 43 -32.97 2.06 1.82
CA VAL D 43 -33.00 1.91 0.36
C VAL D 43 -33.54 3.17 -0.34
N GLU D 44 -34.06 4.12 0.43
CA GLU D 44 -34.46 5.42 -0.11
C GLU D 44 -33.20 6.29 -0.36
N TYR D 45 -32.28 6.33 0.61
CA TYR D 45 -30.94 6.93 0.42
C TYR D 45 -30.15 6.16 -0.65
N GLY D 46 -30.37 4.86 -0.76
CA GLY D 46 -29.74 4.04 -1.79
C GLY D 46 -30.21 4.33 -3.21
N ALA D 47 -31.51 4.45 -3.41
CA ALA D 47 -32.11 4.75 -4.73
C ALA D 47 -31.74 6.15 -5.20
N ALA D 48 -31.66 7.07 -4.25
CA ALA D 48 -31.26 8.45 -4.49
C ALA D 48 -29.76 8.57 -4.87
N CYS D 49 -28.95 7.59 -4.49
CA CYS D 49 -27.54 7.57 -4.90
C CYS D 49 -27.37 7.12 -6.36
N PHE D 50 -28.15 6.13 -6.78
CA PHE D 50 -28.15 5.68 -8.17
C PHE D 50 -28.75 6.72 -9.13
N ALA D 51 -29.58 7.62 -8.61
CA ALA D 51 -30.19 8.68 -9.44
C ALA D 51 -29.30 9.92 -9.69
N GLY D 52 -28.16 10.03 -9.00
CA GLY D 52 -27.37 11.26 -8.98
C GLY D 52 -28.11 12.36 -8.23
N GLU D 53 -28.90 11.94 -7.23
CA GLU D 53 -29.82 12.80 -6.46
C GLU D 53 -29.20 13.18 -5.11
N GLN D 54 -28.56 12.20 -4.47
CA GLN D 54 -27.69 12.44 -3.32
C GLN D 54 -26.22 12.22 -3.76
N ALA D 55 -25.32 12.98 -3.14
CA ALA D 55 -23.88 12.90 -3.45
C ALA D 55 -23.13 11.88 -2.56
N GLY D 56 -23.74 10.73 -2.31
CA GLY D 56 -23.09 9.60 -1.64
C GLY D 56 -22.73 8.53 -2.66
N HIS D 57 -21.79 7.67 -2.30
CA HIS D 57 -21.25 6.66 -3.25
C HIS D 57 -21.96 5.32 -3.14
N PHE D 58 -21.83 4.51 -4.20
CA PHE D 58 -22.28 3.12 -4.23
C PHE D 58 -21.21 2.09 -4.60
N TYR D 59 -20.24 2.46 -5.43
CA TYR D 59 -19.35 1.47 -6.06
C TYR D 59 -18.14 2.17 -6.65
N SER D 60 -16.94 1.60 -6.45
CA SER D 60 -15.68 2.31 -6.70
C SER D 60 -15.35 2.46 -8.18
N ARG D 61 -15.88 1.54 -9.02
CA ARG D 61 -15.70 1.61 -10.47
C ARG D 61 -16.31 2.88 -11.04
N ILE D 62 -17.49 3.26 -10.51
CA ILE D 62 -18.23 4.43 -11.00
C ILE D 62 -17.67 5.72 -10.41
N SER D 63 -17.63 5.81 -9.08
CA SER D 63 -16.96 6.90 -8.32
C SER D 63 -16.48 6.44 -6.93
N ASN D 64 -15.39 7.04 -6.46
CA ASN D 64 -14.76 6.75 -5.13
C ASN D 64 -14.27 8.10 -4.52
N PRO D 65 -14.43 8.32 -3.23
CA PRO D 65 -14.04 9.60 -2.62
C PRO D 65 -12.51 9.98 -2.69
N THR D 66 -11.63 8.99 -2.64
CA THR D 66 -10.20 9.25 -2.89
C THR D 66 -10.01 9.63 -4.35
N LEU D 67 -10.71 8.93 -5.21
CA LEU D 67 -10.66 9.27 -6.62
C LEU D 67 -11.25 10.64 -6.88
N ASN D 68 -12.32 11.00 -6.17
CA ASN D 68 -12.96 12.30 -6.38
C ASN D 68 -12.08 13.46 -6.01
N LEU D 69 -11.32 13.33 -4.93
CA LEU D 69 -10.42 14.42 -4.51
C LEU D 69 -9.31 14.64 -5.54
N LEU D 70 -8.73 13.55 -6.05
CA LEU D 70 -7.75 13.61 -7.13
C LEU D 70 -8.31 14.32 -8.37
N GLU D 71 -9.51 13.91 -8.78
CA GLU D 71 -10.20 14.47 -9.93
C GLU D 71 -10.49 15.97 -9.71
N ALA D 72 -10.97 16.30 -8.52
CA ALA D 72 -11.26 17.69 -8.17
C ALA D 72 -10.01 18.52 -8.23
N ARG D 73 -8.95 17.99 -7.65
CA ARG D 73 -7.69 18.72 -7.58
C ARG D 73 -7.10 18.96 -8.97
N MET D 74 -7.10 17.93 -9.80
CA MET D 74 -6.61 18.00 -11.17
C MET D 74 -7.46 18.97 -11.99
N ALA D 75 -8.76 18.99 -11.76
CA ALA D 75 -9.62 19.95 -12.48
C ALA D 75 -9.27 21.38 -12.11
N SER D 76 -9.07 21.65 -10.83
CA SER D 76 -8.54 22.95 -10.40
C SER D 76 -7.22 23.32 -11.10
N LEU D 77 -6.33 22.36 -11.28
CA LEU D 77 -4.98 22.63 -11.76
C LEU D 77 -5.06 22.96 -13.24
N GLU D 78 -5.92 22.25 -13.96
CA GLU D 78 -6.18 22.60 -15.37
C GLU D 78 -7.12 23.79 -15.56
N GLY D 79 -7.85 24.21 -14.52
CA GLY D 79 -8.87 25.25 -14.60
C GLY D 79 -10.26 24.82 -15.06
N GLY D 80 -10.48 23.51 -15.14
CA GLY D 80 -11.69 22.92 -15.63
C GLY D 80 -12.68 22.58 -14.55
N GLU D 81 -13.85 22.16 -15.01
CA GLU D 81 -15.03 22.03 -14.18
C GLU D 81 -14.96 20.72 -13.44
N ALA D 82 -14.49 19.67 -14.12
CA ALA D 82 -14.61 18.30 -13.65
C ALA D 82 -13.45 17.37 -14.08
N GLY D 83 -13.21 16.34 -13.26
CA GLY D 83 -12.12 15.41 -13.48
C GLY D 83 -12.56 13.96 -13.41
N LEU D 84 -11.91 13.09 -14.17
CA LEU D 84 -12.09 11.65 -14.07
C LEU D 84 -10.73 10.97 -13.90
N ALA D 85 -10.65 10.02 -12.96
CA ALA D 85 -9.40 9.31 -12.74
C ALA D 85 -9.57 7.87 -13.26
N LEU D 86 -8.58 7.39 -14.00
CA LEU D 86 -8.64 6.05 -14.57
C LEU D 86 -7.31 5.31 -14.43
N ALA D 87 -7.34 4.04 -14.79
CA ALA D 87 -6.26 3.09 -14.56
C ALA D 87 -5.01 3.33 -15.38
N SER D 88 -5.11 4.08 -16.45
CA SER D 88 -3.96 4.45 -17.28
C SER D 88 -4.24 5.62 -18.20
N GLY D 89 -3.16 6.14 -18.80
CA GLY D 89 -3.26 7.06 -19.92
C GLY D 89 -4.19 6.57 -21.03
N MET D 90 -3.97 5.34 -21.50
CA MET D 90 -4.78 4.77 -22.56
C MET D 90 -6.22 4.61 -22.12
N GLY D 91 -6.40 4.36 -20.82
CA GLY D 91 -7.72 4.22 -20.27
C GLY D 91 -8.44 5.55 -20.36
N ALA D 92 -7.70 6.64 -20.20
CA ALA D 92 -8.26 8.00 -20.35
C ALA D 92 -8.67 8.27 -21.79
N ILE D 93 -7.73 8.00 -22.70
CA ILE D 93 -7.92 8.22 -24.13
C ILE D 93 -9.03 7.32 -24.72
N THR D 94 -9.00 6.02 -24.43
CA THR D 94 -10.05 5.15 -24.92
C THR D 94 -11.46 5.45 -24.37
N SER D 95 -11.59 5.63 -23.05
CA SER D 95 -12.88 5.96 -22.43
C SER D 95 -13.46 7.24 -23.05
N THR D 96 -12.62 8.23 -23.28
CA THR D 96 -13.10 9.49 -23.83
C THR D 96 -13.59 9.28 -25.26
N LEU D 97 -12.71 8.79 -26.13
CA LEU D 97 -13.04 8.61 -27.53
C LEU D 97 -14.20 7.64 -27.78
N TRP D 98 -14.22 6.51 -27.05
CA TRP D 98 -15.32 5.56 -27.15
C TRP D 98 -16.65 6.27 -26.81
N THR D 99 -16.63 7.19 -25.87
CA THR D 99 -17.82 7.90 -25.44
C THR D 99 -18.33 8.84 -26.51
N LEU D 100 -17.40 9.53 -27.17
CA LEU D 100 -17.73 10.66 -28.04
C LEU D 100 -17.97 10.35 -29.49
N LEU D 101 -17.48 9.21 -29.96
CA LEU D 101 -17.56 8.85 -31.36
C LEU D 101 -18.44 7.61 -31.57
N ARG D 102 -19.10 7.53 -32.73
CA ARG D 102 -19.94 6.40 -33.18
C ARG D 102 -19.69 6.22 -34.66
N PRO D 103 -20.05 5.09 -35.27
CA PRO D 103 -19.72 4.86 -36.69
C PRO D 103 -20.25 5.97 -37.61
N GLY D 104 -19.44 6.41 -38.56
CA GLY D 104 -19.81 7.52 -39.43
C GLY D 104 -19.24 8.85 -39.00
N ASP D 105 -18.93 8.99 -37.70
CA ASP D 105 -18.22 10.15 -37.19
C ASP D 105 -16.82 10.16 -37.76
N GLU D 106 -16.25 11.35 -37.92
CA GLU D 106 -14.85 11.51 -38.38
C GLU D 106 -14.07 12.11 -37.24
N VAL D 107 -12.87 11.59 -36.98
CA VAL D 107 -11.94 12.29 -36.09
C VAL D 107 -10.70 12.77 -36.84
N LEU D 108 -10.36 14.04 -36.67
CA LEU D 108 -9.12 14.60 -37.15
C LEU D 108 -8.02 14.50 -36.10
N LEU D 109 -6.85 14.01 -36.52
CA LEU D 109 -5.76 13.63 -35.64
C LEU D 109 -4.53 14.43 -36.00
N GLY D 110 -3.71 14.73 -35.00
CA GLY D 110 -2.39 15.31 -35.23
C GLY D 110 -1.58 14.35 -36.08
N ASN D 111 -0.67 14.87 -36.90
CA ASN D 111 0.05 14.04 -37.87
C ASN D 111 0.86 12.92 -37.27
N THR D 112 1.39 13.14 -36.08
CA THR D 112 2.07 12.09 -35.34
C THR D 112 1.42 11.93 -33.99
N LEU D 113 1.45 10.71 -33.50
CA LEU D 113 0.77 10.34 -32.26
C LEU D 113 1.65 9.35 -31.48
N TYR D 114 1.43 9.34 -30.16
CA TYR D 114 1.99 8.32 -29.27
C TYR D 114 1.58 6.98 -29.86
N GLY D 115 2.51 6.02 -29.95
CA GLY D 115 2.30 4.75 -30.64
C GLY D 115 1.01 3.99 -30.31
N CYS D 116 0.64 3.92 -29.03
CA CYS D 116 -0.55 3.15 -28.64
C CYS D 116 -1.81 3.87 -28.94
N THR D 117 -1.77 5.20 -28.88
CA THR D 117 -2.85 6.01 -29.41
C THR D 117 -3.04 5.76 -30.90
N PHE D 118 -1.97 5.90 -31.68
CA PHE D 118 -1.99 5.52 -33.10
C PHE D 118 -2.53 4.11 -33.28
N ALA D 119 -2.26 3.22 -32.34
CA ALA D 119 -2.73 1.83 -32.40
C ALA D 119 -4.20 1.75 -32.08
N PHE D 120 -4.62 2.47 -31.05
CA PHE D 120 -6.01 2.47 -30.68
C PHE D 120 -6.89 2.95 -31.84
N LEU D 121 -6.47 4.01 -32.49
CA LEU D 121 -7.23 4.59 -33.56
C LEU D 121 -7.27 3.72 -34.82
N HIS D 122 -6.15 3.36 -35.39
CA HIS D 122 -6.14 2.56 -36.61
C HIS D 122 -6.54 1.07 -36.45
N HIS D 123 -6.20 0.43 -35.33
CA HIS D 123 -6.47 -1.03 -35.16
C HIS D 123 -7.59 -1.30 -34.14
N GLY D 124 -8.06 -0.25 -33.50
CA GLY D 124 -9.15 -0.35 -32.56
C GLY D 124 -10.39 0.32 -33.07
N ILE D 125 -10.66 1.54 -32.59
CA ILE D 125 -11.91 2.25 -32.86
C ILE D 125 -12.12 2.54 -34.37
N GLY D 126 -11.03 2.72 -35.10
CA GLY D 126 -11.06 2.97 -36.52
C GLY D 126 -11.42 1.78 -37.38
N GLU D 127 -11.43 0.60 -36.76
CA GLU D 127 -11.92 -0.62 -37.39
C GLU D 127 -13.38 -0.92 -37.04
N PHE D 128 -13.98 -0.09 -36.22
CA PHE D 128 -15.40 -0.20 -35.94
C PHE D 128 -16.20 0.90 -36.70
N GLY D 129 -15.68 1.33 -37.86
CA GLY D 129 -16.34 2.24 -38.75
C GLY D 129 -16.24 3.73 -38.42
N VAL D 130 -15.23 4.14 -37.67
CA VAL D 130 -15.01 5.56 -37.36
C VAL D 130 -13.94 5.96 -38.30
N LYS D 131 -14.10 7.12 -38.93
CA LYS D 131 -13.16 7.59 -39.94
C LYS D 131 -12.05 8.42 -39.32
N LEU D 132 -10.85 8.28 -39.89
CA LEU D 132 -9.64 8.95 -39.42
C LEU D 132 -9.01 9.78 -40.51
N ARG D 133 -8.60 10.99 -40.18
CA ARG D 133 -7.72 11.75 -41.07
C ARG D 133 -6.67 12.42 -40.21
N HIS D 134 -5.44 12.36 -40.67
CA HIS D 134 -4.35 13.12 -40.09
C HIS D 134 -4.23 14.42 -40.81
N VAL D 135 -4.00 15.50 -40.06
CA VAL D 135 -3.63 16.80 -40.59
C VAL D 135 -2.47 17.38 -39.77
N ASP D 136 -1.74 18.34 -40.33
CA ASP D 136 -0.79 19.09 -39.55
C ASP D 136 -1.56 20.17 -38.80
N MET D 137 -1.78 19.97 -37.50
CA MET D 137 -2.49 20.94 -36.63
C MET D 137 -1.81 22.31 -36.47
N ALA D 138 -0.55 22.43 -36.88
CA ALA D 138 0.10 23.76 -36.98
C ALA D 138 -0.27 24.47 -38.27
N ASP D 139 -0.83 23.74 -39.23
CA ASP D 139 -1.36 24.30 -40.47
C ASP D 139 -2.86 24.60 -40.42
N LEU D 140 -3.22 25.76 -39.87
CA LEU D 140 -4.63 26.14 -39.71
C LEU D 140 -5.41 26.21 -41.05
N GLN D 141 -4.74 26.52 -42.16
CA GLN D 141 -5.41 26.49 -43.46
C GLN D 141 -5.84 25.07 -43.76
N ALA D 142 -4.92 24.12 -43.61
CA ALA D 142 -5.17 22.73 -44.01
C ALA D 142 -6.13 22.01 -43.10
N LEU D 143 -6.20 22.42 -41.82
CA LEU D 143 -7.19 21.93 -40.86
C LEU D 143 -8.58 22.42 -41.23
N GLU D 144 -8.69 23.71 -41.54
CA GLU D 144 -9.94 24.32 -42.00
C GLU D 144 -10.44 23.55 -43.19
N ALA D 145 -9.54 23.25 -44.10
CA ALA D 145 -9.85 22.54 -45.34
C ALA D 145 -10.22 21.10 -45.10
N ALA D 146 -9.73 20.49 -44.03
CA ALA D 146 -10.07 19.09 -43.77
C ALA D 146 -11.42 18.86 -43.06
N MET D 147 -11.97 19.90 -42.45
CA MET D 147 -13.19 19.78 -41.66
C MET D 147 -14.34 19.42 -42.56
N THR D 148 -15.09 18.38 -42.18
CA THR D 148 -16.43 18.10 -42.70
C THR D 148 -17.49 18.36 -41.56
N PRO D 149 -18.78 18.13 -41.82
CA PRO D 149 -19.77 18.23 -40.74
C PRO D 149 -19.94 16.86 -40.02
N ALA D 150 -19.47 15.77 -40.66
CA ALA D 150 -19.19 14.52 -39.95
C ALA D 150 -18.03 14.65 -38.94
N THR D 151 -17.23 15.69 -39.01
CA THR D 151 -16.12 15.86 -38.10
C THR D 151 -16.66 16.09 -36.71
N ARG D 152 -16.51 15.12 -35.85
CA ARG D 152 -17.02 15.18 -34.49
C ARG D 152 -15.94 15.57 -33.47
N VAL D 153 -14.69 15.14 -33.71
CA VAL D 153 -13.58 15.33 -32.76
C VAL D 153 -12.23 15.66 -33.43
N ILE D 154 -11.50 16.60 -32.83
CA ILE D 154 -10.12 16.89 -33.18
C ILE D 154 -9.31 16.53 -31.98
N TYR D 155 -8.33 15.66 -32.18
CA TYR D 155 -7.51 15.07 -31.12
C TYR D 155 -6.05 15.30 -31.48
N PHE D 156 -5.25 15.85 -30.58
CA PHE D 156 -3.82 15.89 -30.80
C PHE D 156 -3.05 15.98 -29.50
N GLU D 157 -1.74 15.75 -29.62
CA GLU D 157 -0.79 16.02 -28.55
C GLU D 157 -0.07 17.28 -28.91
N SER D 158 0.26 18.08 -27.90
CA SER D 158 1.12 19.24 -28.10
C SER D 158 1.93 19.56 -26.85
N PRO D 159 3.26 19.46 -26.90
CA PRO D 159 4.04 18.95 -28.05
C PRO D 159 3.81 17.48 -28.33
N ALA D 160 4.06 17.09 -29.57
CA ALA D 160 3.75 15.75 -30.00
C ALA D 160 4.94 14.80 -29.96
N ASN D 161 4.62 13.54 -29.74
CA ASN D 161 5.59 12.47 -29.52
C ASN D 161 6.98 12.55 -30.14
N PRO D 162 7.09 12.55 -31.47
CA PRO D 162 8.41 12.31 -32.09
C PRO D 162 9.30 13.57 -32.05
N ASN D 163 9.10 14.54 -32.94
CA ASN D 163 9.94 15.72 -32.98
C ASN D 163 9.51 16.96 -32.18
N MET D 164 8.57 16.81 -31.23
CA MET D 164 8.08 17.92 -30.38
C MET D 164 7.24 19.01 -31.12
N HIS D 165 6.54 18.61 -32.17
CA HIS D 165 5.75 19.51 -33.00
C HIS D 165 4.55 20.02 -32.23
N MET D 166 4.40 21.34 -32.22
CA MET D 166 3.34 22.04 -31.49
C MET D 166 2.16 22.21 -32.42
N ALA D 167 0.98 22.37 -31.83
CA ALA D 167 -0.17 22.95 -32.52
C ALA D 167 -0.65 24.23 -31.83
N ASP D 168 -1.22 25.16 -32.60
CA ASP D 168 -1.75 26.40 -32.02
C ASP D 168 -3.15 26.12 -31.42
N ILE D 169 -3.21 25.92 -30.12
CA ILE D 169 -4.40 25.33 -29.55
C ILE D 169 -5.63 26.25 -29.74
N ALA D 170 -5.44 27.56 -29.64
CA ALA D 170 -6.56 28.49 -29.70
C ALA D 170 -7.04 28.66 -31.13
N GLY D 171 -6.11 28.64 -32.09
CA GLY D 171 -6.45 28.71 -33.48
C GLY D 171 -7.15 27.47 -33.94
N VAL D 172 -6.79 26.32 -33.36
CA VAL D 172 -7.51 25.06 -33.61
C VAL D 172 -8.87 25.13 -32.98
N ALA D 173 -8.96 25.68 -31.77
CA ALA D 173 -10.22 25.84 -31.06
C ALA D 173 -11.15 26.71 -31.91
N LYS D 174 -10.65 27.80 -32.50
CA LYS D 174 -11.49 28.69 -33.29
C LYS D 174 -12.14 27.95 -34.40
N ILE D 175 -11.39 27.09 -35.10
CA ILE D 175 -11.90 26.36 -36.24
C ILE D 175 -12.88 25.29 -35.76
N ALA D 176 -12.62 24.69 -34.61
CA ALA D 176 -13.58 23.73 -34.08
C ALA D 176 -14.92 24.40 -33.68
N ARG D 177 -14.85 25.54 -33.02
CA ARG D 177 -16.04 26.34 -32.69
C ARG D 177 -16.92 26.65 -33.91
N LYS D 178 -16.30 27.10 -35.00
CA LYS D 178 -17.00 27.35 -36.26
C LYS D 178 -17.79 26.11 -36.74
N HIS D 179 -17.09 24.99 -37.02
CA HIS D 179 -17.75 23.81 -37.58
C HIS D 179 -18.44 22.93 -36.58
N GLY D 180 -18.32 23.24 -35.30
CA GLY D 180 -19.00 22.50 -34.25
C GLY D 180 -18.33 21.22 -33.80
N ALA D 181 -17.00 21.19 -33.70
CA ALA D 181 -16.29 19.97 -33.30
C ALA D 181 -15.75 20.08 -31.88
N THR D 182 -15.51 18.91 -31.27
CA THR D 182 -14.92 18.80 -29.93
C THR D 182 -13.40 18.65 -30.03
N VAL D 183 -12.65 19.51 -29.33
CA VAL D 183 -11.18 19.50 -29.32
C VAL D 183 -10.67 18.79 -28.05
N VAL D 184 -9.91 17.73 -28.25
CA VAL D 184 -9.34 16.94 -27.16
C VAL D 184 -7.83 17.05 -27.21
N VAL D 185 -7.20 17.53 -26.15
CA VAL D 185 -5.76 17.62 -26.11
C VAL D 185 -5.13 16.72 -25.03
N ASP D 186 -4.10 15.98 -25.44
CA ASP D 186 -3.21 15.21 -24.55
C ASP D 186 -2.17 16.15 -24.01
N ASN D 187 -2.34 16.56 -22.76
CA ASN D 187 -1.46 17.52 -22.14
C ASN D 187 -0.40 16.81 -21.27
N THR D 188 -0.06 15.56 -21.61
CA THR D 188 0.81 14.75 -20.73
C THR D 188 2.14 15.47 -20.48
N TYR D 189 2.74 15.92 -21.58
CA TYR D 189 4.10 16.39 -21.55
C TYR D 189 4.27 17.65 -20.73
N CYS D 190 3.35 18.58 -20.85
CA CYS D 190 3.53 19.89 -20.20
C CYS D 190 3.05 19.78 -18.76
N THR D 191 1.99 19.01 -18.53
CA THR D 191 1.13 19.09 -17.31
C THR D 191 0.45 20.41 -17.21
N PRO D 192 -0.57 20.54 -16.35
CA PRO D 192 -1.22 21.83 -16.10
C PRO D 192 -0.36 22.92 -15.54
N TYR D 193 0.75 22.60 -14.88
CA TYR D 193 1.73 23.61 -14.48
C TYR D 193 2.33 24.40 -15.66
N LEU D 194 2.43 23.81 -16.85
CA LEU D 194 3.09 24.52 -17.95
C LEU D 194 2.16 24.92 -19.10
N GLN D 195 1.09 24.17 -19.31
CA GLN D 195 0.14 24.47 -20.36
C GLN D 195 -1.25 24.12 -19.82
N ARG D 196 -2.24 24.96 -20.11
CA ARG D 196 -3.61 24.70 -19.71
C ARG D 196 -4.52 24.85 -20.93
N PRO D 197 -4.62 23.79 -21.71
CA PRO D 197 -5.39 23.80 -22.96
C PRO D 197 -6.85 24.19 -22.83
N LEU D 198 -7.46 24.01 -21.66
CA LEU D 198 -8.85 24.39 -21.49
C LEU D 198 -9.01 25.91 -21.48
N GLU D 199 -7.97 26.60 -21.03
CA GLU D 199 -7.94 28.07 -21.03
C GLU D 199 -7.66 28.61 -22.41
N LEU D 200 -7.36 27.72 -23.36
CA LEU D 200 -7.10 28.12 -24.73
C LEU D 200 -8.17 27.60 -25.71
N GLY D 201 -9.24 27.02 -25.17
CA GLY D 201 -10.41 26.69 -25.96
C GLY D 201 -10.72 25.22 -26.10
N ALA D 202 -9.78 24.35 -25.74
CA ALA D 202 -10.01 22.92 -25.82
C ALA D 202 -11.16 22.59 -24.91
N ASP D 203 -11.89 21.53 -25.24
CA ASP D 203 -12.97 21.01 -24.43
C ASP D 203 -12.53 19.97 -23.43
N LEU D 204 -11.62 19.07 -23.84
CA LEU D 204 -11.10 18.01 -22.99
C LEU D 204 -9.57 17.90 -23.04
N VAL D 205 -9.01 17.65 -21.87
CA VAL D 205 -7.61 17.41 -21.69
C VAL D 205 -7.49 15.97 -21.20
N VAL D 206 -6.59 15.18 -21.78
CA VAL D 206 -6.27 13.86 -21.23
C VAL D 206 -4.81 13.83 -20.77
N HIS D 207 -4.51 12.95 -19.82
CA HIS D 207 -3.15 12.78 -19.30
C HIS D 207 -2.78 11.33 -19.07
N SER D 208 -1.57 10.94 -19.43
CA SER D 208 -0.93 9.81 -18.77
C SER D 208 -0.36 10.30 -17.43
N ALA D 209 -1.12 10.16 -16.34
CA ALA D 209 -0.60 10.53 -15.02
C ALA D 209 0.54 9.58 -14.60
N THR D 210 0.66 8.47 -15.31
CA THR D 210 1.84 7.64 -15.20
C THR D 210 3.14 8.43 -15.29
N LYS D 211 3.13 9.57 -16.00
CA LYS D 211 4.37 10.31 -16.27
C LYS D 211 4.64 11.42 -15.25
N TYR D 212 4.77 12.67 -15.67
CA TYR D 212 5.09 13.78 -14.77
C TYR D 212 4.23 13.94 -13.55
N LEU D 213 2.95 13.66 -13.68
CA LEU D 213 2.06 14.04 -12.59
C LEU D 213 2.40 13.16 -11.38
N SER D 214 2.51 11.84 -11.59
CA SER D 214 2.99 10.96 -10.55
C SER D 214 4.45 11.28 -10.17
N GLY D 215 5.28 11.44 -11.19
CA GLY D 215 6.63 11.96 -11.03
C GLY D 215 7.69 10.95 -10.61
N HIS D 216 7.28 9.79 -10.09
CA HIS D 216 8.19 8.86 -9.44
C HIS D 216 8.17 7.42 -10.00
N GLY D 217 7.42 7.21 -11.06
CA GLY D 217 7.58 6.04 -11.89
C GLY D 217 7.00 4.78 -11.26
N ASP D 218 6.15 4.97 -10.29
CA ASP D 218 5.64 3.85 -9.49
C ASP D 218 4.14 3.57 -9.58
N ILE D 219 3.38 4.32 -10.37
CA ILE D 219 2.00 3.96 -10.70
C ILE D 219 1.71 4.11 -12.18
N THR D 220 0.68 3.42 -12.65
CA THR D 220 0.06 3.71 -13.93
C THR D 220 -1.31 4.35 -13.66
N ALA D 221 -1.59 5.49 -14.28
CA ALA D 221 -2.81 6.26 -14.06
C ALA D 221 -3.10 7.16 -15.24
N GLY D 222 -4.38 7.47 -15.39
CA GLY D 222 -4.81 8.46 -16.35
C GLY D 222 -5.78 9.46 -15.74
N ILE D 223 -5.82 10.63 -16.38
CA ILE D 223 -6.72 11.68 -15.99
C ILE D 223 -7.42 12.26 -17.22
N VAL D 224 -8.72 12.56 -17.06
CA VAL D 224 -9.48 13.35 -18.01
C VAL D 224 -10.00 14.59 -17.25
N VAL D 225 -9.86 15.78 -17.84
CA VAL D 225 -10.47 17.00 -17.28
C VAL D 225 -11.25 17.78 -18.37
N GLY D 226 -12.44 18.25 -18.04
CA GLY D 226 -13.29 19.03 -18.95
C GLY D 226 -14.50 19.58 -18.20
N SER D 227 -15.56 19.87 -18.93
CA SER D 227 -16.83 20.30 -18.33
C SER D 227 -17.51 19.14 -17.64
N GLN D 228 -18.44 19.39 -16.70
CA GLN D 228 -19.22 18.33 -16.04
C GLN D 228 -19.99 17.52 -17.03
N ALA D 229 -20.67 18.21 -17.95
CA ALA D 229 -21.50 17.53 -18.97
C ALA D 229 -20.72 16.44 -19.71
N LEU D 230 -19.58 16.79 -20.30
CA LEU D 230 -18.72 15.79 -21.02
C LEU D 230 -18.09 14.75 -20.10
N VAL D 231 -17.56 15.18 -18.96
CA VAL D 231 -16.85 14.21 -18.14
C VAL D 231 -17.85 13.22 -17.54
N ASP D 232 -19.01 13.73 -17.09
CA ASP D 232 -20.11 12.86 -16.63
C ASP D 232 -20.40 11.73 -17.61
N ARG D 233 -20.39 12.03 -18.90
CA ARG D 233 -20.63 11.04 -19.93
C ARG D 233 -19.49 10.03 -20.04
N ILE D 234 -18.27 10.53 -19.98
CA ILE D 234 -17.12 9.66 -20.07
C ILE D 234 -17.07 8.74 -18.86
N ARG D 235 -17.51 9.25 -17.71
CA ARG D 235 -17.58 8.46 -16.50
C ARG D 235 -18.58 7.32 -16.68
N LEU D 236 -19.81 7.66 -17.10
CA LEU D 236 -20.96 6.74 -17.02
C LEU D 236 -21.08 5.82 -18.24
N GLN D 237 -20.33 6.10 -19.31
CA GLN D 237 -20.34 5.27 -20.52
C GLN D 237 -18.94 4.72 -20.86
N GLY D 238 -18.00 5.62 -21.11
CA GLY D 238 -16.64 5.21 -21.43
C GLY D 238 -16.00 4.33 -20.36
N LEU D 239 -16.13 4.74 -19.11
CA LEU D 239 -15.45 4.08 -17.99
C LEU D 239 -16.28 2.91 -17.47
N LYS D 240 -17.50 3.24 -17.03
CA LYS D 240 -18.41 2.29 -16.41
C LYS D 240 -18.66 1.05 -17.27
N ASP D 241 -18.98 1.26 -18.54
CA ASP D 241 -19.43 0.21 -19.44
C ASP D 241 -18.33 -0.25 -20.45
N MET D 242 -17.54 0.69 -20.99
CA MET D 242 -16.74 0.38 -22.19
C MET D 242 -15.23 0.07 -22.02
N THR D 243 -14.62 0.46 -20.90
CA THR D 243 -13.21 0.07 -20.61
C THR D 243 -12.98 -0.58 -19.27
N GLY D 244 -13.75 -0.19 -18.27
CA GLY D 244 -13.55 -0.77 -16.96
C GLY D 244 -12.22 -0.42 -16.36
N ALA D 245 -11.56 0.58 -16.94
CA ALA D 245 -10.24 1.05 -16.52
C ALA D 245 -10.27 1.86 -15.20
N VAL D 246 -10.61 1.19 -14.11
CA VAL D 246 -10.71 1.77 -12.79
C VAL D 246 -9.33 1.89 -12.12
N LEU D 247 -9.05 3.11 -11.65
CA LEU D 247 -7.86 3.39 -10.86
C LEU D 247 -8.02 2.97 -9.41
N SER D 248 -6.99 2.33 -8.88
CA SER D 248 -6.89 1.95 -7.49
C SER D 248 -6.81 3.17 -6.59
N PRO D 249 -7.57 3.19 -5.51
CA PRO D 249 -7.44 4.26 -4.52
C PRO D 249 -6.00 4.36 -3.90
N HIS D 250 -5.33 3.21 -3.76
CA HIS D 250 -3.90 3.20 -3.42
C HIS D 250 -3.09 4.06 -4.41
N ASP D 251 -3.26 3.81 -5.70
CA ASP D 251 -2.52 4.54 -6.70
C ASP D 251 -2.96 5.99 -6.84
N ALA D 252 -4.24 6.24 -6.63
CA ALA D 252 -4.72 7.63 -6.68
C ALA D 252 -4.08 8.42 -5.55
N ALA D 253 -3.83 7.77 -4.43
CA ALA D 253 -3.27 8.47 -3.27
C ALA D 253 -1.77 8.77 -3.51
N LEU D 254 -1.09 7.83 -4.13
CA LEU D 254 0.28 8.09 -4.59
C LEU D 254 0.35 9.19 -5.63
N LEU D 255 -0.58 9.17 -6.56
CA LEU D 255 -0.69 10.26 -7.55
C LEU D 255 -0.80 11.66 -6.89
N MET D 256 -1.72 11.81 -5.94
CA MET D 256 -1.87 13.08 -5.21
C MET D 256 -0.58 13.43 -4.48
N ARG D 257 0.09 12.42 -3.93
CA ARG D 257 1.38 12.62 -3.27
C ARG D 257 2.34 13.22 -4.24
N GLY D 258 2.42 12.66 -5.44
CA GLY D 258 3.30 13.21 -6.46
C GLY D 258 2.92 14.61 -6.87
N ILE D 259 1.62 14.86 -7.08
CA ILE D 259 1.17 16.17 -7.51
C ILE D 259 1.61 17.25 -6.53
N LYS D 260 1.72 16.93 -5.24
CA LYS D 260 2.16 17.93 -4.27
C LYS D 260 3.56 18.55 -4.49
N THR D 261 4.43 17.88 -5.26
CA THR D 261 5.73 18.46 -5.66
C THR D 261 5.81 18.80 -7.12
N LEU D 262 4.68 18.74 -7.84
CA LEU D 262 4.71 18.92 -9.29
C LEU D 262 5.43 20.19 -9.74
N ASN D 263 5.12 21.32 -9.17
CA ASN D 263 5.77 22.58 -9.59
C ASN D 263 7.31 22.57 -9.45
N LEU D 264 7.74 22.15 -8.26
CA LEU D 264 9.11 21.93 -7.92
C LEU D 264 9.81 20.97 -8.89
N ARG D 265 9.19 19.84 -9.16
CA ARG D 265 9.80 18.88 -10.04
C ARG D 265 9.93 19.41 -11.47
N MET D 266 8.88 20.03 -11.95
CA MET D 266 8.90 20.53 -13.32
C MET D 266 9.93 21.64 -13.45
N ASP D 267 10.02 22.54 -12.48
CA ASP D 267 11.07 23.57 -12.58
C ASP D 267 12.43 22.94 -12.77
N ARG D 268 12.70 21.86 -12.05
CA ARG D 268 13.99 21.19 -12.17
C ARG D 268 14.15 20.42 -13.47
N HIS D 269 13.09 19.73 -13.92
CA HIS D 269 13.05 19.05 -15.21
C HIS D 269 13.42 20.02 -16.33
N CYS D 270 12.81 21.21 -16.27
CA CYS D 270 13.00 22.24 -17.28
C CYS D 270 14.34 22.93 -17.22
N ALA D 271 14.77 23.36 -16.04
CA ALA D 271 16.13 23.88 -15.85
C ALA D 271 17.20 22.88 -16.31
N ASN D 272 17.04 21.60 -16.05
CA ASN D 272 18.07 20.60 -16.42
C ASN D 272 18.11 20.35 -17.91
N ALA D 273 16.92 20.27 -18.51
CA ALA D 273 16.76 20.00 -19.93
C ALA D 273 17.24 21.18 -20.77
N GLN D 274 16.98 22.40 -20.32
CA GLN D 274 17.53 23.56 -20.98
C GLN D 274 19.06 23.42 -21.08
N VAL D 275 19.72 23.21 -19.95
CA VAL D 275 21.18 23.08 -19.93
C VAL D 275 21.64 21.97 -20.88
N LEU D 276 21.02 20.81 -20.78
CA LEU D 276 21.34 19.66 -21.61
C LEU D 276 21.13 19.89 -23.10
N ALA D 277 20.05 20.60 -23.42
CA ALA D 277 19.69 20.94 -24.82
C ALA D 277 20.74 21.85 -25.45
N GLU D 278 21.13 22.88 -24.71
CA GLU D 278 22.19 23.80 -25.10
C GLU D 278 23.55 23.12 -25.23
N PHE D 279 23.81 22.13 -24.37
CA PHE D 279 25.01 21.28 -24.51
C PHE D 279 24.97 20.54 -25.84
N LEU D 280 23.89 19.83 -26.09
CA LEU D 280 23.71 19.00 -27.25
C LEU D 280 23.82 19.77 -28.57
N ALA D 281 23.39 21.02 -28.58
CA ALA D 281 23.39 21.79 -29.82
C ALA D 281 24.81 22.02 -30.30
N ARG D 282 25.77 22.02 -29.39
CA ARG D 282 27.13 22.38 -29.75
C ARG D 282 27.99 21.15 -29.98
N GLN D 283 27.42 19.97 -30.00
CA GLN D 283 28.23 18.74 -30.11
C GLN D 283 28.40 18.23 -31.55
N PRO D 284 29.60 17.83 -31.92
CA PRO D 284 29.87 17.41 -33.31
C PRO D 284 29.06 16.19 -33.79
N GLN D 285 28.60 15.36 -32.85
CA GLN D 285 27.94 14.11 -33.19
C GLN D 285 26.48 14.33 -33.53
N VAL D 286 25.98 15.53 -33.21
CA VAL D 286 24.56 15.88 -33.27
C VAL D 286 24.19 16.65 -34.56
N GLU D 287 23.31 16.08 -35.35
CA GLU D 287 22.92 16.69 -36.61
C GLU D 287 21.96 17.81 -36.34
N LEU D 288 21.02 17.52 -35.44
CA LEU D 288 19.79 18.25 -35.34
C LEU D 288 19.22 18.11 -33.93
N ILE D 289 18.71 19.20 -33.37
CA ILE D 289 18.03 19.11 -32.06
C ILE D 289 16.63 19.77 -32.04
N HIS D 290 15.67 19.06 -31.48
CA HIS D 290 14.35 19.61 -31.20
C HIS D 290 14.10 19.87 -29.71
N TYR D 291 14.22 21.11 -29.28
CA TYR D 291 13.88 21.48 -27.94
C TYR D 291 13.17 22.83 -27.92
N PRO D 292 11.95 22.89 -27.40
CA PRO D 292 11.19 24.15 -27.40
C PRO D 292 11.94 25.34 -26.83
N GLY D 293 12.87 25.17 -25.90
CA GLY D 293 13.59 26.28 -25.31
C GLY D 293 14.82 26.80 -26.04
N LEU D 294 15.16 26.17 -27.15
CA LEU D 294 16.20 26.68 -28.00
C LEU D 294 15.60 27.65 -29.02
N ALA D 295 16.22 28.80 -29.19
CA ALA D 295 15.86 29.79 -30.21
C ALA D 295 15.69 29.26 -31.63
N SER D 296 16.51 28.28 -31.97
CA SER D 296 16.47 27.59 -33.24
C SER D 296 15.22 26.72 -33.43
N PHE D 297 14.46 26.48 -32.38
CA PHE D 297 13.23 25.71 -32.51
C PHE D 297 12.29 26.33 -33.60
N PRO D 298 11.79 25.54 -34.54
CA PRO D 298 10.91 26.10 -35.59
C PRO D 298 9.72 26.86 -35.01
N GLN D 299 9.09 26.33 -33.97
CA GLN D 299 7.93 26.95 -33.39
C GLN D 299 8.21 27.60 -32.05
N TYR D 300 9.37 28.24 -31.98
CA TYR D 300 9.85 28.88 -30.76
C TYR D 300 8.86 29.88 -30.22
N THR D 301 8.38 30.76 -31.07
CA THR D 301 7.42 31.80 -30.68
C THR D 301 6.13 31.15 -30.17
N LEU D 302 5.66 30.15 -30.88
CA LEU D 302 4.46 29.44 -30.40
C LEU D 302 4.70 28.71 -29.05
N ALA D 303 5.87 28.10 -28.86
CA ALA D 303 6.25 27.53 -27.55
C ALA D 303 6.20 28.53 -26.38
N ARG D 304 6.71 29.75 -26.54
CA ARG D 304 6.69 30.73 -25.40
C ARG D 304 5.31 31.34 -25.08
N GLN D 305 4.40 31.28 -26.06
CA GLN D 305 3.07 31.82 -25.95
C GLN D 305 2.20 30.84 -25.19
N GLN D 306 2.24 29.56 -25.56
CA GLN D 306 1.30 28.61 -24.97
C GLN D 306 1.85 27.70 -23.84
N MET D 307 3.17 27.70 -23.63
CA MET D 307 3.81 26.99 -22.51
C MET D 307 4.67 27.95 -21.68
N SER D 308 4.53 27.91 -20.35
CA SER D 308 5.27 28.82 -19.47
C SER D 308 6.74 28.43 -19.23
N GLN D 309 7.10 27.19 -19.56
CA GLN D 309 8.48 26.70 -19.52
C GLN D 309 8.61 25.64 -20.61
N PRO D 310 9.79 25.49 -21.20
CA PRO D 310 9.95 24.63 -22.37
C PRO D 310 9.89 23.10 -22.15
N GLY D 311 9.76 22.62 -20.92
CA GLY D 311 9.59 21.18 -20.68
C GLY D 311 10.88 20.37 -20.40
N GLY D 312 10.70 19.12 -19.99
CA GLY D 312 11.78 18.21 -19.65
C GLY D 312 12.23 17.22 -20.74
N MET D 313 11.55 17.23 -21.91
CA MET D 313 11.83 16.30 -22.99
C MET D 313 12.69 16.90 -24.12
N ILE D 314 13.62 16.12 -24.61
CA ILE D 314 14.48 16.52 -25.71
C ILE D 314 14.50 15.42 -26.76
N ALA D 315 14.37 15.81 -28.03
CA ALA D 315 14.63 14.87 -29.11
C ALA D 315 15.78 15.42 -29.92
N PHE D 316 16.72 14.55 -30.31
CA PHE D 316 17.86 14.96 -31.14
C PHE D 316 18.24 13.85 -32.12
N GLU D 317 18.92 14.21 -33.21
CA GLU D 317 19.31 13.22 -34.20
C GLU D 317 20.83 13.12 -34.26
N LEU D 318 21.32 11.91 -34.06
CA LEU D 318 22.73 11.61 -34.20
C LEU D 318 23.13 11.61 -35.68
N LYS D 319 24.32 12.12 -35.99
CA LYS D 319 24.79 12.09 -37.38
C LYS D 319 24.82 10.67 -37.95
N GLY D 320 25.47 9.74 -37.24
CA GLY D 320 25.76 8.42 -37.78
C GLY D 320 24.62 7.44 -37.78
N GLY D 321 23.39 7.93 -37.76
CA GLY D 321 22.24 7.05 -37.98
C GLY D 321 21.96 6.00 -36.88
N ILE D 322 21.36 4.88 -37.28
CA ILE D 322 20.93 3.82 -36.40
C ILE D 322 22.03 3.18 -35.56
N GLY D 323 23.20 3.01 -36.13
CA GLY D 323 24.32 2.41 -35.44
C GLY D 323 24.77 3.36 -34.34
N ALA D 324 24.86 4.64 -34.66
CA ALA D 324 25.20 5.68 -33.68
C ALA D 324 24.19 5.74 -32.53
N GLY D 325 22.91 5.65 -32.86
CA GLY D 325 21.85 5.69 -31.88
C GLY D 325 21.97 4.52 -30.93
N ARG D 326 22.25 3.34 -31.47
CA ARG D 326 22.41 2.12 -30.68
C ARG D 326 23.56 2.24 -29.69
N ARG D 327 24.70 2.70 -30.19
CA ARG D 327 25.91 2.74 -29.39
C ARG D 327 25.79 3.78 -28.30
N PHE D 328 25.21 4.94 -28.62
CA PHE D 328 24.91 6.00 -27.65
C PHE D 328 24.05 5.44 -26.53
N MET D 329 22.94 4.79 -26.90
CA MET D 329 22.03 4.19 -25.93
C MET D 329 22.73 3.13 -25.04
N ASN D 330 23.54 2.27 -25.66
CA ASN D 330 24.20 1.24 -24.87
C ASN D 330 25.27 1.76 -23.95
N ALA D 331 25.73 3.00 -24.12
CA ALA D 331 26.78 3.57 -23.30
C ALA D 331 26.27 4.25 -22.04
N LEU D 332 25.02 4.67 -22.03
CA LEU D 332 24.54 5.46 -20.90
C LEU D 332 24.68 4.64 -19.61
N GLN D 333 25.28 5.24 -18.59
CA GLN D 333 25.35 4.61 -17.27
C GLN D 333 24.44 5.24 -16.16
N LEU D 334 23.92 6.45 -16.38
CA LEU D 334 23.02 7.15 -15.42
C LEU D 334 21.61 7.23 -15.97
N PHE D 335 21.45 7.87 -17.14
CA PHE D 335 20.29 7.64 -18.01
C PHE D 335 20.02 6.14 -18.12
N SER D 336 18.76 5.74 -18.00
CA SER D 336 18.37 4.35 -18.22
C SER D 336 17.75 4.24 -19.58
N ARG D 337 17.91 3.06 -20.18
CA ARG D 337 17.27 2.71 -21.44
C ARG D 337 15.90 2.21 -21.11
N ALA D 338 14.87 2.99 -21.38
CA ALA D 338 13.52 2.54 -21.10
C ALA D 338 12.52 3.39 -21.86
N VAL D 339 11.35 2.84 -22.17
CA VAL D 339 10.25 3.68 -22.64
C VAL D 339 9.71 4.37 -21.37
N SER D 340 8.82 5.35 -21.53
CA SER D 340 8.35 6.22 -20.43
C SER D 340 9.14 7.49 -20.28
N LEU D 341 8.59 8.38 -19.47
CA LEU D 341 9.14 9.71 -19.27
C LEU D 341 8.56 10.29 -18.01
N GLY D 342 9.15 11.39 -17.59
CA GLY D 342 8.63 12.14 -16.47
C GLY D 342 8.86 11.56 -15.09
N ASP D 343 9.89 10.72 -14.96
CA ASP D 343 10.29 10.24 -13.63
C ASP D 343 11.40 11.14 -13.11
N ALA D 344 11.76 10.90 -11.85
CA ALA D 344 12.89 11.48 -11.20
C ALA D 344 14.21 11.04 -11.88
N GLU D 345 14.22 9.80 -12.36
CA GLU D 345 15.38 9.25 -13.04
C GLU D 345 15.27 9.54 -14.51
N SER D 346 16.37 10.02 -15.06
CA SER D 346 16.49 10.30 -16.49
C SER D 346 16.38 9.06 -17.35
N LEU D 347 15.62 9.14 -18.44
CA LEU D 347 15.41 8.02 -19.35
C LEU D 347 15.74 8.40 -20.78
N ALA D 348 16.01 7.38 -21.59
CA ALA D 348 16.37 7.60 -22.98
C ALA D 348 15.85 6.48 -23.83
N GLN D 349 15.57 6.80 -25.08
CA GLN D 349 15.11 5.81 -26.00
C GLN D 349 15.41 6.20 -27.42
N HIS D 350 15.43 5.20 -28.28
CA HIS D 350 15.99 5.29 -29.63
C HIS D 350 15.09 4.40 -30.43
N PRO D 351 13.96 4.94 -30.90
CA PRO D 351 12.95 4.12 -31.57
C PRO D 351 13.50 3.24 -32.70
N ALA D 352 14.45 3.71 -33.48
CA ALA D 352 14.98 2.93 -34.59
C ALA D 352 15.44 1.54 -34.15
N SER D 353 16.09 1.48 -32.99
CA SER D 353 16.65 0.26 -32.42
C SER D 353 15.80 -0.39 -31.31
N MET D 354 14.74 0.27 -30.85
CA MET D 354 13.88 -0.24 -29.75
C MET D 354 12.43 -0.39 -30.22
N THR D 355 11.53 0.47 -29.75
CA THR D 355 10.10 0.39 -30.05
C THR D 355 9.78 0.05 -31.50
N HIS D 356 10.53 0.63 -32.44
CA HIS D 356 10.24 0.46 -33.86
C HIS D 356 11.35 -0.29 -34.63
N SER D 357 12.06 -1.21 -33.96
CA SER D 357 13.18 -1.91 -34.60
C SER D 357 12.79 -2.86 -35.76
N SER D 358 11.68 -3.57 -35.61
CA SER D 358 11.20 -4.50 -36.67
C SER D 358 10.26 -3.81 -37.72
N TYR D 359 10.61 -2.57 -38.08
CA TYR D 359 10.21 -1.96 -39.34
C TYR D 359 11.47 -1.86 -40.19
N THR D 360 11.30 -1.35 -41.42
CA THR D 360 12.39 -0.96 -42.31
C THR D 360 12.70 0.54 -42.08
N PRO D 361 13.87 1.02 -42.51
CA PRO D 361 14.18 2.47 -42.45
C PRO D 361 13.12 3.39 -43.12
N GLU D 362 12.54 2.91 -44.22
CA GLU D 362 11.60 3.68 -45.03
C GLU D 362 10.25 3.82 -44.30
N GLU D 363 9.82 2.73 -43.65
CA GLU D 363 8.59 2.74 -42.83
C GLU D 363 8.72 3.63 -41.59
N ARG D 364 9.95 3.80 -41.10
CA ARG D 364 10.20 4.70 -39.98
C ARG D 364 10.10 6.15 -40.43
N ALA D 365 10.55 6.44 -41.65
CA ALA D 365 10.41 7.77 -42.21
C ALA D 365 8.92 8.15 -42.38
N HIS D 366 8.08 7.16 -42.71
CA HIS D 366 6.60 7.33 -42.79
C HIS D 366 6.01 7.91 -41.48
N TYR D 367 6.52 7.45 -40.33
CA TYR D 367 5.98 7.82 -38.99
C TYR D 367 6.73 9.01 -38.30
N GLY D 368 7.46 9.80 -39.08
CA GLY D 368 8.23 10.92 -38.57
C GLY D 368 9.56 10.57 -37.88
N ILE D 369 9.98 9.31 -37.94
CA ILE D 369 11.13 8.79 -37.16
C ILE D 369 12.47 8.62 -37.92
N SER D 370 13.39 9.54 -37.67
CA SER D 370 14.77 9.46 -38.15
C SER D 370 15.47 8.20 -37.61
N GLU D 371 16.46 7.71 -38.35
CA GLU D 371 17.27 6.57 -37.93
C GLU D 371 18.14 6.90 -36.71
N GLY D 372 18.48 8.17 -36.54
CA GLY D 372 19.37 8.61 -35.49
C GLY D 372 18.62 9.31 -34.38
N LEU D 373 17.29 9.23 -34.38
CA LEU D 373 16.51 10.00 -33.43
C LEU D 373 16.53 9.34 -32.06
N VAL D 374 16.97 10.12 -31.09
CA VAL D 374 17.01 9.73 -29.69
C VAL D 374 16.15 10.69 -28.90
N ARG D 375 15.30 10.14 -28.04
CA ARG D 375 14.47 10.93 -27.12
C ARG D 375 14.97 10.79 -25.67
N LEU D 376 15.09 11.92 -24.99
CA LEU D 376 15.56 11.98 -23.60
C LEU D 376 14.51 12.58 -22.71
N SER D 377 14.16 11.85 -21.66
CA SER D 377 13.38 12.41 -20.54
C SER D 377 14.38 12.84 -19.49
N VAL D 378 14.68 14.13 -19.47
CA VAL D 378 15.68 14.66 -18.55
C VAL D 378 15.07 14.63 -17.17
N GLY D 379 15.74 13.98 -16.22
CA GLY D 379 15.24 13.83 -14.87
C GLY D 379 15.73 14.87 -13.89
N LEU D 380 15.65 14.55 -12.60
CA LEU D 380 15.99 15.47 -11.50
C LEU D 380 17.39 15.35 -10.91
N GLU D 381 18.20 14.42 -11.42
CA GLU D 381 19.58 14.26 -10.98
C GLU D 381 20.36 15.53 -11.24
N ASP D 382 21.47 15.67 -10.53
CA ASP D 382 22.42 16.74 -10.76
C ASP D 382 22.83 16.89 -12.22
N ILE D 383 22.81 18.10 -12.80
CA ILE D 383 23.11 18.24 -14.23
C ILE D 383 24.54 17.88 -14.56
N ASP D 384 25.49 18.13 -13.66
CA ASP D 384 26.88 17.80 -14.01
C ASP D 384 27.01 16.31 -14.21
N ASP D 385 26.30 15.51 -13.42
CA ASP D 385 26.34 14.06 -13.61
C ASP D 385 25.69 13.68 -14.93
N LEU D 386 24.57 14.33 -15.28
CA LEU D 386 23.92 14.03 -16.53
C LEU D 386 24.73 14.42 -17.81
N LEU D 387 25.36 15.61 -17.79
CA LEU D 387 26.29 16.05 -18.83
C LEU D 387 27.46 15.06 -18.99
N ALA D 388 28.03 14.63 -17.87
CA ALA D 388 29.17 13.70 -17.95
C ALA D 388 28.72 12.42 -18.62
N ASP D 389 27.49 11.99 -18.34
CA ASP D 389 27.01 10.71 -18.89
C ASP D 389 26.70 10.88 -20.37
N VAL D 390 26.17 12.04 -20.75
CA VAL D 390 25.77 12.24 -22.13
C VAL D 390 27.00 12.43 -23.00
N GLN D 391 28.03 13.11 -22.50
CA GLN D 391 29.25 13.42 -23.24
C GLN D 391 30.03 12.17 -23.56
N GLN D 392 30.06 11.28 -22.59
CA GLN D 392 30.82 10.05 -22.66
C GLN D 392 30.15 9.10 -23.66
N ALA D 393 28.81 9.15 -23.71
CA ALA D 393 28.01 8.33 -24.59
C ALA D 393 28.02 8.88 -26.03
N LEU D 394 28.03 10.20 -26.17
CA LEU D 394 28.28 10.77 -27.49
C LEU D 394 29.60 10.23 -28.06
N LYS D 395 30.68 10.20 -27.27
CA LYS D 395 31.98 9.66 -27.78
C LYS D 395 31.86 8.25 -28.26
N ALA D 396 31.21 7.44 -27.47
CA ALA D 396 31.01 6.06 -27.78
C ALA D 396 30.11 5.87 -29.00
N SER D 397 29.48 6.95 -29.46
CA SER D 397 28.47 6.86 -30.50
C SER D 397 29.10 6.57 -31.87
N ALA D 398 30.30 7.12 -32.12
CA ALA D 398 31.08 6.82 -33.33
C ALA D 398 31.41 5.34 -33.60
S SO4 E . 6.58 18.35 17.13
O1 SO4 E . 6.82 17.19 16.31
O2 SO4 E . 6.55 18.03 18.55
O3 SO4 E . 7.69 19.25 17.00
O4 SO4 E . 5.43 19.05 16.69
N1 PLP F . 13.21 14.38 17.37
C2 PLP F . 12.71 15.50 16.74
C2A PLP F . 13.59 16.72 16.59
C3 PLP F . 11.39 15.50 16.28
O3 PLP F . 10.92 16.51 15.72
C4 PLP F . 10.60 14.36 16.43
C4A PLP F . 9.18 14.34 15.95
C5 PLP F . 11.10 13.23 17.04
C6 PLP F . 12.42 13.24 17.51
C5A PLP F . 10.23 12.03 17.23
O4P PLP F . 10.00 11.23 16.06
P PLP F . 8.64 10.42 15.81
O1P PLP F . 8.72 10.10 14.38
O2P PLP F . 7.54 11.33 16.17
O3P PLP F . 8.75 9.28 16.74
C1 PEG G . 30.90 8.58 -11.68
O1 PEG G . 31.23 7.45 -10.87
C2 PEG G . 31.01 9.86 -10.82
O2 PEG G . 30.42 11.02 -11.43
C3 PEG G . 29.00 11.15 -11.27
C4 PEG G . 28.20 10.60 -12.48
O4 PEG G . 27.30 9.56 -12.07
C1 PEG H . 24.67 6.91 -9.63
O1 PEG H . 25.89 7.43 -10.20
C2 PEG H . 24.37 7.55 -8.24
O2 PEG H . 24.60 6.68 -7.11
C3 PEG H . 25.42 7.25 -6.05
C4 PEG H . 26.43 6.38 -5.28
O4 PEG H . 27.79 6.84 -5.34
C1 PEG I . 24.59 3.54 -7.83
O1 PEG I . 23.64 2.96 -8.73
C2 PEG I . 25.46 2.48 -7.15
O2 PEG I . 26.56 3.10 -6.46
C3 PEG I . 27.37 2.20 -5.66
C4 PEG I . 26.51 1.50 -4.62
O4 PEG I . 27.18 1.29 -3.38
C1 PEG J . 18.49 -10.04 -1.00
O1 PEG J . 18.13 -11.06 -0.07
C2 PEG J . 17.70 -10.29 -2.29
O2 PEG J . 17.81 -9.24 -3.27
C3 PEG J . 17.01 -9.55 -4.44
C4 PEG J . 17.86 -9.72 -5.69
O4 PEG J . 17.14 -10.51 -6.64
C1 PEG K . 12.07 -13.73 -11.15
O1 PEG K . 13.27 -12.96 -11.14
C2 PEG K . 11.47 -13.81 -12.55
O2 PEG K . 10.35 -12.89 -12.63
C3 PEG K . 10.64 -11.70 -13.37
C4 PEG K . 11.57 -10.76 -12.58
O4 PEG K . 11.61 -9.48 -13.19
C1 PEG L . 25.39 36.33 16.92
O1 PEG L . 25.92 35.52 15.86
C2 PEG L . 24.05 37.04 16.64
O2 PEG L . 23.61 38.06 17.60
C3 PEG L . 22.39 38.77 17.25
C4 PEG L . 22.48 40.28 17.55
O4 PEG L . 21.60 41.19 16.86
C1 PEG M . 19.28 20.28 22.22
O1 PEG M . 19.55 18.97 22.66
C2 PEG M . 20.52 21.16 22.41
O2 PEG M . 20.23 22.54 22.64
C3 PEG M . 21.45 23.23 22.93
C4 PEG M . 22.09 22.72 24.22
O4 PEG M . 22.30 23.80 25.10
S SO4 N . -23.50 -6.34 -8.27
O1 SO4 N . -24.26 -6.57 -9.47
O2 SO4 N . -23.28 -7.58 -7.59
O3 SO4 N . -22.21 -5.71 -8.62
O4 SO4 N . -24.28 -5.50 -7.41
N1 PLP O . -19.90 -9.99 -13.72
C2 PLP O . -20.48 -10.30 -12.50
C2A PLP O . -21.23 -11.58 -12.34
C3 PLP O . -20.35 -9.43 -11.41
O3 PLP O . -20.87 -9.75 -10.33
C4 PLP O . -19.64 -8.23 -11.57
C4A PLP O . -19.47 -7.23 -10.46
C5 PLP O . -19.08 -7.91 -12.81
C6 PLP O . -19.21 -8.79 -13.87
C5A PLP O . -18.34 -6.61 -12.98
O4P PLP O . -17.02 -6.47 -12.44
P PLP O . -16.44 -5.16 -11.73
O1P PLP O . -15.27 -5.73 -11.01
O2P PLP O . -17.46 -4.65 -10.78
O3P PLP O . -16.14 -4.31 -12.90
C1 PEG P . 7.39 -13.92 -10.10
O1 PEG P . 7.85 -15.20 -9.66
C2 PEG P . 7.52 -12.83 -9.01
O2 PEG P . 6.37 -12.00 -8.88
C3 PEG P . 6.42 -11.02 -7.82
C4 PEG P . 4.99 -10.80 -7.29
O4 PEG P . 4.73 -9.56 -6.62
C1 PEG Q . 4.29 -26.54 -5.49
O1 PEG Q . 4.08 -27.88 -5.04
C2 PEG Q . 2.99 -25.98 -6.05
O2 PEG Q . 3.18 -25.41 -7.36
C3 PEG Q . 2.11 -25.70 -8.29
C4 PEG Q . 2.56 -26.34 -9.61
O4 PEG Q . 1.49 -27.10 -10.18
S SO4 R . 10.54 -18.38 15.14
O1 SO4 R . 10.84 -19.25 14.02
O2 SO4 R . 11.70 -17.51 15.34
O3 SO4 R . 9.36 -17.58 14.83
O4 SO4 R . 10.35 -19.21 16.33
N1 PLP S . 6.52 -14.47 20.63
C2 PLP S . 6.33 -15.60 19.86
C2A PLP S . 5.72 -16.87 20.49
C3 PLP S . 6.72 -15.57 18.53
O3 PLP S . 6.55 -16.59 17.85
C4 PLP S . 7.30 -14.39 18.00
C4A PLP S . 7.74 -14.25 16.55
C5 PLP S . 7.49 -13.26 18.79
C6 PLP S . 7.09 -13.33 20.11
C5A PLP S . 8.10 -12.01 18.26
O4P PLP S . 7.30 -11.25 17.33
P PLP S . 7.92 -10.34 16.15
O1P PLP S . 6.68 -9.95 15.44
O2P PLP S . 8.73 -11.31 15.47
O3P PLP S . 8.67 -9.28 16.83
C1 PEG T . -5.72 -27.94 2.57
O1 PEG T . -6.76 -26.97 2.59
C2 PEG T . -6.31 -29.35 2.67
O2 PEG T . -5.87 -30.02 3.87
C3 PEG T . -6.70 -31.18 4.11
C4 PEG T . -7.88 -30.95 5.05
O4 PEG T . -9.06 -31.43 4.46
C1 PEG U . 11.26 -25.99 -3.84
O1 PEG U . 11.72 -27.27 -4.24
C2 PEG U . 11.71 -25.63 -2.41
O2 PEG U . 11.33 -24.30 -2.00
C3 PEG U . 10.00 -24.16 -1.41
C4 PEG U . 9.00 -23.66 -2.46
O4 PEG U . 7.68 -23.70 -1.94
S SO4 V . 6.73 6.26 -24.34
O1 SO4 V . 6.16 5.11 -25.05
O2 SO4 V . 8.16 6.14 -24.21
O3 SO4 V . 6.45 7.42 -25.16
O4 SO4 V . 6.15 6.38 -23.00
N1 PLP W . 0.13 9.83 -24.20
C2 PLP W . 1.41 10.23 -23.93
C2A PLP W . 1.84 11.57 -24.45
C3 PLP W . 2.24 9.37 -23.21
O3 PLP W . 3.41 9.68 -22.98
C4 PLP W . 1.74 8.13 -22.78
C4A PLP W . 2.60 7.20 -21.98
C5 PLP W . 0.43 7.75 -23.05
C6 PLP W . -0.37 8.62 -23.73
C5A PLP W . -0.11 6.45 -22.56
O4P PLP W . -0.43 6.43 -21.14
P PLP W . -0.33 5.11 -20.23
O1P PLP W . -0.55 5.66 -18.88
O2P PLP W . 1.04 4.61 -20.54
O3P PLP W . -1.33 4.12 -20.70
#